data_9DEF
# 
_entry.id   9DEF 
# 
_audit_conform.dict_name       mmcif_pdbx.dic 
_audit_conform.dict_version    5.403 
_audit_conform.dict_location   http://mmcif.pdb.org/dictionaries/ascii/mmcif_pdbx.dic 
# 
loop_
_database_2.database_id 
_database_2.database_code 
_database_2.pdbx_database_accession 
_database_2.pdbx_DOI 
PDB   9DEF         pdb_00009def 10.2210/pdb9def/pdb 
WWPDB D_1000287902 ?            ?                   
# 
loop_
_pdbx_audit_revision_history.ordinal 
_pdbx_audit_revision_history.data_content_type 
_pdbx_audit_revision_history.major_revision 
_pdbx_audit_revision_history.minor_revision 
_pdbx_audit_revision_history.revision_date 
_pdbx_audit_revision_history.part_number 
1 'Structure model' 1 0 2025-02-19 ? 
2 'Structure model' 1 1 2025-02-26 ? 
3 'Structure model' 1 2 2025-04-30 ? 
# 
_pdbx_audit_revision_details.ordinal             1 
_pdbx_audit_revision_details.revision_ordinal    1 
_pdbx_audit_revision_details.data_content_type   'Structure model' 
_pdbx_audit_revision_details.provider            repository 
_pdbx_audit_revision_details.type                'Initial release' 
_pdbx_audit_revision_details.description         ? 
_pdbx_audit_revision_details.details             ? 
# 
loop_
_pdbx_audit_revision_group.ordinal 
_pdbx_audit_revision_group.revision_ordinal 
_pdbx_audit_revision_group.data_content_type 
_pdbx_audit_revision_group.group 
1 2 'Structure model' 'Database references' 
2 3 'Structure model' 'Database references' 
# 
loop_
_pdbx_audit_revision_category.ordinal 
_pdbx_audit_revision_category.revision_ordinal 
_pdbx_audit_revision_category.data_content_type 
_pdbx_audit_revision_category.category 
1 2 'Structure model' citation        
2 2 'Structure model' citation_author 
3 3 'Structure model' citation        
4 3 'Structure model' citation_author 
# 
loop_
_pdbx_audit_revision_item.ordinal 
_pdbx_audit_revision_item.revision_ordinal 
_pdbx_audit_revision_item.data_content_type 
_pdbx_audit_revision_item.item 
1  2 'Structure model' '_citation.country'                 
2  2 'Structure model' '_citation.journal_abbrev'          
3  2 'Structure model' '_citation.journal_id_ASTM'         
4  2 'Structure model' '_citation.journal_id_CSD'          
5  2 'Structure model' '_citation.journal_id_ISSN'         
6  2 'Structure model' '_citation.page_first'              
7  2 'Structure model' '_citation.page_last'               
8  2 'Structure model' '_citation.pdbx_database_id_DOI'    
9  2 'Structure model' '_citation.pdbx_database_id_PubMed' 
10 2 'Structure model' '_citation.title'                   
11 2 'Structure model' '_citation.year'                    
12 3 'Structure model' '_citation.journal_volume'          
13 3 'Structure model' '_citation_author.name'             
# 
_pdbx_database_status.status_code                     REL 
_pdbx_database_status.status_code_sf                  REL 
_pdbx_database_status.status_code_mr                  ? 
_pdbx_database_status.entry_id                        9DEF 
_pdbx_database_status.recvd_initial_deposition_date   2024-08-28 
_pdbx_database_status.SG_entry                        N 
_pdbx_database_status.deposit_site                    RCSB 
_pdbx_database_status.process_site                    RCSB 
_pdbx_database_status.status_code_cs                  ? 
_pdbx_database_status.status_code_nmr_data            ? 
_pdbx_database_status.methods_development_category    ? 
_pdbx_database_status.pdb_format_compatible           Y 
# 
_pdbx_contact_author.id                 3 
_pdbx_contact_author.email              dabaker@uw.edu 
_pdbx_contact_author.name_first         David 
_pdbx_contact_author.name_last          Baker 
_pdbx_contact_author.name_mi            ? 
_pdbx_contact_author.role               'principal investigator/group leader' 
_pdbx_contact_author.identifier_ORCID   0000-0001-7896-6217 
# 
loop_
_audit_author.name 
_audit_author.pdbx_ordinal 
_audit_author.identifier_ORCID 
'Pellock, S.J.' 1 ? 
'Lauko, A.'     2 ? 
'Bera, A.K.'    3 ? 
# 
_citation.abstract                  ? 
_citation.abstract_id_CAS           ? 
_citation.book_id_ISBN              ? 
_citation.book_publisher            ? 
_citation.book_publisher_city       ? 
_citation.book_title                ? 
_citation.coordinate_linkage        ? 
_citation.country                   US 
_citation.database_id_Medline       ? 
_citation.details                   ? 
_citation.id                        primary 
_citation.journal_abbrev            Science 
_citation.journal_id_ASTM           SCIEAS 
_citation.journal_id_CSD            0038 
_citation.journal_id_ISSN           1095-9203 
_citation.journal_full              ? 
_citation.journal_issue             ? 
_citation.journal_volume            388 
_citation.language                  ? 
_citation.page_first                eadu2454 
_citation.page_last                 eadu2454 
_citation.title                     'Computational design of serine hydrolases.' 
_citation.year                      2025 
_citation.database_id_CSD           ? 
_citation.pdbx_database_id_DOI      10.1126/science.adu2454 
_citation.pdbx_database_id_PubMed   39946508 
_citation.pdbx_database_id_patent   ? 
_citation.unpublished_flag          ? 
# 
loop_
_citation_author.citation_id 
_citation_author.name 
_citation_author.ordinal 
_citation_author.identifier_ORCID 
primary 'Lauko, A.'         1  0000-0001-5903-3518 
primary 'Pellock, S.J.'     2  0000-0002-7557-7985 
primary 'Sumida, K.H.'      3  0000-0003-2773-9676 
primary 'Anishchenko, I.'   4  0000-0003-3645-2044 
primary 'Juergens, D.'      5  0000-0001-6425-8391 
primary 'Ahern, W.'         6  0009-0006-1247-8847 
primary 'Jeung, J.'         7  0009-0004-8604-908X 
primary 'Shida, A.F.'       8  0000-0003-4140-6085 
primary 'Hunt, A.'          9  0000-0001-9620-593X 
primary 'Kalvet, I.'        10 0000-0002-6610-2857 
primary 'Norn, C.'          11 0000-0002-1450-4651 
primary 'Humphreys, I.R.'   12 ?                   
primary 'Jamieson, C.'      13 ?                   
primary 'Krishna, R.'       14 0009-0003-6387-9622 
primary 'Kipnis, Y.'        15 0000-0002-3057-4916 
primary 'Kang, A.'          16 0000-0001-5487-0499 
primary 'Brackenbrough, E.' 17 0009-0004-1476-0219 
primary 'Bera, A.K.'        18 0000-0001-9473-2912 
primary 'Sankaran, B.'      19 0000-0002-3266-8131 
primary 'Houk, K.N.'        20 0000-0002-8387-5261 
primary 'Baker, D.'         21 0000-0001-7896-6217 
# 
loop_
_entity.id 
_entity.type 
_entity.src_method 
_entity.pdbx_description 
_entity.formula_weight 
_entity.pdbx_number_of_molecules 
_entity.pdbx_ec 
_entity.pdbx_mutation 
_entity.pdbx_fragment 
_entity.details 
1 polymer     man Win            18271.186 1  ? ? ? ? 
2 non-polymer syn 'ACETIC ACID'  60.052    1  ? ? ? ? 
3 non-polymer syn 'CHLORIDE ION' 35.453    1  ? ? ? ? 
4 water       nat water          18.015    64 ? ? ? ? 
# 
_entity_poly.entity_id                      1 
_entity_poly.type                           'polypeptide(L)' 
_entity_poly.nstd_linkage                   no 
_entity_poly.nstd_monomer                   no 
_entity_poly.pdbx_seq_one_letter_code       
;MSGMTEEELDQAVEDFLRVHSELVHRLAGDPPDELFQRLDRFVTDAIIEGNPERRDEIKADLARAARVFGEALERDITTP
EDFNAFLRELGPEAVELVSTFTQQFVDVIRGDPQAVAEHLNISLEDVARLAEAGEAAIERGEGASLGVHRELRRIEARRN
SGSG
;
_entity_poly.pdbx_seq_one_letter_code_can   
;MSGMTEEELDQAVEDFLRVHSELVHRLAGDPPDELFQRLDRFVTDAIIEGNPERRDEIKADLARAARVFGEALERDITTP
EDFNAFLRELGPEAVELVSTFTQQFVDVIRGDPQAVAEHLNISLEDVARLAEAGEAAIERGEGASLGVHRELRRIEARRN
SGSG
;
_entity_poly.pdbx_strand_id                 A 
_entity_poly.pdbx_target_identifier         ? 
# 
loop_
_pdbx_entity_nonpoly.entity_id 
_pdbx_entity_nonpoly.name 
_pdbx_entity_nonpoly.comp_id 
2 'ACETIC ACID'  ACY 
3 'CHLORIDE ION' CL  
4 water          HOH 
# 
loop_
_entity_poly_seq.entity_id 
_entity_poly_seq.num 
_entity_poly_seq.mon_id 
_entity_poly_seq.hetero 
1 1   MET n 
1 2   SER n 
1 3   GLY n 
1 4   MET n 
1 5   THR n 
1 6   GLU n 
1 7   GLU n 
1 8   GLU n 
1 9   LEU n 
1 10  ASP n 
1 11  GLN n 
1 12  ALA n 
1 13  VAL n 
1 14  GLU n 
1 15  ASP n 
1 16  PHE n 
1 17  LEU n 
1 18  ARG n 
1 19  VAL n 
1 20  HIS n 
1 21  SER n 
1 22  GLU n 
1 23  LEU n 
1 24  VAL n 
1 25  HIS n 
1 26  ARG n 
1 27  LEU n 
1 28  ALA n 
1 29  GLY n 
1 30  ASP n 
1 31  PRO n 
1 32  PRO n 
1 33  ASP n 
1 34  GLU n 
1 35  LEU n 
1 36  PHE n 
1 37  GLN n 
1 38  ARG n 
1 39  LEU n 
1 40  ASP n 
1 41  ARG n 
1 42  PHE n 
1 43  VAL n 
1 44  THR n 
1 45  ASP n 
1 46  ALA n 
1 47  ILE n 
1 48  ILE n 
1 49  GLU n 
1 50  GLY n 
1 51  ASN n 
1 52  PRO n 
1 53  GLU n 
1 54  ARG n 
1 55  ARG n 
1 56  ASP n 
1 57  GLU n 
1 58  ILE n 
1 59  LYS n 
1 60  ALA n 
1 61  ASP n 
1 62  LEU n 
1 63  ALA n 
1 64  ARG n 
1 65  ALA n 
1 66  ALA n 
1 67  ARG n 
1 68  VAL n 
1 69  PHE n 
1 70  GLY n 
1 71  GLU n 
1 72  ALA n 
1 73  LEU n 
1 74  GLU n 
1 75  ARG n 
1 76  ASP n 
1 77  ILE n 
1 78  THR n 
1 79  THR n 
1 80  PRO n 
1 81  GLU n 
1 82  ASP n 
1 83  PHE n 
1 84  ASN n 
1 85  ALA n 
1 86  PHE n 
1 87  LEU n 
1 88  ARG n 
1 89  GLU n 
1 90  LEU n 
1 91  GLY n 
1 92  PRO n 
1 93  GLU n 
1 94  ALA n 
1 95  VAL n 
1 96  GLU n 
1 97  LEU n 
1 98  VAL n 
1 99  SER n 
1 100 THR n 
1 101 PHE n 
1 102 THR n 
1 103 GLN n 
1 104 GLN n 
1 105 PHE n 
1 106 VAL n 
1 107 ASP n 
1 108 VAL n 
1 109 ILE n 
1 110 ARG n 
1 111 GLY n 
1 112 ASP n 
1 113 PRO n 
1 114 GLN n 
1 115 ALA n 
1 116 VAL n 
1 117 ALA n 
1 118 GLU n 
1 119 HIS n 
1 120 LEU n 
1 121 ASN n 
1 122 ILE n 
1 123 SER n 
1 124 LEU n 
1 125 GLU n 
1 126 ASP n 
1 127 VAL n 
1 128 ALA n 
1 129 ARG n 
1 130 LEU n 
1 131 ALA n 
1 132 GLU n 
1 133 ALA n 
1 134 GLY n 
1 135 GLU n 
1 136 ALA n 
1 137 ALA n 
1 138 ILE n 
1 139 GLU n 
1 140 ARG n 
1 141 GLY n 
1 142 GLU n 
1 143 GLY n 
1 144 ALA n 
1 145 SER n 
1 146 LEU n 
1 147 GLY n 
1 148 VAL n 
1 149 HIS n 
1 150 ARG n 
1 151 GLU n 
1 152 LEU n 
1 153 ARG n 
1 154 ARG n 
1 155 ILE n 
1 156 GLU n 
1 157 ALA n 
1 158 ARG n 
1 159 ARG n 
1 160 ASN n 
1 161 SER n 
1 162 GLY n 
1 163 SER n 
1 164 GLY n 
# 
_entity_src_gen.entity_id                          1 
_entity_src_gen.pdbx_src_id                        1 
_entity_src_gen.pdbx_alt_source_flag               sample 
_entity_src_gen.pdbx_seq_type                      'Biological sequence' 
_entity_src_gen.pdbx_beg_seq_num                   1 
_entity_src_gen.pdbx_end_seq_num                   164 
_entity_src_gen.gene_src_common_name               ? 
_entity_src_gen.gene_src_genus                     ? 
_entity_src_gen.pdbx_gene_src_gene                 ? 
_entity_src_gen.gene_src_species                   ? 
_entity_src_gen.gene_src_strain                    ? 
_entity_src_gen.gene_src_tissue                    ? 
_entity_src_gen.gene_src_tissue_fraction           ? 
_entity_src_gen.gene_src_details                   ? 
_entity_src_gen.pdbx_gene_src_fragment             ? 
_entity_src_gen.pdbx_gene_src_scientific_name      'synthetic construct' 
_entity_src_gen.pdbx_gene_src_ncbi_taxonomy_id     32630 
_entity_src_gen.pdbx_gene_src_variant              ? 
_entity_src_gen.pdbx_gene_src_cell_line            ? 
_entity_src_gen.pdbx_gene_src_atcc                 ? 
_entity_src_gen.pdbx_gene_src_organ                ? 
_entity_src_gen.pdbx_gene_src_organelle            ? 
_entity_src_gen.pdbx_gene_src_cell                 ? 
_entity_src_gen.pdbx_gene_src_cellular_location    ? 
_entity_src_gen.host_org_common_name               ? 
_entity_src_gen.pdbx_host_org_scientific_name      'Escherichia coli' 
_entity_src_gen.pdbx_host_org_ncbi_taxonomy_id     562 
_entity_src_gen.host_org_genus                     ? 
_entity_src_gen.pdbx_host_org_gene                 ? 
_entity_src_gen.pdbx_host_org_organ                ? 
_entity_src_gen.host_org_species                   ? 
_entity_src_gen.pdbx_host_org_tissue               ? 
_entity_src_gen.pdbx_host_org_tissue_fraction      ? 
_entity_src_gen.pdbx_host_org_strain               ? 
_entity_src_gen.pdbx_host_org_variant              ? 
_entity_src_gen.pdbx_host_org_cell_line            ? 
_entity_src_gen.pdbx_host_org_atcc                 ? 
_entity_src_gen.pdbx_host_org_culture_collection   ? 
_entity_src_gen.pdbx_host_org_cell                 ? 
_entity_src_gen.pdbx_host_org_organelle            ? 
_entity_src_gen.pdbx_host_org_cellular_location    ? 
_entity_src_gen.pdbx_host_org_vector_type          ? 
_entity_src_gen.pdbx_host_org_vector               ? 
_entity_src_gen.host_org_details                   ? 
_entity_src_gen.expression_system_id               ? 
_entity_src_gen.plasmid_name                       ? 
_entity_src_gen.plasmid_details                    ? 
_entity_src_gen.pdbx_description                   ? 
# 
loop_
_chem_comp.id 
_chem_comp.type 
_chem_comp.mon_nstd_flag 
_chem_comp.name 
_chem_comp.pdbx_synonyms 
_chem_comp.formula 
_chem_comp.formula_weight 
ACY non-polymer         . 'ACETIC ACID'   ? 'C2 H4 O2'       60.052  
ALA 'L-peptide linking' y ALANINE         ? 'C3 H7 N O2'     89.093  
ARG 'L-peptide linking' y ARGININE        ? 'C6 H15 N4 O2 1' 175.209 
ASN 'L-peptide linking' y ASPARAGINE      ? 'C4 H8 N2 O3'    132.118 
ASP 'L-peptide linking' y 'ASPARTIC ACID' ? 'C4 H7 N O4'     133.103 
CL  non-polymer         . 'CHLORIDE ION'  ? 'Cl -1'          35.453  
GLN 'L-peptide linking' y GLUTAMINE       ? 'C5 H10 N2 O3'   146.144 
GLU 'L-peptide linking' y 'GLUTAMIC ACID' ? 'C5 H9 N O4'     147.129 
GLY 'peptide linking'   y GLYCINE         ? 'C2 H5 N O2'     75.067  
HIS 'L-peptide linking' y HISTIDINE       ? 'C6 H10 N3 O2 1' 156.162 
HOH non-polymer         . WATER           ? 'H2 O'           18.015  
ILE 'L-peptide linking' y ISOLEUCINE      ? 'C6 H13 N O2'    131.173 
LEU 'L-peptide linking' y LEUCINE         ? 'C6 H13 N O2'    131.173 
LYS 'L-peptide linking' y LYSINE          ? 'C6 H15 N2 O2 1' 147.195 
MET 'L-peptide linking' y METHIONINE      ? 'C5 H11 N O2 S'  149.211 
PHE 'L-peptide linking' y PHENYLALANINE   ? 'C9 H11 N O2'    165.189 
PRO 'L-peptide linking' y PROLINE         ? 'C5 H9 N O2'     115.130 
SER 'L-peptide linking' y SERINE          ? 'C3 H7 N O3'     105.093 
THR 'L-peptide linking' y THREONINE       ? 'C4 H9 N O3'     119.119 
VAL 'L-peptide linking' y VALINE          ? 'C5 H11 N O2'    117.146 
# 
loop_
_pdbx_poly_seq_scheme.asym_id 
_pdbx_poly_seq_scheme.entity_id 
_pdbx_poly_seq_scheme.seq_id 
_pdbx_poly_seq_scheme.mon_id 
_pdbx_poly_seq_scheme.ndb_seq_num 
_pdbx_poly_seq_scheme.pdb_seq_num 
_pdbx_poly_seq_scheme.auth_seq_num 
_pdbx_poly_seq_scheme.pdb_mon_id 
_pdbx_poly_seq_scheme.auth_mon_id 
_pdbx_poly_seq_scheme.pdb_strand_id 
_pdbx_poly_seq_scheme.pdb_ins_code 
_pdbx_poly_seq_scheme.hetero 
A 1 1   MET 1   -2  ?   ?   ?   A . n 
A 1 2   SER 2   -1  ?   ?   ?   A . n 
A 1 3   GLY 3   0   ?   ?   ?   A . n 
A 1 4   MET 4   1   ?   ?   ?   A . n 
A 1 5   THR 5   2   ?   ?   ?   A . n 
A 1 6   GLU 6   3   ?   ?   ?   A . n 
A 1 7   GLU 7   4   ?   ?   ?   A . n 
A 1 8   GLU 8   5   ?   ?   ?   A . n 
A 1 9   LEU 9   6   ?   ?   ?   A . n 
A 1 10  ASP 10  7   ?   ?   ?   A . n 
A 1 11  GLN 11  8   8   GLN GLN A . n 
A 1 12  ALA 12  9   9   ALA ALA A . n 
A 1 13  VAL 13  10  10  VAL VAL A . n 
A 1 14  GLU 14  11  11  GLU GLU A . n 
A 1 15  ASP 15  12  12  ASP ASP A . n 
A 1 16  PHE 16  13  13  PHE PHE A . n 
A 1 17  LEU 17  14  14  LEU LEU A . n 
A 1 18  ARG 18  15  15  ARG ARG A . n 
A 1 19  VAL 19  16  16  VAL VAL A . n 
A 1 20  HIS 20  17  17  HIS HIS A . n 
A 1 21  SER 21  18  18  SER SER A . n 
A 1 22  GLU 22  19  19  GLU GLU A . n 
A 1 23  LEU 23  20  20  LEU LEU A . n 
A 1 24  VAL 24  21  21  VAL VAL A . n 
A 1 25  HIS 25  22  22  HIS HIS A . n 
A 1 26  ARG 26  23  23  ARG ARG A . n 
A 1 27  LEU 27  24  24  LEU LEU A . n 
A 1 28  ALA 28  25  25  ALA ALA A . n 
A 1 29  GLY 29  26  26  GLY GLY A . n 
A 1 30  ASP 30  27  27  ASP ASP A . n 
A 1 31  PRO 31  28  28  PRO PRO A . n 
A 1 32  PRO 32  29  29  PRO PRO A . n 
A 1 33  ASP 33  30  30  ASP ASP A . n 
A 1 34  GLU 34  31  31  GLU GLU A . n 
A 1 35  LEU 35  32  32  LEU LEU A . n 
A 1 36  PHE 36  33  33  PHE PHE A . n 
A 1 37  GLN 37  34  34  GLN GLN A . n 
A 1 38  ARG 38  35  35  ARG ARG A . n 
A 1 39  LEU 39  36  36  LEU LEU A . n 
A 1 40  ASP 40  37  37  ASP ASP A . n 
A 1 41  ARG 41  38  38  ARG ARG A . n 
A 1 42  PHE 42  39  39  PHE PHE A . n 
A 1 43  VAL 43  40  40  VAL VAL A . n 
A 1 44  THR 44  41  41  THR THR A . n 
A 1 45  ASP 45  42  42  ASP ASP A . n 
A 1 46  ALA 46  43  43  ALA ALA A . n 
A 1 47  ILE 47  44  44  ILE ILE A . n 
A 1 48  ILE 48  45  45  ILE ILE A . n 
A 1 49  GLU 49  46  46  GLU GLU A . n 
A 1 50  GLY 50  47  47  GLY GLY A . n 
A 1 51  ASN 51  48  48  ASN ASN A . n 
A 1 52  PRO 52  49  49  PRO PRO A . n 
A 1 53  GLU 53  50  50  GLU GLU A . n 
A 1 54  ARG 54  51  51  ARG ARG A . n 
A 1 55  ARG 55  52  52  ARG ARG A . n 
A 1 56  ASP 56  53  53  ASP ASP A . n 
A 1 57  GLU 57  54  54  GLU GLU A . n 
A 1 58  ILE 58  55  55  ILE ILE A . n 
A 1 59  LYS 59  56  56  LYS LYS A . n 
A 1 60  ALA 60  57  57  ALA ALA A . n 
A 1 61  ASP 61  58  58  ASP ASP A . n 
A 1 62  LEU 62  59  59  LEU LEU A . n 
A 1 63  ALA 63  60  60  ALA ALA A . n 
A 1 64  ARG 64  61  61  ARG ARG A . n 
A 1 65  ALA 65  62  62  ALA ALA A . n 
A 1 66  ALA 66  63  63  ALA ALA A . n 
A 1 67  ARG 67  64  64  ARG ARG A . n 
A 1 68  VAL 68  65  65  VAL VAL A . n 
A 1 69  PHE 69  66  66  PHE PHE A . n 
A 1 70  GLY 70  67  67  GLY GLY A . n 
A 1 71  GLU 71  68  68  GLU GLU A . n 
A 1 72  ALA 72  69  69  ALA ALA A . n 
A 1 73  LEU 73  70  70  LEU LEU A . n 
A 1 74  GLU 74  71  71  GLU GLU A . n 
A 1 75  ARG 75  72  72  ARG ARG A . n 
A 1 76  ASP 76  73  73  ASP ASP A . n 
A 1 77  ILE 77  74  74  ILE ILE A . n 
A 1 78  THR 78  75  75  THR THR A . n 
A 1 79  THR 79  76  76  THR THR A . n 
A 1 80  PRO 80  77  77  PRO PRO A . n 
A 1 81  GLU 81  78  78  GLU GLU A . n 
A 1 82  ASP 82  79  79  ASP ASP A . n 
A 1 83  PHE 83  80  80  PHE PHE A . n 
A 1 84  ASN 84  81  81  ASN ASN A . n 
A 1 85  ALA 85  82  82  ALA ALA A . n 
A 1 86  PHE 86  83  83  PHE PHE A . n 
A 1 87  LEU 87  84  84  LEU LEU A . n 
A 1 88  ARG 88  85  85  ARG ARG A . n 
A 1 89  GLU 89  86  86  GLU GLU A . n 
A 1 90  LEU 90  87  87  LEU LEU A . n 
A 1 91  GLY 91  88  88  GLY GLY A . n 
A 1 92  PRO 92  89  89  PRO PRO A . n 
A 1 93  GLU 93  90  90  GLU GLU A . n 
A 1 94  ALA 94  91  91  ALA ALA A . n 
A 1 95  VAL 95  92  92  VAL VAL A . n 
A 1 96  GLU 96  93  93  GLU GLU A . n 
A 1 97  LEU 97  94  94  LEU LEU A . n 
A 1 98  VAL 98  95  95  VAL VAL A . n 
A 1 99  SER 99  96  96  SER SER A . n 
A 1 100 THR 100 97  97  THR THR A . n 
A 1 101 PHE 101 98  98  PHE PHE A . n 
A 1 102 THR 102 99  99  THR THR A . n 
A 1 103 GLN 103 100 100 GLN GLN A . n 
A 1 104 GLN 104 101 101 GLN GLN A . n 
A 1 105 PHE 105 102 102 PHE PHE A . n 
A 1 106 VAL 106 103 103 VAL VAL A . n 
A 1 107 ASP 107 104 104 ASP ASP A . n 
A 1 108 VAL 108 105 105 VAL VAL A . n 
A 1 109 ILE 109 106 106 ILE ILE A . n 
A 1 110 ARG 110 107 107 ARG ARG A . n 
A 1 111 GLY 111 108 108 GLY GLY A . n 
A 1 112 ASP 112 109 109 ASP ASP A . n 
A 1 113 PRO 113 110 110 PRO PRO A . n 
A 1 114 GLN 114 111 111 GLN GLN A . n 
A 1 115 ALA 115 112 112 ALA ALA A . n 
A 1 116 VAL 116 113 113 VAL VAL A . n 
A 1 117 ALA 117 114 114 ALA ALA A . n 
A 1 118 GLU 118 115 115 GLU GLU A . n 
A 1 119 HIS 119 116 116 HIS HIS A . n 
A 1 120 LEU 120 117 117 LEU LEU A . n 
A 1 121 ASN 121 118 118 ASN ASN A . n 
A 1 122 ILE 122 119 119 ILE ILE A . n 
A 1 123 SER 123 120 120 SER SER A . n 
A 1 124 LEU 124 121 121 LEU LEU A . n 
A 1 125 GLU 125 122 122 GLU GLU A . n 
A 1 126 ASP 126 123 123 ASP ASP A . n 
A 1 127 VAL 127 124 124 VAL VAL A . n 
A 1 128 ALA 128 125 125 ALA ALA A . n 
A 1 129 ARG 129 126 126 ARG ARG A . n 
A 1 130 LEU 130 127 127 LEU LEU A . n 
A 1 131 ALA 131 128 128 ALA ALA A . n 
A 1 132 GLU 132 129 129 GLU GLU A . n 
A 1 133 ALA 133 130 130 ALA ALA A . n 
A 1 134 GLY 134 131 131 GLY GLY A . n 
A 1 135 GLU 135 132 132 GLU GLU A . n 
A 1 136 ALA 136 133 133 ALA ALA A . n 
A 1 137 ALA 137 134 134 ALA ALA A . n 
A 1 138 ILE 138 135 135 ILE ILE A . n 
A 1 139 GLU 139 136 136 GLU GLU A . n 
A 1 140 ARG 140 137 137 ARG ARG A . n 
A 1 141 GLY 141 138 138 GLY GLY A . n 
A 1 142 GLU 142 139 139 GLU GLU A . n 
A 1 143 GLY 143 140 140 GLY GLY A . n 
A 1 144 ALA 144 141 141 ALA ALA A . n 
A 1 145 SER 145 142 142 SER SER A . n 
A 1 146 LEU 146 143 143 LEU LEU A . n 
A 1 147 GLY 147 144 144 GLY GLY A . n 
A 1 148 VAL 148 145 145 VAL VAL A . n 
A 1 149 HIS 149 146 146 HIS HIS A . n 
A 1 150 ARG 150 147 147 ARG ARG A . n 
A 1 151 GLU 151 148 148 GLU GLU A . n 
A 1 152 LEU 152 149 149 LEU LEU A . n 
A 1 153 ARG 153 150 150 ARG ARG A . n 
A 1 154 ARG 154 151 151 ARG ARG A . n 
A 1 155 ILE 155 152 152 ILE ILE A . n 
A 1 156 GLU 156 153 153 GLU GLU A . n 
A 1 157 ALA 157 154 154 ALA ALA A . n 
A 1 158 ARG 158 155 155 ARG ARG A . n 
A 1 159 ARG 159 156 156 ARG ARG A . n 
A 1 160 ASN 160 157 157 ASN ASN A . n 
A 1 161 SER 161 158 158 SER SER A . n 
A 1 162 GLY 162 159 ?   ?   ?   A . n 
A 1 163 SER 163 160 ?   ?   ?   A . n 
A 1 164 GLY 164 161 ?   ?   ?   A . n 
# 
loop_
_pdbx_nonpoly_scheme.asym_id 
_pdbx_nonpoly_scheme.entity_id 
_pdbx_nonpoly_scheme.mon_id 
_pdbx_nonpoly_scheme.ndb_seq_num 
_pdbx_nonpoly_scheme.pdb_seq_num 
_pdbx_nonpoly_scheme.auth_seq_num 
_pdbx_nonpoly_scheme.pdb_mon_id 
_pdbx_nonpoly_scheme.auth_mon_id 
_pdbx_nonpoly_scheme.pdb_strand_id 
_pdbx_nonpoly_scheme.pdb_ins_code 
B 2 ACY 1  201 201 ACY ACT A . 
C 3 CL  1  202 1   CL  CL  A . 
D 4 HOH 1  301 47  HOH HOH A . 
D 4 HOH 2  302 32  HOH HOH A . 
D 4 HOH 3  303 26  HOH HOH A . 
D 4 HOH 4  304 38  HOH HOH A . 
D 4 HOH 5  305 24  HOH HOH A . 
D 4 HOH 6  306 4   HOH HOH A . 
D 4 HOH 7  307 63  HOH HOH A . 
D 4 HOH 8  308 2   HOH HOH A . 
D 4 HOH 9  309 40  HOH HOH A . 
D 4 HOH 10 310 9   HOH HOH A . 
D 4 HOH 11 311 62  HOH HOH A . 
D 4 HOH 12 312 42  HOH HOH A . 
D 4 HOH 13 313 54  HOH HOH A . 
D 4 HOH 14 314 23  HOH HOH A . 
D 4 HOH 15 315 15  HOH HOH A . 
D 4 HOH 16 316 3   HOH HOH A . 
D 4 HOH 17 317 60  HOH HOH A . 
D 4 HOH 18 318 56  HOH HOH A . 
D 4 HOH 19 319 39  HOH HOH A . 
D 4 HOH 20 320 57  HOH HOH A . 
D 4 HOH 21 321 44  HOH HOH A . 
D 4 HOH 22 322 14  HOH HOH A . 
D 4 HOH 23 323 18  HOH HOH A . 
D 4 HOH 24 324 13  HOH HOH A . 
D 4 HOH 25 325 16  HOH HOH A . 
D 4 HOH 26 326 64  HOH HOH A . 
D 4 HOH 27 327 43  HOH HOH A . 
D 4 HOH 28 328 7   HOH HOH A . 
D 4 HOH 29 329 1   HOH HOH A . 
D 4 HOH 30 330 28  HOH HOH A . 
D 4 HOH 31 331 22  HOH HOH A . 
D 4 HOH 32 332 8   HOH HOH A . 
D 4 HOH 33 333 29  HOH HOH A . 
D 4 HOH 34 334 50  HOH HOH A . 
D 4 HOH 35 335 48  HOH HOH A . 
D 4 HOH 36 336 12  HOH HOH A . 
D 4 HOH 37 337 36  HOH HOH A . 
D 4 HOH 38 338 11  HOH HOH A . 
D 4 HOH 39 339 6   HOH HOH A . 
D 4 HOH 40 340 34  HOH HOH A . 
D 4 HOH 41 341 21  HOH HOH A . 
D 4 HOH 42 342 17  HOH HOH A . 
D 4 HOH 43 343 49  HOH HOH A . 
D 4 HOH 44 344 41  HOH HOH A . 
D 4 HOH 45 345 5   HOH HOH A . 
D 4 HOH 46 346 46  HOH HOH A . 
D 4 HOH 47 347 25  HOH HOH A . 
D 4 HOH 48 348 45  HOH HOH A . 
D 4 HOH 49 349 58  HOH HOH A . 
D 4 HOH 50 350 33  HOH HOH A . 
D 4 HOH 51 351 52  HOH HOH A . 
D 4 HOH 52 352 51  HOH HOH A . 
D 4 HOH 53 353 59  HOH HOH A . 
D 4 HOH 54 354 37  HOH HOH A . 
D 4 HOH 55 355 31  HOH HOH A . 
D 4 HOH 56 356 53  HOH HOH A . 
D 4 HOH 57 357 27  HOH HOH A . 
D 4 HOH 58 358 61  HOH HOH A . 
D 4 HOH 59 359 19  HOH HOH A . 
D 4 HOH 60 360 20  HOH HOH A . 
D 4 HOH 61 361 35  HOH HOH A . 
D 4 HOH 62 362 30  HOH HOH A . 
D 4 HOH 63 363 55  HOH HOH A . 
D 4 HOH 64 364 10  HOH HOH A . 
# 
loop_
_software.citation_id 
_software.classification 
_software.compiler_name 
_software.compiler_version 
_software.contact_author 
_software.contact_author_email 
_software.date 
_software.description 
_software.dependencies 
_software.hardware 
_software.language 
_software.location 
_software.mods 
_software.name 
_software.os 
_software.os_version 
_software.type 
_software.version 
_software.pdbx_ordinal 
? refinement       ? ? ? ? ? ? ? ? ? ? ? PHENIX  ? ? ? 1.21_5207 1 
? 'data reduction' ? ? ? ? ? ? ? ? ? ? ? XDS     ? ? ? .         2 
? 'data scaling'   ? ? ? ? ? ? ? ? ? ? ? Aimless ? ? ? .         3 
? phasing          ? ? ? ? ? ? ? ? ? ? ? PHENIX  ? ? ? .         4 
# 
_cell.angle_alpha                  90.000 
_cell.angle_alpha_esd              ? 
_cell.angle_beta                   90.000 
_cell.angle_beta_esd               ? 
_cell.angle_gamma                  90.000 
_cell.angle_gamma_esd              ? 
_cell.entry_id                     9DEF 
_cell.details                      ? 
_cell.formula_units_Z              ? 
_cell.length_a                     31.157 
_cell.length_a_esd                 ? 
_cell.length_b                     46.019 
_cell.length_b_esd                 ? 
_cell.length_c                     92.941 
_cell.length_c_esd                 ? 
_cell.volume                       133260.105 
_cell.volume_esd                   ? 
_cell.Z_PDB                        4 
_cell.reciprocal_angle_alpha       ? 
_cell.reciprocal_angle_beta        ? 
_cell.reciprocal_angle_gamma       ? 
_cell.reciprocal_angle_alpha_esd   ? 
_cell.reciprocal_angle_beta_esd    ? 
_cell.reciprocal_angle_gamma_esd   ? 
_cell.reciprocal_length_a          ? 
_cell.reciprocal_length_b          ? 
_cell.reciprocal_length_c          ? 
_cell.reciprocal_length_a_esd      ? 
_cell.reciprocal_length_b_esd      ? 
_cell.reciprocal_length_c_esd      ? 
_cell.pdbx_unique_axis             ? 
_cell.pdbx_esd_method              ? 
# 
_symmetry.entry_id                         9DEF 
_symmetry.cell_setting                     ? 
_symmetry.Int_Tables_number                18 
_symmetry.space_group_name_Hall            'P 2 2ab (y,z,x)' 
_symmetry.space_group_name_H-M             'P 21 2 21' 
_symmetry.pdbx_full_space_group_name_H-M   ? 
# 
_exptl.absorpt_coefficient_mu     ? 
_exptl.absorpt_correction_T_max   ? 
_exptl.absorpt_correction_T_min   ? 
_exptl.absorpt_correction_type    ? 
_exptl.absorpt_process_details    ? 
_exptl.entry_id                   9DEF 
_exptl.crystals_number            1 
_exptl.details                    ? 
_exptl.method                     'X-RAY DIFFRACTION' 
_exptl.method_details             ? 
# 
_exptl_crystal.colour                       ? 
_exptl_crystal.density_diffrn               ? 
_exptl_crystal.density_Matthews             1.82 
_exptl_crystal.density_method               ? 
_exptl_crystal.density_percent_sol          32.54 
_exptl_crystal.description                  ? 
_exptl_crystal.F_000                        ? 
_exptl_crystal.id                           1 
_exptl_crystal.preparation                  ? 
_exptl_crystal.size_max                     ? 
_exptl_crystal.size_mid                     ? 
_exptl_crystal.size_min                     ? 
_exptl_crystal.size_rad                     ? 
_exptl_crystal.colour_lustre                ? 
_exptl_crystal.colour_modifier              ? 
_exptl_crystal.colour_primary               ? 
_exptl_crystal.density_meas                 ? 
_exptl_crystal.density_meas_esd             ? 
_exptl_crystal.density_meas_gt              ? 
_exptl_crystal.density_meas_lt              ? 
_exptl_crystal.density_meas_temp            ? 
_exptl_crystal.density_meas_temp_esd        ? 
_exptl_crystal.density_meas_temp_gt         ? 
_exptl_crystal.density_meas_temp_lt         ? 
_exptl_crystal.pdbx_crystal_image_url       ? 
_exptl_crystal.pdbx_crystal_image_format    ? 
_exptl_crystal.pdbx_mosaicity               ? 
_exptl_crystal.pdbx_mosaicity_esd           ? 
_exptl_crystal.pdbx_mosaic_method           ? 
_exptl_crystal.pdbx_mosaic_block_size       ? 
_exptl_crystal.pdbx_mosaic_block_size_esd   ? 
# 
_exptl_crystal_grow.apparatus       ? 
_exptl_crystal_grow.atmosphere      ? 
_exptl_crystal_grow.crystal_id      1 
_exptl_crystal_grow.details         ? 
_exptl_crystal_grow.method          'VAPOR DIFFUSION, SITTING DROP' 
_exptl_crystal_grow.method_ref      ? 
_exptl_crystal_grow.pH              ? 
_exptl_crystal_grow.pressure        ? 
_exptl_crystal_grow.pressure_esd    ? 
_exptl_crystal_grow.seeding         ? 
_exptl_crystal_grow.seeding_ref     ? 
_exptl_crystal_grow.temp_details    ? 
_exptl_crystal_grow.temp_esd        ? 
_exptl_crystal_grow.time            ? 
_exptl_crystal_grow.pdbx_details    '0.1 M Sodium acetate pH 4.6, 8% (w/v) PEG 4000' 
_exptl_crystal_grow.pdbx_pH_range   ? 
_exptl_crystal_grow.temp            293 
# 
_diffrn.ambient_environment              ? 
_diffrn.ambient_temp                     100 
_diffrn.ambient_temp_details             ? 
_diffrn.ambient_temp_esd                 ? 
_diffrn.crystal_id                       1 
_diffrn.crystal_support                  ? 
_diffrn.crystal_treatment                ? 
_diffrn.details                          ? 
_diffrn.id                               1 
_diffrn.ambient_pressure                 ? 
_diffrn.ambient_pressure_esd             ? 
_diffrn.ambient_pressure_gt              ? 
_diffrn.ambient_pressure_lt              ? 
_diffrn.ambient_temp_gt                  ? 
_diffrn.ambient_temp_lt                  ? 
_diffrn.pdbx_serial_crystal_experiment   N 
# 
_diffrn_detector.details                      ? 
_diffrn_detector.detector                     PIXEL 
_diffrn_detector.diffrn_id                    1 
_diffrn_detector.type                         'DECTRIS PILATUS3 2M' 
_diffrn_detector.area_resol_mean              ? 
_diffrn_detector.dtime                        ? 
_diffrn_detector.pdbx_frames_total            ? 
_diffrn_detector.pdbx_collection_time_total   ? 
_diffrn_detector.pdbx_collection_date         2024-05-01 
_diffrn_detector.pdbx_frequency               ? 
_diffrn_detector.id                           ? 
_diffrn_detector.number_of_axes               ? 
# 
_diffrn_radiation.collimation                      ? 
_diffrn_radiation.diffrn_id                        1 
_diffrn_radiation.filter_edge                      ? 
_diffrn_radiation.inhomogeneity                    ? 
_diffrn_radiation.monochromator                    ? 
_diffrn_radiation.polarisn_norm                    ? 
_diffrn_radiation.polarisn_ratio                   ? 
_diffrn_radiation.probe                            ? 
_diffrn_radiation.type                             ? 
_diffrn_radiation.xray_symbol                      ? 
_diffrn_radiation.wavelength_id                    1 
_diffrn_radiation.pdbx_monochromatic_or_laue_m_l   M 
_diffrn_radiation.pdbx_wavelength_list             ? 
_diffrn_radiation.pdbx_wavelength                  ? 
_diffrn_radiation.pdbx_diffrn_protocol             'SINGLE WAVELENGTH' 
_diffrn_radiation.pdbx_analyzer                    ? 
_diffrn_radiation.pdbx_scattering_type             x-ray 
# 
_diffrn_radiation_wavelength.id           1 
_diffrn_radiation_wavelength.wavelength   1.00002 
_diffrn_radiation_wavelength.wt           1.0 
# 
_diffrn_source.current                     ? 
_diffrn_source.details                     ? 
_diffrn_source.diffrn_id                   1 
_diffrn_source.power                       ? 
_diffrn_source.size                        ? 
_diffrn_source.source                      SYNCHROTRON 
_diffrn_source.target                      ? 
_diffrn_source.type                        'ALS BEAMLINE 8.2.2' 
_diffrn_source.voltage                     ? 
_diffrn_source.take-off_angle              ? 
_diffrn_source.pdbx_wavelength_list        1.00002 
_diffrn_source.pdbx_wavelength             ? 
_diffrn_source.pdbx_synchrotron_beamline   8.2.2 
_diffrn_source.pdbx_synchrotron_site       ALS 
# 
_reflns.B_iso_Wilson_estimate                          27 
_reflns.entry_id                                       9DEF 
_reflns.data_reduction_details                         ? 
_reflns.data_reduction_method                          ? 
_reflns.d_resolution_high                              1.75 
_reflns.d_resolution_low                               46.02 
_reflns.details                                        ? 
_reflns.limit_h_max                                    ? 
_reflns.limit_h_min                                    ? 
_reflns.limit_k_max                                    ? 
_reflns.limit_k_min                                    ? 
_reflns.limit_l_max                                    ? 
_reflns.limit_l_min                                    ? 
_reflns.number_all                                     ? 
_reflns.number_obs                                     14105 
_reflns.observed_criterion                             ? 
_reflns.observed_criterion_F_max                       ? 
_reflns.observed_criterion_F_min                       ? 
_reflns.observed_criterion_I_max                       ? 
_reflns.observed_criterion_I_min                       ? 
_reflns.observed_criterion_sigma_F                     ? 
_reflns.observed_criterion_sigma_I                     ? 
_reflns.percent_possible_obs                           99.80 
_reflns.R_free_details                                 ? 
_reflns.Rmerge_F_all                                   ? 
_reflns.Rmerge_F_obs                                   ? 
_reflns.Friedel_coverage                               ? 
_reflns.number_gt                                      ? 
_reflns.threshold_expression                           ? 
_reflns.pdbx_redundancy                                10.9 
_reflns.pdbx_netI_over_av_sigmaI                       ? 
_reflns.pdbx_netI_over_sigmaI                          14.0 
_reflns.pdbx_res_netI_over_av_sigmaI_2                 ? 
_reflns.pdbx_res_netI_over_sigmaI_2                    ? 
_reflns.pdbx_chi_squared                               ? 
_reflns.pdbx_scaling_rejects                           ? 
_reflns.pdbx_d_res_high_opt                            ? 
_reflns.pdbx_d_res_low_opt                             ? 
_reflns.pdbx_d_res_opt_method                          ? 
_reflns.phase_calculation_details                      ? 
_reflns.pdbx_Rrim_I_all                                ? 
_reflns.pdbx_Rpim_I_all                                0.028 
_reflns.pdbx_d_opt                                     ? 
_reflns.pdbx_number_measured_all                       ? 
_reflns.pdbx_diffrn_id                                 1 
_reflns.pdbx_ordinal                                   1 
_reflns.pdbx_CC_half                                   0.998 
_reflns.pdbx_CC_star                                   ? 
_reflns.pdbx_R_split                                   ? 
_reflns.pdbx_Rmerge_I_obs                              0.084 
_reflns.pdbx_Rmerge_I_all                              ? 
_reflns.pdbx_Rsym_value                                ? 
_reflns.pdbx_CC_split_method                           ? 
_reflns.pdbx_aniso_diffraction_limit_axis_1_ortho[1]   ? 
_reflns.pdbx_aniso_diffraction_limit_axis_1_ortho[2]   ? 
_reflns.pdbx_aniso_diffraction_limit_axis_1_ortho[3]   ? 
_reflns.pdbx_aniso_diffraction_limit_axis_2_ortho[1]   ? 
_reflns.pdbx_aniso_diffraction_limit_axis_2_ortho[2]   ? 
_reflns.pdbx_aniso_diffraction_limit_axis_2_ortho[3]   ? 
_reflns.pdbx_aniso_diffraction_limit_axis_3_ortho[1]   ? 
_reflns.pdbx_aniso_diffraction_limit_axis_3_ortho[2]   ? 
_reflns.pdbx_aniso_diffraction_limit_axis_3_ortho[3]   ? 
_reflns.pdbx_aniso_diffraction_limit_1                 ? 
_reflns.pdbx_aniso_diffraction_limit_2                 ? 
_reflns.pdbx_aniso_diffraction_limit_3                 ? 
_reflns.pdbx_aniso_B_tensor_eigenvector_1_ortho[1]     ? 
_reflns.pdbx_aniso_B_tensor_eigenvector_1_ortho[2]     ? 
_reflns.pdbx_aniso_B_tensor_eigenvector_1_ortho[3]     ? 
_reflns.pdbx_aniso_B_tensor_eigenvector_2_ortho[1]     ? 
_reflns.pdbx_aniso_B_tensor_eigenvector_2_ortho[2]     ? 
_reflns.pdbx_aniso_B_tensor_eigenvector_2_ortho[3]     ? 
_reflns.pdbx_aniso_B_tensor_eigenvector_3_ortho[1]     ? 
_reflns.pdbx_aniso_B_tensor_eigenvector_3_ortho[2]     ? 
_reflns.pdbx_aniso_B_tensor_eigenvector_3_ortho[3]     ? 
_reflns.pdbx_aniso_B_tensor_eigenvalue_1               ? 
_reflns.pdbx_aniso_B_tensor_eigenvalue_2               ? 
_reflns.pdbx_aniso_B_tensor_eigenvalue_3               ? 
_reflns.pdbx_orthogonalization_convention              ? 
_reflns.pdbx_percent_possible_ellipsoidal              ? 
_reflns.pdbx_percent_possible_spherical                ? 
_reflns.pdbx_percent_possible_ellipsoidal_anomalous    ? 
_reflns.pdbx_percent_possible_spherical_anomalous      ? 
_reflns.pdbx_redundancy_anomalous                      ? 
_reflns.pdbx_CC_half_anomalous                         ? 
_reflns.pdbx_absDiff_over_sigma_anomalous              ? 
_reflns.pdbx_percent_possible_anomalous                ? 
_reflns.pdbx_observed_signal_threshold                 ? 
_reflns.pdbx_signal_type                               ? 
_reflns.pdbx_signal_details                            ? 
_reflns.pdbx_signal_software_id                        ? 
# 
_reflns_shell.d_res_high                                    1.75 
_reflns_shell.d_res_low                                     1.78 
_reflns_shell.meanI_over_sigI_all                           ? 
_reflns_shell.meanI_over_sigI_obs                           1.9 
_reflns_shell.number_measured_all                           ? 
_reflns_shell.number_measured_obs                           ? 
_reflns_shell.number_possible                               ? 
_reflns_shell.number_unique_all                             ? 
_reflns_shell.number_unique_obs                             749 
_reflns_shell.percent_possible_obs                          ? 
_reflns_shell.Rmerge_F_all                                  ? 
_reflns_shell.Rmerge_F_obs                                  ? 
_reflns_shell.meanI_over_sigI_gt                            ? 
_reflns_shell.meanI_over_uI_all                             ? 
_reflns_shell.meanI_over_uI_gt                              ? 
_reflns_shell.number_measured_gt                            ? 
_reflns_shell.number_unique_gt                              ? 
_reflns_shell.percent_possible_gt                           ? 
_reflns_shell.Rmerge_F_gt                                   ? 
_reflns_shell.Rmerge_I_gt                                   ? 
_reflns_shell.pdbx_redundancy                               11.6 
_reflns_shell.pdbx_chi_squared                              ? 
_reflns_shell.pdbx_netI_over_sigmaI_all                     ? 
_reflns_shell.pdbx_netI_over_sigmaI_obs                     ? 
_reflns_shell.pdbx_Rrim_I_all                               ? 
_reflns_shell.pdbx_Rpim_I_all                               0.402 
_reflns_shell.pdbx_rejects                                  ? 
_reflns_shell.pdbx_ordinal                                  1 
_reflns_shell.pdbx_diffrn_id                                1 
_reflns_shell.pdbx_CC_half                                  0.752 
_reflns_shell.pdbx_CC_star                                  ? 
_reflns_shell.pdbx_R_split                                  ? 
_reflns_shell.percent_possible_all                          99.60 
_reflns_shell.Rmerge_I_all                                  ? 
_reflns_shell.Rmerge_I_obs                                  1.274 
_reflns_shell.pdbx_Rsym_value                               ? 
_reflns_shell.pdbx_percent_possible_ellipsoidal             ? 
_reflns_shell.pdbx_percent_possible_spherical               ? 
_reflns_shell.pdbx_percent_possible_ellipsoidal_anomalous   ? 
_reflns_shell.pdbx_percent_possible_spherical_anomalous     ? 
_reflns_shell.pdbx_redundancy_anomalous                     ? 
_reflns_shell.pdbx_CC_half_anomalous                        ? 
_reflns_shell.pdbx_absDiff_over_sigma_anomalous             ? 
_reflns_shell.pdbx_percent_possible_anomalous               ? 
# 
_refine.aniso_B[1][1]                            ? 
_refine.aniso_B[1][2]                            ? 
_refine.aniso_B[1][3]                            ? 
_refine.aniso_B[2][2]                            ? 
_refine.aniso_B[2][3]                            ? 
_refine.aniso_B[3][3]                            ? 
_refine.B_iso_max                                ? 
_refine.B_iso_mean                               38.85 
_refine.B_iso_min                                ? 
_refine.correlation_coeff_Fo_to_Fc               ? 
_refine.correlation_coeff_Fo_to_Fc_free          ? 
_refine.details                                  ? 
_refine.diff_density_max                         ? 
_refine.diff_density_max_esd                     ? 
_refine.diff_density_min                         ? 
_refine.diff_density_min_esd                     ? 
_refine.diff_density_rms                         ? 
_refine.diff_density_rms_esd                     ? 
_refine.entry_id                                 9DEF 
_refine.pdbx_refine_id                           'X-RAY DIFFRACTION' 
_refine.ls_abs_structure_details                 ? 
_refine.ls_abs_structure_Flack                   ? 
_refine.ls_abs_structure_Flack_esd               ? 
_refine.ls_abs_structure_Rogers                  ? 
_refine.ls_abs_structure_Rogers_esd              ? 
_refine.ls_d_res_high                            1.75 
_refine.ls_d_res_low                             46.02 
_refine.ls_extinction_coef                       ? 
_refine.ls_extinction_coef_esd                   ? 
_refine.ls_extinction_expression                 ? 
_refine.ls_extinction_method                     ? 
_refine.ls_goodness_of_fit_all                   ? 
_refine.ls_goodness_of_fit_all_esd               ? 
_refine.ls_goodness_of_fit_obs                   ? 
_refine.ls_goodness_of_fit_obs_esd               ? 
_refine.ls_hydrogen_treatment                    ? 
_refine.ls_matrix_type                           ? 
_refine.ls_number_constraints                    ? 
_refine.ls_number_parameters                     ? 
_refine.ls_number_reflns_all                     ? 
_refine.ls_number_reflns_obs                     14057 
_refine.ls_number_reflns_R_free                  1406 
_refine.ls_number_reflns_R_work                  12651 
_refine.ls_number_restraints                     ? 
_refine.ls_percent_reflns_obs                    99.69 
_refine.ls_percent_reflns_R_free                 10.00 
_refine.ls_R_factor_all                          ? 
_refine.ls_R_factor_obs                          0.2414 
_refine.ls_R_factor_R_free                       0.2685 
_refine.ls_R_factor_R_free_error                 ? 
_refine.ls_R_factor_R_free_error_details         ? 
_refine.ls_R_factor_R_work                       0.2383 
_refine.ls_R_Fsqd_factor_obs                     ? 
_refine.ls_R_I_factor_obs                        ? 
_refine.ls_redundancy_reflns_all                 ? 
_refine.ls_redundancy_reflns_obs                 ? 
_refine.ls_restrained_S_all                      ? 
_refine.ls_restrained_S_obs                      ? 
_refine.ls_shift_over_esd_max                    ? 
_refine.ls_shift_over_esd_mean                   ? 
_refine.ls_structure_factor_coef                 ? 
_refine.ls_weighting_details                     ? 
_refine.ls_weighting_scheme                      ? 
_refine.ls_wR_factor_all                         ? 
_refine.ls_wR_factor_obs                         ? 
_refine.ls_wR_factor_R_free                      ? 
_refine.ls_wR_factor_R_work                      ? 
_refine.occupancy_max                            ? 
_refine.occupancy_min                            ? 
_refine.solvent_model_details                    'FLAT BULK SOLVENT MODEL' 
_refine.solvent_model_param_bsol                 ? 
_refine.solvent_model_param_ksol                 ? 
_refine.pdbx_R_complete                          ? 
_refine.ls_R_factor_gt                           ? 
_refine.ls_goodness_of_fit_gt                    ? 
_refine.ls_goodness_of_fit_ref                   ? 
_refine.ls_shift_over_su_max                     ? 
_refine.ls_shift_over_su_max_lt                  ? 
_refine.ls_shift_over_su_mean                    ? 
_refine.ls_shift_over_su_mean_lt                 ? 
_refine.pdbx_ls_sigma_I                          ? 
_refine.pdbx_ls_sigma_F                          1.34 
_refine.pdbx_ls_sigma_Fsqd                       ? 
_refine.pdbx_data_cutoff_high_absF               ? 
_refine.pdbx_data_cutoff_high_rms_absF           ? 
_refine.pdbx_data_cutoff_low_absF                ? 
_refine.pdbx_isotropic_thermal_model             ? 
_refine.pdbx_ls_cross_valid_method               'FREE R-VALUE' 
_refine.pdbx_method_to_determine_struct          'MOLECULAR REPLACEMENT' 
_refine.pdbx_starting_model                      ? 
_refine.pdbx_stereochemistry_target_values       'GeoStd + Monomer Library + CDL v1.2' 
_refine.pdbx_R_Free_selection_details            ? 
_refine.pdbx_stereochem_target_val_spec_case     ? 
_refine.pdbx_overall_ESU_R                       ? 
_refine.pdbx_overall_ESU_R_Free                  ? 
_refine.pdbx_solvent_vdw_probe_radii             1.1000 
_refine.pdbx_solvent_ion_probe_radii             ? 
_refine.pdbx_solvent_shrinkage_radii             0.9000 
_refine.pdbx_real_space_R                        ? 
_refine.pdbx_density_correlation                 ? 
_refine.pdbx_pd_number_of_powder_patterns        ? 
_refine.pdbx_pd_number_of_points                 ? 
_refine.pdbx_pd_meas_number_of_points            ? 
_refine.pdbx_pd_proc_ls_prof_R_factor            ? 
_refine.pdbx_pd_proc_ls_prof_wR_factor           ? 
_refine.pdbx_pd_Marquardt_correlation_coeff      ? 
_refine.pdbx_pd_Fsqrd_R_factor                   ? 
_refine.pdbx_pd_ls_matrix_band_width             ? 
_refine.pdbx_overall_phase_error                 31.0269 
_refine.pdbx_overall_SU_R_free_Cruickshank_DPI   ? 
_refine.pdbx_overall_SU_R_free_Blow_DPI          ? 
_refine.pdbx_overall_SU_R_Blow_DPI               ? 
_refine.pdbx_TLS_residual_ADP_flag               ? 
_refine.pdbx_diffrn_id                           1 
_refine.overall_SU_B                             ? 
_refine.overall_SU_ML                            0.2455 
_refine.overall_SU_R_Cruickshank_DPI             ? 
_refine.overall_SU_R_free                        ? 
_refine.overall_FOM_free_R_set                   ? 
_refine.overall_FOM_work_R_set                   ? 
_refine.pdbx_average_fsc_overall                 ? 
_refine.pdbx_average_fsc_work                    ? 
_refine.pdbx_average_fsc_free                    ? 
# 
_refine_hist.pdbx_refine_id                   'X-RAY DIFFRACTION' 
_refine_hist.cycle_id                         LAST 
_refine_hist.details                          ? 
_refine_hist.d_res_high                       1.75 
_refine_hist.d_res_low                        46.02 
_refine_hist.number_atoms_solvent             64 
_refine_hist.number_atoms_total               1263 
_refine_hist.number_reflns_all                ? 
_refine_hist.number_reflns_obs                ? 
_refine_hist.number_reflns_R_free             ? 
_refine_hist.number_reflns_R_work             ? 
_refine_hist.R_factor_all                     ? 
_refine_hist.R_factor_obs                     ? 
_refine_hist.R_factor_R_free                  ? 
_refine_hist.R_factor_R_work                  ? 
_refine_hist.pdbx_number_residues_total       ? 
_refine_hist.pdbx_B_iso_mean_ligand           ? 
_refine_hist.pdbx_B_iso_mean_solvent          ? 
_refine_hist.pdbx_number_atoms_protein        1194 
_refine_hist.pdbx_number_atoms_nucleic_acid   0 
_refine_hist.pdbx_number_atoms_ligand         5 
_refine_hist.pdbx_number_atoms_lipid          ? 
_refine_hist.pdbx_number_atoms_carb           ? 
_refine_hist.pdbx_pseudo_atom_details         ? 
# 
loop_
_refine_ls_restr.pdbx_refine_id 
_refine_ls_restr.criterion 
_refine_ls_restr.dev_ideal 
_refine_ls_restr.dev_ideal_target 
_refine_ls_restr.number 
_refine_ls_restr.rejects 
_refine_ls_restr.type 
_refine_ls_restr.weight 
_refine_ls_restr.pdbx_restraint_function 
'X-RAY DIFFRACTION' ? 0.0091  ? 1232 ? f_bond_d           ? ? 
'X-RAY DIFFRACTION' ? 0.8490  ? 1666 ? f_angle_d          ? ? 
'X-RAY DIFFRACTION' ? 0.0600  ? 184  ? f_chiral_restr     ? ? 
'X-RAY DIFFRACTION' ? 0.0104  ? 232  ? f_plane_restr      ? ? 
'X-RAY DIFFRACTION' ? 14.1021 ? 475  ? f_dihedral_angle_d ? ? 
# 
loop_
_refine_ls_shell.pdbx_refine_id 
_refine_ls_shell.d_res_high 
_refine_ls_shell.d_res_low 
_refine_ls_shell.number_reflns_all 
_refine_ls_shell.number_reflns_obs 
_refine_ls_shell.number_reflns_R_free 
_refine_ls_shell.number_reflns_R_work 
_refine_ls_shell.percent_reflns_obs 
_refine_ls_shell.percent_reflns_R_free 
_refine_ls_shell.R_factor_all 
_refine_ls_shell.R_factor_obs 
_refine_ls_shell.R_factor_R_free_error 
_refine_ls_shell.R_factor_R_work 
_refine_ls_shell.redundancy_reflns_all 
_refine_ls_shell.redundancy_reflns_obs 
_refine_ls_shell.wR_factor_all 
_refine_ls_shell.wR_factor_obs 
_refine_ls_shell.wR_factor_R_free 
_refine_ls_shell.wR_factor_R_work 
_refine_ls_shell.pdbx_R_complete 
_refine_ls_shell.pdbx_total_number_of_bins_used 
_refine_ls_shell.pdbx_phase_error 
_refine_ls_shell.pdbx_fsc_work 
_refine_ls_shell.pdbx_fsc_free 
_refine_ls_shell.R_factor_R_free 
'X-RAY DIFFRACTION' 1.75 1.81  . . 137 1229 99.71  . . . . 0.3237 . . . . . . . . . . . 0.3605 
'X-RAY DIFFRACTION' 1.81 1.89  . . 137 1231 99.78  . . . . 0.2977 . . . . . . . . . . . 0.3574 
'X-RAY DIFFRACTION' 1.89 1.97  . . 136 1245 99.78  . . . . 0.2813 . . . . . . . . . . . 0.2955 
'X-RAY DIFFRACTION' 1.97 2.07  . . 141 1252 99.57  . . . . 0.2539 . . . . . . . . . . . 0.3062 
'X-RAY DIFFRACTION' 2.07 2.20  . . 138 1241 99.35  . . . . 0.2363 . . . . . . . . . . . 0.2776 
'X-RAY DIFFRACTION' 2.21 2.37  . . 138 1241 99.49  . . . . 0.2430 . . . . . . . . . . . 0.3206 
'X-RAY DIFFRACTION' 2.38 2.61  . . 140 1267 99.93  . . . . 0.2437 . . . . . . . . . . . 0.2804 
'X-RAY DIFFRACTION' 2.61 2.99  . . 142 1269 99.65  . . . . 0.2593 . . . . . . . . . . . 0.2929 
'X-RAY DIFFRACTION' 2.99 3.77  . . 144 1299 100.00 . . . . 0.2323 . . . . . . . . . . . 0.2418 
'X-RAY DIFFRACTION' 3.77 46.02 . . 153 1377 99.61  . . . . 0.2137 . . . . . . . . . . . 0.2389 
# 
_struct.entry_id                     9DEF 
_struct.title                        'The designed serine hydrolase known as win' 
_struct.pdbx_model_details           ? 
_struct.pdbx_formula_weight          ? 
_struct.pdbx_formula_weight_method   ? 
_struct.pdbx_model_type_details      ? 
_struct.pdbx_CASP_flag               N 
# 
_struct_keywords.entry_id        9DEF 
_struct_keywords.text            'serine hydrolase, designed enzyme, helical, lit, HYDROLASE' 
_struct_keywords.pdbx_keywords   HYDROLASE 
# 
loop_
_struct_asym.id 
_struct_asym.pdbx_blank_PDB_chainid_flag 
_struct_asym.pdbx_modified 
_struct_asym.entity_id 
_struct_asym.details 
A N N 1 ? 
B N N 2 ? 
C N N 3 ? 
D N N 4 ? 
# 
_struct_ref.id                         1 
_struct_ref.db_name                    PDB 
_struct_ref.db_code                    9DEF 
_struct_ref.pdbx_db_accession          9DEF 
_struct_ref.pdbx_db_isoform            ? 
_struct_ref.entity_id                  1 
_struct_ref.pdbx_seq_one_letter_code   ? 
_struct_ref.pdbx_align_begin           1 
# 
_struct_ref_seq.align_id                      1 
_struct_ref_seq.ref_id                        1 
_struct_ref_seq.pdbx_PDB_id_code              9DEF 
_struct_ref_seq.pdbx_strand_id                A 
_struct_ref_seq.seq_align_beg                 1 
_struct_ref_seq.pdbx_seq_align_beg_ins_code   ? 
_struct_ref_seq.seq_align_end                 164 
_struct_ref_seq.pdbx_seq_align_end_ins_code   ? 
_struct_ref_seq.pdbx_db_accession             9DEF 
_struct_ref_seq.db_align_beg                  -2 
_struct_ref_seq.pdbx_db_align_beg_ins_code    ? 
_struct_ref_seq.db_align_end                  161 
_struct_ref_seq.pdbx_db_align_end_ins_code    ? 
_struct_ref_seq.pdbx_auth_seq_align_beg       -2 
_struct_ref_seq.pdbx_auth_seq_align_end       161 
# 
_pdbx_struct_assembly.id                   1 
_pdbx_struct_assembly.details              author_defined_assembly 
_pdbx_struct_assembly.method_details       ? 
_pdbx_struct_assembly.oligomeric_details   monomeric 
_pdbx_struct_assembly.oligomeric_count     1 
# 
_pdbx_struct_assembly_gen.assembly_id       1 
_pdbx_struct_assembly_gen.oper_expression   1 
_pdbx_struct_assembly_gen.asym_id_list      A,B,C,D 
# 
_pdbx_struct_assembly_auth_evidence.id                     1 
_pdbx_struct_assembly_auth_evidence.assembly_id            1 
_pdbx_struct_assembly_auth_evidence.experimental_support   'gel filtration' 
_pdbx_struct_assembly_auth_evidence.details                ? 
# 
_pdbx_struct_oper_list.id                   1 
_pdbx_struct_oper_list.type                 'identity operation' 
_pdbx_struct_oper_list.name                 1_555 
_pdbx_struct_oper_list.symmetry_operation   x,y,z 
_pdbx_struct_oper_list.matrix[1][1]         1.0000000000 
_pdbx_struct_oper_list.matrix[1][2]         0.0000000000 
_pdbx_struct_oper_list.matrix[1][3]         0.0000000000 
_pdbx_struct_oper_list.vector[1]            0.0000000000 
_pdbx_struct_oper_list.matrix[2][1]         0.0000000000 
_pdbx_struct_oper_list.matrix[2][2]         1.0000000000 
_pdbx_struct_oper_list.matrix[2][3]         0.0000000000 
_pdbx_struct_oper_list.vector[2]            0.0000000000 
_pdbx_struct_oper_list.matrix[3][1]         0.0000000000 
_pdbx_struct_oper_list.matrix[3][2]         0.0000000000 
_pdbx_struct_oper_list.matrix[3][3]         1.0000000000 
_pdbx_struct_oper_list.vector[3]            0.0000000000 
# 
loop_
_struct_conf.conf_type_id 
_struct_conf.id 
_struct_conf.pdbx_PDB_helix_id 
_struct_conf.beg_label_comp_id 
_struct_conf.beg_label_asym_id 
_struct_conf.beg_label_seq_id 
_struct_conf.pdbx_beg_PDB_ins_code 
_struct_conf.end_label_comp_id 
_struct_conf.end_label_asym_id 
_struct_conf.end_label_seq_id 
_struct_conf.pdbx_end_PDB_ins_code 
_struct_conf.beg_auth_comp_id 
_struct_conf.beg_auth_asym_id 
_struct_conf.beg_auth_seq_id 
_struct_conf.end_auth_comp_id 
_struct_conf.end_auth_asym_id 
_struct_conf.end_auth_seq_id 
_struct_conf.pdbx_PDB_helix_class 
_struct_conf.details 
_struct_conf.pdbx_PDB_helix_length 
HELX_P HELX_P1 AA1 VAL A 13  ? GLY A 29  ? VAL A 10  GLY A 26  1 ? 17 
HELX_P HELX_P2 AA2 ASP A 33  ? GLY A 50  ? ASP A 30  GLY A 47  1 ? 18 
HELX_P HELX_P3 AA3 ASN A 51  ? GLU A 53  ? ASN A 48  GLU A 50  5 ? 3  
HELX_P HELX_P4 AA4 ARG A 54  ? ARG A 75  ? ARG A 51  ARG A 72  1 ? 22 
HELX_P HELX_P5 AA5 THR A 79  ? GLY A 91  ? THR A 76  GLY A 88  1 ? 13 
HELX_P HELX_P6 AA6 GLY A 91  ? ASP A 112 ? GLY A 88  ASP A 109 1 ? 22 
HELX_P HELX_P7 AA7 ASP A 112 ? ASN A 121 ? ASP A 109 ASN A 118 1 ? 10 
HELX_P HELX_P8 AA8 SER A 123 ? ARG A 140 ? SER A 120 ARG A 137 1 ? 18 
HELX_P HELX_P9 AA9 GLY A 143 ? ASN A 160 ? GLY A 140 ASN A 157 1 ? 18 
# 
_struct_conf_type.id          HELX_P 
_struct_conf_type.criteria    ? 
_struct_conf_type.reference   ? 
# 
_pdbx_entry_details.entry_id                   9DEF 
_pdbx_entry_details.has_ligand_of_interest     N 
_pdbx_entry_details.compound_details           ? 
_pdbx_entry_details.source_details             ? 
_pdbx_entry_details.nonpolymer_details         ? 
_pdbx_entry_details.sequence_details           ? 
_pdbx_entry_details.has_protein_modification   N 
# 
loop_
_pdbx_validate_torsion.id 
_pdbx_validate_torsion.PDB_model_num 
_pdbx_validate_torsion.auth_comp_id 
_pdbx_validate_torsion.auth_asym_id 
_pdbx_validate_torsion.auth_seq_id 
_pdbx_validate_torsion.PDB_ins_code 
_pdbx_validate_torsion.label_alt_id 
_pdbx_validate_torsion.phi 
_pdbx_validate_torsion.psi 
1 1 ALA A 9   ? ? -89.73  36.46 
2 1 ASP A 109 ? ? -158.05 70.52 
# 
_pdbx_struct_special_symmetry.id              1 
_pdbx_struct_special_symmetry.PDB_model_num   1 
_pdbx_struct_special_symmetry.auth_asym_id    A 
_pdbx_struct_special_symmetry.auth_comp_id    HOH 
_pdbx_struct_special_symmetry.auth_seq_id     326 
_pdbx_struct_special_symmetry.PDB_ins_code    ? 
_pdbx_struct_special_symmetry.label_asym_id   D 
_pdbx_struct_special_symmetry.label_comp_id   HOH 
_pdbx_struct_special_symmetry.label_seq_id    . 
# 
loop_
_space_group_symop.id 
_space_group_symop.operation_xyz 
1 x,y,z           
2 x+1/2,-y,-z+1/2 
3 -x,y,-z         
4 -x+1/2,-y,z+1/2 
# 
loop_
_pdbx_unobs_or_zero_occ_residues.id 
_pdbx_unobs_or_zero_occ_residues.PDB_model_num 
_pdbx_unobs_or_zero_occ_residues.polymer_flag 
_pdbx_unobs_or_zero_occ_residues.occupancy_flag 
_pdbx_unobs_or_zero_occ_residues.auth_asym_id 
_pdbx_unobs_or_zero_occ_residues.auth_comp_id 
_pdbx_unobs_or_zero_occ_residues.auth_seq_id 
_pdbx_unobs_or_zero_occ_residues.PDB_ins_code 
_pdbx_unobs_or_zero_occ_residues.label_asym_id 
_pdbx_unobs_or_zero_occ_residues.label_comp_id 
_pdbx_unobs_or_zero_occ_residues.label_seq_id 
1  1 Y 1 A MET -2  ? A MET 1   
2  1 Y 1 A SER -1  ? A SER 2   
3  1 Y 1 A GLY 0   ? A GLY 3   
4  1 Y 1 A MET 1   ? A MET 4   
5  1 Y 1 A THR 2   ? A THR 5   
6  1 Y 1 A GLU 3   ? A GLU 6   
7  1 Y 1 A GLU 4   ? A GLU 7   
8  1 Y 1 A GLU 5   ? A GLU 8   
9  1 Y 1 A LEU 6   ? A LEU 9   
10 1 Y 1 A ASP 7   ? A ASP 10  
11 1 Y 1 A GLY 159 ? A GLY 162 
12 1 Y 1 A SER 160 ? A SER 163 
13 1 Y 1 A GLY 161 ? A GLY 164 
# 
loop_
_chem_comp_atom.comp_id 
_chem_comp_atom.atom_id 
_chem_comp_atom.type_symbol 
_chem_comp_atom.pdbx_aromatic_flag 
_chem_comp_atom.pdbx_stereo_config 
_chem_comp_atom.pdbx_ordinal 
ACY C    C  N N 1   
ACY O    O  N N 2   
ACY OXT  O  N N 3   
ACY CH3  C  N N 4   
ACY HXT  H  N N 5   
ACY H1   H  N N 6   
ACY H2   H  N N 7   
ACY H3   H  N N 8   
ALA N    N  N N 9   
ALA CA   C  N S 10  
ALA C    C  N N 11  
ALA O    O  N N 12  
ALA CB   C  N N 13  
ALA OXT  O  N N 14  
ALA H    H  N N 15  
ALA H2   H  N N 16  
ALA HA   H  N N 17  
ALA HB1  H  N N 18  
ALA HB2  H  N N 19  
ALA HB3  H  N N 20  
ALA HXT  H  N N 21  
ARG N    N  N N 22  
ARG CA   C  N S 23  
ARG C    C  N N 24  
ARG O    O  N N 25  
ARG CB   C  N N 26  
ARG CG   C  N N 27  
ARG CD   C  N N 28  
ARG NE   N  N N 29  
ARG CZ   C  N N 30  
ARG NH1  N  N N 31  
ARG NH2  N  N N 32  
ARG OXT  O  N N 33  
ARG H    H  N N 34  
ARG H2   H  N N 35  
ARG HA   H  N N 36  
ARG HB2  H  N N 37  
ARG HB3  H  N N 38  
ARG HG2  H  N N 39  
ARG HG3  H  N N 40  
ARG HD2  H  N N 41  
ARG HD3  H  N N 42  
ARG HE   H  N N 43  
ARG HH11 H  N N 44  
ARG HH12 H  N N 45  
ARG HH21 H  N N 46  
ARG HH22 H  N N 47  
ARG HXT  H  N N 48  
ASN N    N  N N 49  
ASN CA   C  N S 50  
ASN C    C  N N 51  
ASN O    O  N N 52  
ASN CB   C  N N 53  
ASN CG   C  N N 54  
ASN OD1  O  N N 55  
ASN ND2  N  N N 56  
ASN OXT  O  N N 57  
ASN H    H  N N 58  
ASN H2   H  N N 59  
ASN HA   H  N N 60  
ASN HB2  H  N N 61  
ASN HB3  H  N N 62  
ASN HD21 H  N N 63  
ASN HD22 H  N N 64  
ASN HXT  H  N N 65  
ASP N    N  N N 66  
ASP CA   C  N S 67  
ASP C    C  N N 68  
ASP O    O  N N 69  
ASP CB   C  N N 70  
ASP CG   C  N N 71  
ASP OD1  O  N N 72  
ASP OD2  O  N N 73  
ASP OXT  O  N N 74  
ASP H    H  N N 75  
ASP H2   H  N N 76  
ASP HA   H  N N 77  
ASP HB2  H  N N 78  
ASP HB3  H  N N 79  
ASP HD2  H  N N 80  
ASP HXT  H  N N 81  
CL  CL   CL N N 82  
GLN N    N  N N 83  
GLN CA   C  N S 84  
GLN C    C  N N 85  
GLN O    O  N N 86  
GLN CB   C  N N 87  
GLN CG   C  N N 88  
GLN CD   C  N N 89  
GLN OE1  O  N N 90  
GLN NE2  N  N N 91  
GLN OXT  O  N N 92  
GLN H    H  N N 93  
GLN H2   H  N N 94  
GLN HA   H  N N 95  
GLN HB2  H  N N 96  
GLN HB3  H  N N 97  
GLN HG2  H  N N 98  
GLN HG3  H  N N 99  
GLN HE21 H  N N 100 
GLN HE22 H  N N 101 
GLN HXT  H  N N 102 
GLU N    N  N N 103 
GLU CA   C  N S 104 
GLU C    C  N N 105 
GLU O    O  N N 106 
GLU CB   C  N N 107 
GLU CG   C  N N 108 
GLU CD   C  N N 109 
GLU OE1  O  N N 110 
GLU OE2  O  N N 111 
GLU OXT  O  N N 112 
GLU H    H  N N 113 
GLU H2   H  N N 114 
GLU HA   H  N N 115 
GLU HB2  H  N N 116 
GLU HB3  H  N N 117 
GLU HG2  H  N N 118 
GLU HG3  H  N N 119 
GLU HE2  H  N N 120 
GLU HXT  H  N N 121 
GLY N    N  N N 122 
GLY CA   C  N N 123 
GLY C    C  N N 124 
GLY O    O  N N 125 
GLY OXT  O  N N 126 
GLY H    H  N N 127 
GLY H2   H  N N 128 
GLY HA2  H  N N 129 
GLY HA3  H  N N 130 
GLY HXT  H  N N 131 
HIS N    N  N N 132 
HIS CA   C  N S 133 
HIS C    C  N N 134 
HIS O    O  N N 135 
HIS CB   C  N N 136 
HIS CG   C  Y N 137 
HIS ND1  N  Y N 138 
HIS CD2  C  Y N 139 
HIS CE1  C  Y N 140 
HIS NE2  N  Y N 141 
HIS OXT  O  N N 142 
HIS H    H  N N 143 
HIS H2   H  N N 144 
HIS HA   H  N N 145 
HIS HB2  H  N N 146 
HIS HB3  H  N N 147 
HIS HD1  H  N N 148 
HIS HD2  H  N N 149 
HIS HE1  H  N N 150 
HIS HE2  H  N N 151 
HIS HXT  H  N N 152 
HOH O    O  N N 153 
HOH H1   H  N N 154 
HOH H2   H  N N 155 
ILE N    N  N N 156 
ILE CA   C  N S 157 
ILE C    C  N N 158 
ILE O    O  N N 159 
ILE CB   C  N S 160 
ILE CG1  C  N N 161 
ILE CG2  C  N N 162 
ILE CD1  C  N N 163 
ILE OXT  O  N N 164 
ILE H    H  N N 165 
ILE H2   H  N N 166 
ILE HA   H  N N 167 
ILE HB   H  N N 168 
ILE HG12 H  N N 169 
ILE HG13 H  N N 170 
ILE HG21 H  N N 171 
ILE HG22 H  N N 172 
ILE HG23 H  N N 173 
ILE HD11 H  N N 174 
ILE HD12 H  N N 175 
ILE HD13 H  N N 176 
ILE HXT  H  N N 177 
LEU N    N  N N 178 
LEU CA   C  N S 179 
LEU C    C  N N 180 
LEU O    O  N N 181 
LEU CB   C  N N 182 
LEU CG   C  N N 183 
LEU CD1  C  N N 184 
LEU CD2  C  N N 185 
LEU OXT  O  N N 186 
LEU H    H  N N 187 
LEU H2   H  N N 188 
LEU HA   H  N N 189 
LEU HB2  H  N N 190 
LEU HB3  H  N N 191 
LEU HG   H  N N 192 
LEU HD11 H  N N 193 
LEU HD12 H  N N 194 
LEU HD13 H  N N 195 
LEU HD21 H  N N 196 
LEU HD22 H  N N 197 
LEU HD23 H  N N 198 
LEU HXT  H  N N 199 
LYS N    N  N N 200 
LYS CA   C  N S 201 
LYS C    C  N N 202 
LYS O    O  N N 203 
LYS CB   C  N N 204 
LYS CG   C  N N 205 
LYS CD   C  N N 206 
LYS CE   C  N N 207 
LYS NZ   N  N N 208 
LYS OXT  O  N N 209 
LYS H    H  N N 210 
LYS H2   H  N N 211 
LYS HA   H  N N 212 
LYS HB2  H  N N 213 
LYS HB3  H  N N 214 
LYS HG2  H  N N 215 
LYS HG3  H  N N 216 
LYS HD2  H  N N 217 
LYS HD3  H  N N 218 
LYS HE2  H  N N 219 
LYS HE3  H  N N 220 
LYS HZ1  H  N N 221 
LYS HZ2  H  N N 222 
LYS HZ3  H  N N 223 
LYS HXT  H  N N 224 
MET N    N  N N 225 
MET CA   C  N S 226 
MET C    C  N N 227 
MET O    O  N N 228 
MET CB   C  N N 229 
MET CG   C  N N 230 
MET SD   S  N N 231 
MET CE   C  N N 232 
MET OXT  O  N N 233 
MET H    H  N N 234 
MET H2   H  N N 235 
MET HA   H  N N 236 
MET HB2  H  N N 237 
MET HB3  H  N N 238 
MET HG2  H  N N 239 
MET HG3  H  N N 240 
MET HE1  H  N N 241 
MET HE2  H  N N 242 
MET HE3  H  N N 243 
MET HXT  H  N N 244 
PHE N    N  N N 245 
PHE CA   C  N S 246 
PHE C    C  N N 247 
PHE O    O  N N 248 
PHE CB   C  N N 249 
PHE CG   C  Y N 250 
PHE CD1  C  Y N 251 
PHE CD2  C  Y N 252 
PHE CE1  C  Y N 253 
PHE CE2  C  Y N 254 
PHE CZ   C  Y N 255 
PHE OXT  O  N N 256 
PHE H    H  N N 257 
PHE H2   H  N N 258 
PHE HA   H  N N 259 
PHE HB2  H  N N 260 
PHE HB3  H  N N 261 
PHE HD1  H  N N 262 
PHE HD2  H  N N 263 
PHE HE1  H  N N 264 
PHE HE2  H  N N 265 
PHE HZ   H  N N 266 
PHE HXT  H  N N 267 
PRO N    N  N N 268 
PRO CA   C  N S 269 
PRO C    C  N N 270 
PRO O    O  N N 271 
PRO CB   C  N N 272 
PRO CG   C  N N 273 
PRO CD   C  N N 274 
PRO OXT  O  N N 275 
PRO H    H  N N 276 
PRO HA   H  N N 277 
PRO HB2  H  N N 278 
PRO HB3  H  N N 279 
PRO HG2  H  N N 280 
PRO HG3  H  N N 281 
PRO HD2  H  N N 282 
PRO HD3  H  N N 283 
PRO HXT  H  N N 284 
SER N    N  N N 285 
SER CA   C  N S 286 
SER C    C  N N 287 
SER O    O  N N 288 
SER CB   C  N N 289 
SER OG   O  N N 290 
SER OXT  O  N N 291 
SER H    H  N N 292 
SER H2   H  N N 293 
SER HA   H  N N 294 
SER HB2  H  N N 295 
SER HB3  H  N N 296 
SER HG   H  N N 297 
SER HXT  H  N N 298 
THR N    N  N N 299 
THR CA   C  N S 300 
THR C    C  N N 301 
THR O    O  N N 302 
THR CB   C  N R 303 
THR OG1  O  N N 304 
THR CG2  C  N N 305 
THR OXT  O  N N 306 
THR H    H  N N 307 
THR H2   H  N N 308 
THR HA   H  N N 309 
THR HB   H  N N 310 
THR HG1  H  N N 311 
THR HG21 H  N N 312 
THR HG22 H  N N 313 
THR HG23 H  N N 314 
THR HXT  H  N N 315 
VAL N    N  N N 316 
VAL CA   C  N S 317 
VAL C    C  N N 318 
VAL O    O  N N 319 
VAL CB   C  N N 320 
VAL CG1  C  N N 321 
VAL CG2  C  N N 322 
VAL OXT  O  N N 323 
VAL H    H  N N 324 
VAL H2   H  N N 325 
VAL HA   H  N N 326 
VAL HB   H  N N 327 
VAL HG11 H  N N 328 
VAL HG12 H  N N 329 
VAL HG13 H  N N 330 
VAL HG21 H  N N 331 
VAL HG22 H  N N 332 
VAL HG23 H  N N 333 
VAL HXT  H  N N 334 
# 
loop_
_chem_comp_bond.comp_id 
_chem_comp_bond.atom_id_1 
_chem_comp_bond.atom_id_2 
_chem_comp_bond.value_order 
_chem_comp_bond.pdbx_aromatic_flag 
_chem_comp_bond.pdbx_stereo_config 
_chem_comp_bond.pdbx_ordinal 
ACY C   O    doub N N 1   
ACY C   OXT  sing N N 2   
ACY C   CH3  sing N N 3   
ACY OXT HXT  sing N N 4   
ACY CH3 H1   sing N N 5   
ACY CH3 H2   sing N N 6   
ACY CH3 H3   sing N N 7   
ALA N   CA   sing N N 8   
ALA N   H    sing N N 9   
ALA N   H2   sing N N 10  
ALA CA  C    sing N N 11  
ALA CA  CB   sing N N 12  
ALA CA  HA   sing N N 13  
ALA C   O    doub N N 14  
ALA C   OXT  sing N N 15  
ALA CB  HB1  sing N N 16  
ALA CB  HB2  sing N N 17  
ALA CB  HB3  sing N N 18  
ALA OXT HXT  sing N N 19  
ARG N   CA   sing N N 20  
ARG N   H    sing N N 21  
ARG N   H2   sing N N 22  
ARG CA  C    sing N N 23  
ARG CA  CB   sing N N 24  
ARG CA  HA   sing N N 25  
ARG C   O    doub N N 26  
ARG C   OXT  sing N N 27  
ARG CB  CG   sing N N 28  
ARG CB  HB2  sing N N 29  
ARG CB  HB3  sing N N 30  
ARG CG  CD   sing N N 31  
ARG CG  HG2  sing N N 32  
ARG CG  HG3  sing N N 33  
ARG CD  NE   sing N N 34  
ARG CD  HD2  sing N N 35  
ARG CD  HD3  sing N N 36  
ARG NE  CZ   sing N N 37  
ARG NE  HE   sing N N 38  
ARG CZ  NH1  sing N N 39  
ARG CZ  NH2  doub N N 40  
ARG NH1 HH11 sing N N 41  
ARG NH1 HH12 sing N N 42  
ARG NH2 HH21 sing N N 43  
ARG NH2 HH22 sing N N 44  
ARG OXT HXT  sing N N 45  
ASN N   CA   sing N N 46  
ASN N   H    sing N N 47  
ASN N   H2   sing N N 48  
ASN CA  C    sing N N 49  
ASN CA  CB   sing N N 50  
ASN CA  HA   sing N N 51  
ASN C   O    doub N N 52  
ASN C   OXT  sing N N 53  
ASN CB  CG   sing N N 54  
ASN CB  HB2  sing N N 55  
ASN CB  HB3  sing N N 56  
ASN CG  OD1  doub N N 57  
ASN CG  ND2  sing N N 58  
ASN ND2 HD21 sing N N 59  
ASN ND2 HD22 sing N N 60  
ASN OXT HXT  sing N N 61  
ASP N   CA   sing N N 62  
ASP N   H    sing N N 63  
ASP N   H2   sing N N 64  
ASP CA  C    sing N N 65  
ASP CA  CB   sing N N 66  
ASP CA  HA   sing N N 67  
ASP C   O    doub N N 68  
ASP C   OXT  sing N N 69  
ASP CB  CG   sing N N 70  
ASP CB  HB2  sing N N 71  
ASP CB  HB3  sing N N 72  
ASP CG  OD1  doub N N 73  
ASP CG  OD2  sing N N 74  
ASP OD2 HD2  sing N N 75  
ASP OXT HXT  sing N N 76  
GLN N   CA   sing N N 77  
GLN N   H    sing N N 78  
GLN N   H2   sing N N 79  
GLN CA  C    sing N N 80  
GLN CA  CB   sing N N 81  
GLN CA  HA   sing N N 82  
GLN C   O    doub N N 83  
GLN C   OXT  sing N N 84  
GLN CB  CG   sing N N 85  
GLN CB  HB2  sing N N 86  
GLN CB  HB3  sing N N 87  
GLN CG  CD   sing N N 88  
GLN CG  HG2  sing N N 89  
GLN CG  HG3  sing N N 90  
GLN CD  OE1  doub N N 91  
GLN CD  NE2  sing N N 92  
GLN NE2 HE21 sing N N 93  
GLN NE2 HE22 sing N N 94  
GLN OXT HXT  sing N N 95  
GLU N   CA   sing N N 96  
GLU N   H    sing N N 97  
GLU N   H2   sing N N 98  
GLU CA  C    sing N N 99  
GLU CA  CB   sing N N 100 
GLU CA  HA   sing N N 101 
GLU C   O    doub N N 102 
GLU C   OXT  sing N N 103 
GLU CB  CG   sing N N 104 
GLU CB  HB2  sing N N 105 
GLU CB  HB3  sing N N 106 
GLU CG  CD   sing N N 107 
GLU CG  HG2  sing N N 108 
GLU CG  HG3  sing N N 109 
GLU CD  OE1  doub N N 110 
GLU CD  OE2  sing N N 111 
GLU OE2 HE2  sing N N 112 
GLU OXT HXT  sing N N 113 
GLY N   CA   sing N N 114 
GLY N   H    sing N N 115 
GLY N   H2   sing N N 116 
GLY CA  C    sing N N 117 
GLY CA  HA2  sing N N 118 
GLY CA  HA3  sing N N 119 
GLY C   O    doub N N 120 
GLY C   OXT  sing N N 121 
GLY OXT HXT  sing N N 122 
HIS N   CA   sing N N 123 
HIS N   H    sing N N 124 
HIS N   H2   sing N N 125 
HIS CA  C    sing N N 126 
HIS CA  CB   sing N N 127 
HIS CA  HA   sing N N 128 
HIS C   O    doub N N 129 
HIS C   OXT  sing N N 130 
HIS CB  CG   sing N N 131 
HIS CB  HB2  sing N N 132 
HIS CB  HB3  sing N N 133 
HIS CG  ND1  sing Y N 134 
HIS CG  CD2  doub Y N 135 
HIS ND1 CE1  doub Y N 136 
HIS ND1 HD1  sing N N 137 
HIS CD2 NE2  sing Y N 138 
HIS CD2 HD2  sing N N 139 
HIS CE1 NE2  sing Y N 140 
HIS CE1 HE1  sing N N 141 
HIS NE2 HE2  sing N N 142 
HIS OXT HXT  sing N N 143 
HOH O   H1   sing N N 144 
HOH O   H2   sing N N 145 
ILE N   CA   sing N N 146 
ILE N   H    sing N N 147 
ILE N   H2   sing N N 148 
ILE CA  C    sing N N 149 
ILE CA  CB   sing N N 150 
ILE CA  HA   sing N N 151 
ILE C   O    doub N N 152 
ILE C   OXT  sing N N 153 
ILE CB  CG1  sing N N 154 
ILE CB  CG2  sing N N 155 
ILE CB  HB   sing N N 156 
ILE CG1 CD1  sing N N 157 
ILE CG1 HG12 sing N N 158 
ILE CG1 HG13 sing N N 159 
ILE CG2 HG21 sing N N 160 
ILE CG2 HG22 sing N N 161 
ILE CG2 HG23 sing N N 162 
ILE CD1 HD11 sing N N 163 
ILE CD1 HD12 sing N N 164 
ILE CD1 HD13 sing N N 165 
ILE OXT HXT  sing N N 166 
LEU N   CA   sing N N 167 
LEU N   H    sing N N 168 
LEU N   H2   sing N N 169 
LEU CA  C    sing N N 170 
LEU CA  CB   sing N N 171 
LEU CA  HA   sing N N 172 
LEU C   O    doub N N 173 
LEU C   OXT  sing N N 174 
LEU CB  CG   sing N N 175 
LEU CB  HB2  sing N N 176 
LEU CB  HB3  sing N N 177 
LEU CG  CD1  sing N N 178 
LEU CG  CD2  sing N N 179 
LEU CG  HG   sing N N 180 
LEU CD1 HD11 sing N N 181 
LEU CD1 HD12 sing N N 182 
LEU CD1 HD13 sing N N 183 
LEU CD2 HD21 sing N N 184 
LEU CD2 HD22 sing N N 185 
LEU CD2 HD23 sing N N 186 
LEU OXT HXT  sing N N 187 
LYS N   CA   sing N N 188 
LYS N   H    sing N N 189 
LYS N   H2   sing N N 190 
LYS CA  C    sing N N 191 
LYS CA  CB   sing N N 192 
LYS CA  HA   sing N N 193 
LYS C   O    doub N N 194 
LYS C   OXT  sing N N 195 
LYS CB  CG   sing N N 196 
LYS CB  HB2  sing N N 197 
LYS CB  HB3  sing N N 198 
LYS CG  CD   sing N N 199 
LYS CG  HG2  sing N N 200 
LYS CG  HG3  sing N N 201 
LYS CD  CE   sing N N 202 
LYS CD  HD2  sing N N 203 
LYS CD  HD3  sing N N 204 
LYS CE  NZ   sing N N 205 
LYS CE  HE2  sing N N 206 
LYS CE  HE3  sing N N 207 
LYS NZ  HZ1  sing N N 208 
LYS NZ  HZ2  sing N N 209 
LYS NZ  HZ3  sing N N 210 
LYS OXT HXT  sing N N 211 
MET N   CA   sing N N 212 
MET N   H    sing N N 213 
MET N   H2   sing N N 214 
MET CA  C    sing N N 215 
MET CA  CB   sing N N 216 
MET CA  HA   sing N N 217 
MET C   O    doub N N 218 
MET C   OXT  sing N N 219 
MET CB  CG   sing N N 220 
MET CB  HB2  sing N N 221 
MET CB  HB3  sing N N 222 
MET CG  SD   sing N N 223 
MET CG  HG2  sing N N 224 
MET CG  HG3  sing N N 225 
MET SD  CE   sing N N 226 
MET CE  HE1  sing N N 227 
MET CE  HE2  sing N N 228 
MET CE  HE3  sing N N 229 
MET OXT HXT  sing N N 230 
PHE N   CA   sing N N 231 
PHE N   H    sing N N 232 
PHE N   H2   sing N N 233 
PHE CA  C    sing N N 234 
PHE CA  CB   sing N N 235 
PHE CA  HA   sing N N 236 
PHE C   O    doub N N 237 
PHE C   OXT  sing N N 238 
PHE CB  CG   sing N N 239 
PHE CB  HB2  sing N N 240 
PHE CB  HB3  sing N N 241 
PHE CG  CD1  doub Y N 242 
PHE CG  CD2  sing Y N 243 
PHE CD1 CE1  sing Y N 244 
PHE CD1 HD1  sing N N 245 
PHE CD2 CE2  doub Y N 246 
PHE CD2 HD2  sing N N 247 
PHE CE1 CZ   doub Y N 248 
PHE CE1 HE1  sing N N 249 
PHE CE2 CZ   sing Y N 250 
PHE CE2 HE2  sing N N 251 
PHE CZ  HZ   sing N N 252 
PHE OXT HXT  sing N N 253 
PRO N   CA   sing N N 254 
PRO N   CD   sing N N 255 
PRO N   H    sing N N 256 
PRO CA  C    sing N N 257 
PRO CA  CB   sing N N 258 
PRO CA  HA   sing N N 259 
PRO C   O    doub N N 260 
PRO C   OXT  sing N N 261 
PRO CB  CG   sing N N 262 
PRO CB  HB2  sing N N 263 
PRO CB  HB3  sing N N 264 
PRO CG  CD   sing N N 265 
PRO CG  HG2  sing N N 266 
PRO CG  HG3  sing N N 267 
PRO CD  HD2  sing N N 268 
PRO CD  HD3  sing N N 269 
PRO OXT HXT  sing N N 270 
SER N   CA   sing N N 271 
SER N   H    sing N N 272 
SER N   H2   sing N N 273 
SER CA  C    sing N N 274 
SER CA  CB   sing N N 275 
SER CA  HA   sing N N 276 
SER C   O    doub N N 277 
SER C   OXT  sing N N 278 
SER CB  OG   sing N N 279 
SER CB  HB2  sing N N 280 
SER CB  HB3  sing N N 281 
SER OG  HG   sing N N 282 
SER OXT HXT  sing N N 283 
THR N   CA   sing N N 284 
THR N   H    sing N N 285 
THR N   H2   sing N N 286 
THR CA  C    sing N N 287 
THR CA  CB   sing N N 288 
THR CA  HA   sing N N 289 
THR C   O    doub N N 290 
THR C   OXT  sing N N 291 
THR CB  OG1  sing N N 292 
THR CB  CG2  sing N N 293 
THR CB  HB   sing N N 294 
THR OG1 HG1  sing N N 295 
THR CG2 HG21 sing N N 296 
THR CG2 HG22 sing N N 297 
THR CG2 HG23 sing N N 298 
THR OXT HXT  sing N N 299 
VAL N   CA   sing N N 300 
VAL N   H    sing N N 301 
VAL N   H2   sing N N 302 
VAL CA  C    sing N N 303 
VAL CA  CB   sing N N 304 
VAL CA  HA   sing N N 305 
VAL C   O    doub N N 306 
VAL C   OXT  sing N N 307 
VAL CB  CG1  sing N N 308 
VAL CB  CG2  sing N N 309 
VAL CB  HB   sing N N 310 
VAL CG1 HG11 sing N N 311 
VAL CG1 HG12 sing N N 312 
VAL CG1 HG13 sing N N 313 
VAL CG2 HG21 sing N N 314 
VAL CG2 HG22 sing N N 315 
VAL CG2 HG23 sing N N 316 
VAL OXT HXT  sing N N 317 
# 
loop_
_pdbx_audit_support.funding_organization 
_pdbx_audit_support.country 
_pdbx_audit_support.grant_number 
_pdbx_audit_support.ordinal 
'Howard Hughes Medical Institute (HHMI)'                                                   'United States' ? 1 
'National Institutes of Health/National Institute of General Medical Sciences (NIH/NIGMS)' 'United States' ? 2 
'Defense Advanced Research Projects Agency (DARPA)'                                        'United States' ? 3 
'Defense Threat Reduction Agency (DTRA)'                                                   'United States' ? 4 
'Other private'                                                                            ?               ? 5 
# 
_pdbx_initial_refinement_model.id               1 
_pdbx_initial_refinement_model.entity_id_list   ? 
_pdbx_initial_refinement_model.type             'in silico model' 
_pdbx_initial_refinement_model.source_name      AlphaFold 
_pdbx_initial_refinement_model.accession_code   ? 
_pdbx_initial_refinement_model.details          ? 
# 
_space_group.name_H-M_alt     'P 21 2 21' 
_space_group.name_Hall        'P 2 2ab (y,z,x)' 
_space_group.IT_number        18 
_space_group.crystal_system   orthorhombic 
_space_group.id               1 
# 
_atom_sites.entry_id                    9DEF 
_atom_sites.Cartn_transf_matrix[1][1]   ? 
_atom_sites.Cartn_transf_matrix[1][2]   ? 
_atom_sites.Cartn_transf_matrix[1][3]   ? 
_atom_sites.Cartn_transf_matrix[2][1]   ? 
_atom_sites.Cartn_transf_matrix[2][2]   ? 
_atom_sites.Cartn_transf_matrix[2][3]   ? 
_atom_sites.Cartn_transf_matrix[3][1]   ? 
_atom_sites.Cartn_transf_matrix[3][2]   ? 
_atom_sites.Cartn_transf_matrix[3][3]   ? 
_atom_sites.Cartn_transf_vector[1]      ? 
_atom_sites.Cartn_transf_vector[2]      ? 
_atom_sites.Cartn_transf_vector[3]      ? 
_atom_sites.Cartn_transform_axes        ? 
_atom_sites.fract_transf_matrix[1][1]   0.00818746 
_atom_sites.fract_transf_matrix[1][2]   -0.01337991 
_atom_sites.fract_transf_matrix[1][3]   -0.02800173 
_atom_sites.fract_transf_matrix[2][1]   -0.00159308 
_atom_sites.fract_transf_matrix[2][2]   0.01936907 
_atom_sites.fract_transf_matrix[2][3]   -0.00972082 
_atom_sites.fract_transf_matrix[3][1]   0.01037407 
_atom_sites.fract_transf_matrix[3][2]   0.00191609 
_atom_sites.fract_transf_matrix[3][3]   0.00211774 
_atom_sites.fract_transf_vector[1]      0.155675 
_atom_sites.fract_transf_vector[2]      -0.263196 
_atom_sites.fract_transf_vector[3]      -0.183022 
_atom_sites.solution_primary            ? 
_atom_sites.solution_secondary          ? 
_atom_sites.solution_hydrogens          ? 
_atom_sites.special_details             ? 
# 
loop_
_atom_type.symbol 
_atom_type.scat_dispersion_real 
_atom_type.scat_dispersion_imag 
_atom_type.scat_Cromer_Mann_a1 
_atom_type.scat_Cromer_Mann_a2 
_atom_type.scat_Cromer_Mann_a3 
_atom_type.scat_Cromer_Mann_a4 
_atom_type.scat_Cromer_Mann_b1 
_atom_type.scat_Cromer_Mann_b2 
_atom_type.scat_Cromer_Mann_b3 
_atom_type.scat_Cromer_Mann_b4 
_atom_type.scat_Cromer_Mann_c 
_atom_type.scat_source 
_atom_type.scat_dispersion_source 
C   ? ? 3.54356 2.42580 ? ? 25.62398 1.50364  ? ? 0.0 
;2-Gaussian fit: Grosse-Kunstleve RW, Sauter NK, Adams PD: Newsletter of the IUCr Commission on Crystallographic Computing 2004, 3, 22-31.
;
? 
CL  ? ? 9.50761 7.44341 ? ? 1.04373  23.83732 ? ? 0.0 
;2-Gaussian fit: Grosse-Kunstleve RW, Sauter NK, Adams PD: Newsletter of the IUCr Commission on Crystallographic Computing 2004, 3, 22-31.
;
? 
N   ? ? 4.01032 2.96436 ? ? 19.97189 1.75589  ? ? 0.0 
;2-Gaussian fit: Grosse-Kunstleve RW, Sauter NK, Adams PD: Newsletter of the IUCr Commission on Crystallographic Computing 2004, 3, 22-31.
;
? 
O   ? ? 4.49882 3.47563 ? ? 15.80542 1.70748  ? ? 0.0 
;2-Gaussian fit: Grosse-Kunstleve RW, Sauter NK, Adams PD: Newsletter of the IUCr Commission on Crystallographic Computing 2004, 3, 22-31.
;
? 
O1- ? ? 5.12366 3.84317 ? ? 3.49406  27.47979 ? ? 0.0 
;2-Gaussian fit: Grosse-Kunstleve RW, Sauter NK, Adams PD: Newsletter of the IUCr Commission on Crystallographic Computing 2004, 3, 22-31.
;
? 
# 
loop_
_atom_site.group_PDB 
_atom_site.id 
_atom_site.type_symbol 
_atom_site.label_atom_id 
_atom_site.label_alt_id 
_atom_site.label_comp_id 
_atom_site.label_asym_id 
_atom_site.label_entity_id 
_atom_site.label_seq_id 
_atom_site.pdbx_PDB_ins_code 
_atom_site.Cartn_x 
_atom_site.Cartn_y 
_atom_site.Cartn_z 
_atom_site.occupancy 
_atom_site.B_iso_or_equiv 
_atom_site.pdbx_formal_charge 
_atom_site.auth_seq_id 
_atom_site.auth_comp_id 
_atom_site.auth_asym_id 
_atom_site.auth_atom_id 
_atom_site.pdbx_PDB_model_num 
ATOM   1    N  N   . GLN A 1 11  ? 8.22457   15.69601  -4.04030  1.000 71.18214 ?  8   GLN A N   1 
ATOM   2    C  CA  . GLN A 1 11  ? 9.38163   15.44908  -4.89182  1.000 62.66315 ?  8   GLN A CA  1 
ATOM   3    C  C   . GLN A 1 11  ? 9.07097   14.46814  -6.00860  1.000 66.25763 ?  8   GLN A C   1 
ATOM   4    O  O   . GLN A 1 11  ? 7.94273   14.39079  -6.49868  1.000 71.58457 ?  8   GLN A O   1 
ATOM   5    C  CB  . GLN A 1 11  ? 10.54770  14.90565  -4.07114  1.000 62.18374 ?  8   GLN A CB  1 
ATOM   6    C  CG  . GLN A 1 11  ? 11.02265  15.80562  -2.95932  1.000 64.41495 ?  8   GLN A CG  1 
ATOM   7    C  CD  . GLN A 1 11  ? 12.23121  15.22826  -2.26016  1.000 66.24645 ?  8   GLN A CD  1 
ATOM   8    O  OE1 . GLN A 1 11  ? 13.11733  14.66620  -2.90163  1.000 63.57976 ?  8   GLN A OE1 1 
ATOM   9    N  NE2 . GLN A 1 11  ? 12.26770  15.34878  -0.93735  1.000 68.13960 ?  8   GLN A NE2 1 
ATOM   10   N  N   . ALA A 1 12  ? 10.09572  13.72151  -6.41017  1.000 66.89324 ?  9   ALA A N   1 
ATOM   11   C  CA  . ALA A 1 12  ? 9.95549   12.64086  -7.38248  1.000 63.72799 ?  9   ALA A CA  1 
ATOM   12   C  C   . ALA A 1 12  ? 9.64244   11.31476  -6.71200  1.000 63.41630 ?  9   ALA A C   1 
ATOM   13   O  O   . ALA A 1 12  ? 10.11483  10.26226  -7.15414  1.000 54.68866 ?  9   ALA A O   1 
ATOM   14   C  CB  . ALA A 1 12  ? 11.21999  12.53816  -8.23025  1.000 61.93470 ?  9   ALA A CB  1 
ATOM   15   N  N   . VAL A 1 13  ? 8.84632   11.34069  -5.64017  1.000 62.29204 ?  10  VAL A N   1 
ATOM   16   C  CA  . VAL A 1 13  ? 8.44701   10.13208  -4.92267  1.000 62.09749 ?  10  VAL A CA  1 
ATOM   17   C  C   . VAL A 1 13  ? 7.22444   9.52196   -5.59151  1.000 55.26920 ?  10  VAL A C   1 
ATOM   18   O  O   . VAL A 1 13  ? 6.61398   8.58381   -5.06499  1.000 46.99800 ?  10  VAL A O   1 
ATOM   19   C  CB  . VAL A 1 13  ? 8.16291   10.41799  -3.43908  1.000 59.63930 ?  10  VAL A CB  1 
ATOM   20   C  CG1 . VAL A 1 13  ? 9.40652   10.96748  -2.76261  1.000 69.85940 ?  10  VAL A CG1 1 
ATOM   21   C  CG2 . VAL A 1 13  ? 6.98775   11.37772  -3.30136  1.000 62.52731 ?  10  VAL A CG2 1 
ATOM   22   N  N   . GLU A 1 14  ? 6.84190   10.06189  -6.74652  1.000 59.33762 ?  11  GLU A N   1 
ATOM   23   C  CA  . GLU A 1 14  ? 5.96507   9.29691   -7.61738  1.000 59.81351 ?  11  GLU A CA  1 
ATOM   24   C  C   . GLU A 1 14  ? 6.67490   8.09166   -8.21054  1.000 50.52327 ?  11  GLU A C   1 
ATOM   25   O  O   . GLU A 1 14  ? 6.01820   7.25527   -8.83506  1.000 52.71062 ?  11  GLU A O   1 
ATOM   26   C  CB  . GLU A 1 14  ? 5.40508   10.18137  -8.72297  1.000 59.84964 ?  11  GLU A CB  1 
ATOM   27   C  CG  . GLU A 1 14  ? 4.28136   11.08610  -8.25395  1.000 62.17846 ?  11  GLU A CG  1 
ATOM   28   C  CD  . GLU A 1 14  ? 3.91156   12.11367  -9.29781  1.000 62.19690 ?  11  GLU A CD  1 
ATOM   29   O  OE1 . GLU A 1 14  ? 4.81734   12.85072  -9.73245  1.000 71.07630 ?  11  GLU A OE1 1 
ATOM   30   O  OE2 . GLU A 1 14  ? 2.72518   12.17896  -9.69308  1.000 53.78301 -1 11  GLU A OE2 1 
ATOM   31   N  N   . ASP A 1 15  ? 7.99850   8.00224   -8.04901  1.000 49.55475 ?  12  ASP A N   1 
ATOM   32   C  CA  . ASP A 1 15  ? 8.68888   6.73984   -8.27669  1.000 57.93935 ?  12  ASP A CA  1 
ATOM   33   C  C   . ASP A 1 15  ? 8.15329   5.66442   -7.34747  1.000 52.81104 ?  12  ASP A C   1 
ATOM   34   O  O   . ASP A 1 15  ? 7.88471   4.53674   -7.77548  1.000 47.90277 ?  12  ASP A O   1 
ATOM   35   C  CB  . ASP A 1 15  ? 10.19246  6.90932   -8.06246  1.000 61.35293 ?  12  ASP A CB  1 
ATOM   36   C  CG  . ASP A 1 15  ? 10.87193  7.60639   -9.21700  1.000 67.49669 ?  12  ASP A CG  1 
ATOM   37   O  OD1 . ASP A 1 15  ? 10.17080  7.98872   -10.17780 1.000 70.49247 ?  12  ASP A OD1 1 
ATOM   38   O  OD2 . ASP A 1 15  ? 12.11000  7.76624   -9.16176  1.000 70.71656 -1 12  ASP A OD2 1 
ATOM   39   N  N   . PHE A 1 16  ? 7.98224   6.00345   -6.06940  1.000 46.06540 ?  13  PHE A N   1 
ATOM   40   C  CA  . PHE A 1 16  ? 7.43873   5.04408   -5.12000  1.000 46.53745 ?  13  PHE A CA  1 
ATOM   41   C  C   . PHE A 1 16  ? 6.06386   4.56402   -5.55167  1.000 36.77282 ?  13  PHE A C   1 
ATOM   42   O  O   . PHE A 1 16  ? 5.79424   3.36068   -5.57589  1.000 40.37143 ?  13  PHE A O   1 
ATOM   43   C  CB  . PHE A 1 16  ? 7.35183   5.65333   -3.72638  1.000 41.36949 ?  13  PHE A CB  1 
ATOM   44   C  CG  . PHE A 1 16  ? 6.51998   4.83757   -2.79007  1.000 41.36752 ?  13  PHE A CG  1 
ATOM   45   C  CD1 . PHE A 1 16  ? 7.05627   3.71973   -2.17020  1.000 36.35555 ?  13  PHE A CD1 1 
ATOM   46   C  CD2 . PHE A 1 16  ? 5.18445   5.14871   -2.57044  1.000 34.20515 ?  13  PHE A CD2 1 
ATOM   47   C  CE1 . PHE A 1 16  ? 6.28958   2.94269   -1.32389  1.000 44.46987 ?  13  PHE A CE1 1 
ATOM   48   C  CE2 . PHE A 1 16  ? 4.41084   4.37090   -1.72006  1.000 35.00229 ?  13  PHE A CE2 1 
ATOM   49   C  CZ  . PHE A 1 16  ? 4.95983   3.27678   -1.09749  1.000 37.78416 ?  13  PHE A CZ  1 
ATOM   50   N  N   . LEU A 1 17  ? 5.17025   5.49826   -5.87078  1.000 35.89191 ?  14  LEU A N   1 
ATOM   51   C  CA  . LEU A 1 17  ? 3.79876   5.12226   -6.18956  1.000 39.48522 ?  14  LEU A CA  1 
ATOM   52   C  C   . LEU A 1 17  ? 3.72908   4.25899   -7.43997  1.000 37.03549 ?  14  LEU A C   1 
ATOM   53   O  O   . LEU A 1 17  ? 2.84067   3.40495   -7.55872  1.000 32.89039 ?  14  LEU A O   1 
ATOM   54   C  CB  . LEU A 1 17  ? 2.94484   6.37539   -6.35143  1.000 36.88904 ?  14  LEU A CB  1 
ATOM   55   C  CG  . LEU A 1 17  ? 2.61002   7.18431   -5.10278  1.000 31.22329 ?  14  LEU A CG  1 
ATOM   56   C  CD1 . LEU A 1 17  ? 2.02157   8.53167   -5.50714  1.000 38.20466 ?  14  LEU A CD1 1 
ATOM   57   C  CD2 . LEU A 1 17  ? 1.63448   6.41090   -4.21726  1.000 33.91532 ?  14  LEU A CD2 1 
ATOM   58   N  N   . ARG A 1 18  ? 4.66051   4.46101   -8.37484  1.000 39.29317 ?  15  ARG A N   1 
ATOM   59   C  CA  . ARG A 1 18  ? 4.69723   3.66519   -9.59771  1.000 42.68212 ?  15  ARG A CA  1 
ATOM   60   C  C   . ARG A 1 18  ? 5.10479   2.22777   -9.30292  1.000 31.39574 ?  15  ARG A C   1 
ATOM   61   O  O   . ARG A 1 18  ? 4.34092   1.29101   -9.55549  1.000 36.87649 ?  15  ARG A O   1 
ATOM   62   C  CB  . ARG A 1 18  ? 5.65085   4.31738   -10.61167 1.000 47.65401 ?  15  ARG A CB  1 
ATOM   63   C  CG  . ARG A 1 18  ? 6.06966   3.43090   -11.78496 1.000 52.17472 ?  15  ARG A CG  1 
ATOM   64   C  CD  . ARG A 1 18  ? 7.03222   4.15898   -12.73858 1.000 54.68216 ?  15  ARG A CD  1 
ATOM   65   N  NE  . ARG A 1 18  ? 8.19614   4.70815   -12.04744 1.000 58.35216 ?  15  ARG A NE  1 
ATOM   66   C  CZ  . ARG A 1 18  ? 9.36638   4.09511   -11.93617 1.000 64.73881 ?  15  ARG A CZ  1 
ATOM   67   N  NH1 . ARG A 1 18  ? 9.58413   2.91446   -12.49354 1.000 60.54961 ?  15  ARG A NH1 1 
ATOM   68   N  NH2 . ARG A 1 18  ? 10.34361  4.67973   -11.24664 1.000 56.13216 ?  15  ARG A NH2 1 
ATOM   69   N  N   . VAL A 1 19  ? 6.30563   2.03526   -8.75666  1.000 35.10178 ?  16  VAL A N   1 
ATOM   70   C  CA  . VAL A 1 19  ? 6.79112   0.68493   -8.49560  1.000 36.06044 ?  16  VAL A CA  1 
ATOM   71   C  C   . VAL A 1 19  ? 5.95306   0.00123   -7.42477  1.000 31.83892 ?  16  VAL A C   1 
ATOM   72   O  O   . VAL A 1 19  ? 5.80507   -1.22487  -7.44497  1.000 29.77344 ?  16  VAL A O   1 
ATOM   73   C  CB  . VAL A 1 19  ? 8.28757   0.69338   -8.11596  1.000 40.77783 ?  16  VAL A CB  1 
ATOM   74   C  CG1 . VAL A 1 19  ? 9.15068   1.06702   -9.32360  1.000 42.85313 ?  16  VAL A CG1 1 
ATOM   75   C  CG2 . VAL A 1 19  ? 8.55471   1.62320   -6.95309  1.000 38.39198 ?  16  VAL A CG2 1 
ATOM   76   N  N   . HIS A 1 20  ? 5.39228   0.75813   -6.47523  1.000 31.10286 ?  17  HIS A N   1 
ATOM   77   C  CA  . HIS A 1 20  ? 4.53116   0.13735   -5.46527  1.000 25.48761 ?  17  HIS A CA  1 
ATOM   78   C  C   . HIS A 1 20  ? 3.31513   -0.50189  -6.11944  1.000 25.83660 ?  17  HIS A C   1 
ATOM   79   O  O   . HIS A 1 20  ? 3.05766   -1.69933  -5.95954  1.000 29.88259 ?  17  HIS A O   1 
ATOM   80   C  CB  . HIS A 1 20  ? 4.09285   1.16766   -4.41799  1.000 28.33830 ?  17  HIS A CB  1 
ATOM   81   C  CG  . HIS A 1 20  ? 3.32330   0.57583   -3.27818  1.000 25.76680 ?  17  HIS A CG  1 
ATOM   82   N  ND1 . HIS A 1 20  ? 2.14643   1.12445   -2.80585  1.000 30.13089 ?  17  HIS A ND1 1 
ATOM   83   C  CD2 . HIS A 1 20  ? 3.56758   -0.50735  -2.49892  1.000 30.06276 ?  17  HIS A CD2 1 
ATOM   84   C  CE1 . HIS A 1 20  ? 1.69686   0.39834   -1.79602  1.000 25.09073 ?  17  HIS A CE1 1 
ATOM   85   N  NE2 . HIS A 1 20  ? 2.54229   -0.59492  -1.58887  1.000 30.57739 ?  17  HIS A NE2 1 
ATOM   86   N  N   . SER A 1 21  ? 2.57911   0.28327   -6.89779  1.000 24.02829 ?  18  SER A N   1 
ATOM   87   C  CA  . SER A 1 21  ? 1.43883   -0.22803  -7.64252  1.000 25.01807 ?  18  SER A CA  1 
ATOM   88   C  C   . SER A 1 21  ? 1.84165   -1.40550  -8.53014  1.000 27.63187 ?  18  SER A C   1 
ATOM   89   O  O   . SER A 1 21  ? 1.11632   -2.40096  -8.62877  1.000 25.34839 ?  18  SER A O   1 
ATOM   90   C  CB  . SER A 1 21  ? 0.84542   0.91363   -8.47158  1.000 26.27908 ?  18  SER A CB  1 
ATOM   91   O  OG  . SER A 1 21  ? -0.07094  0.43827   -9.43623  1.000 39.92615 ?  18  SER A OG  1 
ATOM   92   N  N   . GLU A 1 22  ? 3.01114   -1.31927  -9.16471  1.000 35.30071 ?  19  GLU A N   1 
ATOM   93   C  CA  . GLU A 1 22  ? 3.43520   -2.35875  -10.09829 1.000 30.21172 ?  19  GLU A CA  1 
ATOM   94   C  C   . GLU A 1 22  ? 3.66474   -3.68896  -9.38411  1.000 29.06322 ?  19  GLU A C   1 
ATOM   95   O  O   . GLU A 1 22  ? 3.17984   -4.73762  -9.82487  1.000 28.62210 ?  19  GLU A O   1 
ATOM   96   C  CB  . GLU A 1 22  ? 4.69501   -1.89462  -10.82627 1.000 31.68456 ?  19  GLU A CB  1 
ATOM   97   C  CG  . GLU A 1 22  ? 5.22117   -2.86360  -11.84622 1.000 35.56817 ?  19  GLU A CG  1 
ATOM   98   C  CD  . GLU A 1 22  ? 6.28130   -2.22228  -12.71151 1.000 47.15656 ?  19  GLU A CD  1 
ATOM   99   O  OE1 . GLU A 1 22  ? 6.49270   -1.00146  -12.56021 1.000 46.39495 ?  19  GLU A OE1 1 
ATOM   100  O  OE2 . GLU A 1 22  ? 6.89618   -2.93263  -13.54140 1.000 50.14676 -1 19  GLU A OE2 1 
ATOM   101  N  N   . LEU A 1 23  ? 4.39907   -3.67185  -8.27665  1.000 25.71829 ?  20  LEU A N   1 
ATOM   102  C  CA  . LEU A 1 23  ? 4.62049   -4.92038  -7.56604  1.000 25.16576 ?  20  LEU A CA  1 
ATOM   103  C  C   . LEU A 1 23  ? 3.32672   -5.41222  -6.94135  1.000 21.51389 ?  20  LEU A C   1 
ATOM   104  O  O   . LEU A 1 23  ? 3.03850   -6.60902  -6.97185  1.000 26.58682 ?  20  LEU A O   1 
ATOM   105  C  CB  . LEU A 1 23  ? 5.71715   -4.73994  -6.51665  1.000 28.20938 ?  20  LEU A CB  1 
ATOM   106  C  CG  . LEU A 1 23  ? 6.19330   -6.01944  -5.82680  1.000 33.07680 ?  20  LEU A CG  1 
ATOM   107  C  CD1 . LEU A 1 23  ? 6.77805   -7.02439  -6.83191  1.000 34.60307 ?  20  LEU A CD1 1 
ATOM   108  C  CD2 . LEU A 1 23  ? 7.17860   -5.71804  -4.69697  1.000 38.07886 ?  20  LEU A CD2 1 
ATOM   109  N  N   . VAL A 1 24  ? 2.53505   -4.50440  -6.36411  1.000 22.59723 ?  21  VAL A N   1 
ATOM   110  C  CA  . VAL A 1 24  ? 1.35901   -4.93252  -5.61165  1.000 23.15554 ?  21  VAL A CA  1 
ATOM   111  C  C   . VAL A 1 24  ? 0.37639   -5.66258  -6.51409  1.000 26.33393 ?  21  VAL A C   1 
ATOM   112  O  O   . VAL A 1 24  ? -0.09957  -6.75262  -6.17367  1.000 22.54761 ?  21  VAL A O   1 
ATOM   113  C  CB  . VAL A 1 24  ? 0.69270   -3.73629  -4.89830  1.000 19.79043 ?  21  VAL A CB  1 
ATOM   114  C  CG1 . VAL A 1 24  ? -0.69897  -4.11128  -4.43831  1.000 23.69027 ?  21  VAL A CG1 1 
ATOM   115  C  CG2 . VAL A 1 24  ? 1.53606   -3.29076  -3.72182  1.000 29.68534 ?  21  VAL A CG2 1 
ATOM   116  N  N   . HIS A 1 25  ? 0.04873   -5.08362  -7.67857  1.000 23.03649 ?  22  HIS A N   1 
ATOM   117  C  CA  . HIS A 1 25  ? -0.96772  -5.74031  -8.49185  1.000 22.77259 ?  22  HIS A CA  1 
ATOM   118  C  C   . HIS A 1 25  ? -0.44207  -7.06012  -9.03942  1.000 24.87360 ?  22  HIS A C   1 
ATOM   119  O  O   . HIS A 1 25  ? -1.19949  -8.03444  -9.12199  1.000 23.49692 ?  22  HIS A O   1 
ATOM   120  C  CB  . HIS A 1 25  ? -1.48376  -4.81747  -9.60865  1.000 29.20917 ?  22  HIS A CB  1 
ATOM   121  C  CG  . HIS A 1 25  ? -0.65058  -4.81068  -10.85607 1.000 24.29135 ?  22  HIS A CG  1 
ATOM   122  N  ND1 . HIS A 1 25  ? 0.26151   -3.81493  -11.13395 1.000 31.71054 ?  22  HIS A ND1 1 
ATOM   123  C  CD2 . HIS A 1 25  ? -0.63101  -5.64489  -11.92463 1.000 29.57338 ?  22  HIS A CD2 1 
ATOM   124  C  CE1 . HIS A 1 25  ? 0.82993   -4.05074  -12.30275 1.000 31.68610 ?  22  HIS A CE1 1 
ATOM   125  N  NE2 . HIS A 1 25  ? 0.30730   -5.15643  -12.80179 1.000 32.73639 ?  22  HIS A NE2 1 
ATOM   126  N  N   . ARG A 1 26  ? 0.86014   -7.13073  -9.32870  1.000 22.59368 ?  23  ARG A N   1 
ATOM   127  C  CA  A ARG A 1 26  ? 1.46160   -8.38469  -9.76865  0.505 27.18352 ?  23  ARG A CA  1 
ATOM   128  C  CA  B ARG A 1 26  ? 1.44694   -8.38879  -9.77442  0.495 27.16011 ?  23  ARG A CA  1 
ATOM   129  C  C   . ARG A 1 26  ? 1.34818   -9.45191  -8.68438  1.000 21.60305 ?  23  ARG A C   1 
ATOM   130  O  O   . ARG A 1 26  ? 0.84555   -10.55450 -8.92345  1.000 24.63270 ?  23  ARG A O   1 
ATOM   131  C  CB  A ARG A 1 26  ? 2.92405   -8.14282  -10.15007 0.505 26.09544 ?  23  ARG A CB  1 
ATOM   132  C  CB  B ARG A 1 26  ? 2.90353   -8.17935  -10.19937 0.495 26.07561 ?  23  ARG A CB  1 
ATOM   133  C  CG  A ARG A 1 26  ? 3.69636   -9.37420  -10.58869 0.505 32.71943 ?  23  ARG A CG  1 
ATOM   134  C  CG  B ARG A 1 26  ? 3.43809   -9.26459  -11.13495 0.495 33.75186 ?  23  ARG A CG  1 
ATOM   135  C  CD  A ARG A 1 26  ? 5.09714   -8.98133  -11.06373 0.505 34.48075 ?  23  ARG A CD  1 
ATOM   136  C  CD  B ARG A 1 26  ? 4.89865   -9.02152  -11.49801 0.495 33.87949 ?  23  ARG A CD  1 
ATOM   137  N  NE  A ARG A 1 26  ? 5.06196   -7.87168  -12.01229 0.505 32.36559 ?  23  ARG A NE  1 
ATOM   138  N  NE  B ARG A 1 26  ? 5.77630   -9.26023  -10.35822 0.495 33.99376 ?  23  ARG A NE  1 
ATOM   139  C  CZ  A ARG A 1 26  ? 6.13365   -7.34583  -12.59093 0.505 37.02184 ?  23  ARG A CZ  1 
ATOM   140  C  CZ  B ARG A 1 26  ? 7.06283   -8.94397  -10.32115 0.495 36.43398 ?  23  ARG A CZ  1 
ATOM   141  N  NH1 A ARG A 1 26  ? 7.35217   -7.79073  -12.32467 0.505 37.32787 ?  23  ARG A NH1 1 
ATOM   142  N  NH1 B ARG A 1 26  ? 7.66029   -8.35739  -11.34486 0.495 32.73877 ?  23  ARG A NH1 1 
ATOM   143  N  NH2 A ARG A 1 26  ? 5.98135   -6.34949  -13.45770 0.505 32.68578 ?  23  ARG A NH2 1 
ATOM   144  N  NH2 B ARG A 1 26  ? 7.76557   -9.21872  -9.22674  0.495 32.46882 ?  23  ARG A NH2 1 
ATOM   145  N  N   . LEU A 1 27  ? 1.80605   -9.13589  -7.46359  1.000 24.85563 ?  24  LEU A N   1 
ATOM   146  C  CA  . LEU A 1 27  ? 1.75839   -10.12855 -6.39800  1.000 24.52933 ?  24  LEU A CA  1 
ATOM   147  C  C   . LEU A 1 27  ? 0.32659   -10.45917 -5.99502  1.000 22.83676 ?  24  LEU A C   1 
ATOM   148  O  O   . LEU A 1 27  ? 0.04872   -11.57977 -5.55571  1.000 23.29374 ?  24  LEU A O   1 
ATOM   149  C  CB  . LEU A 1 27  ? 2.55749   -9.63763  -5.19311  1.000 25.72044 ?  24  LEU A CB  1 
ATOM   150  C  CG  . LEU A 1 27  ? 4.05341   -9.44316  -5.42633  1.000 24.98461 ?  24  LEU A CG  1 
ATOM   151  C  CD1 . LEU A 1 27  ? 4.73682   -9.25039  -4.10134  1.000 34.02134 ?  24  LEU A CD1 1 
ATOM   152  C  CD2 . LEU A 1 27  ? 4.62323   -10.64620 -6.14860  1.000 31.53430 ?  24  LEU A CD2 1 
ATOM   153  N  N   . ALA A 1 28  ? -0.59697  -9.51702  -6.15933  1.000 24.22844 ?  25  ALA A N   1 
ATOM   154  C  CA  . ALA A 1 28  ? -1.97978  -9.78942  -5.78473  1.000 24.01821 ?  25  ALA A CA  1 
ATOM   155  C  C   . ALA A 1 28  ? -2.64461  -10.75351 -6.75178  1.000 23.67671 ?  25  ALA A C   1 
ATOM   156  O  O   . ALA A 1 28  ? -3.61231  -11.42615 -6.38207  1.000 21.08566 ?  25  ALA A O   1 
ATOM   157  C  CB  . ALA A 1 28  ? -2.78228  -8.50078  -5.74794  1.000 21.04097 ?  25  ALA A CB  1 
ATOM   158  N  N   . GLY A 1 29  ? -2.19667  -10.77212 -8.00457  1.000 21.31581 ?  26  GLY A N   1 
ATOM   159  C  CA  . GLY A 1 29  ? -2.91387  -11.51848 -9.01876  1.000 23.49545 ?  26  GLY A CA  1 
ATOM   160  C  C   . GLY A 1 29  ? -4.05430  -10.76451 -9.66777  1.000 23.99163 ?  26  GLY A C   1 
ATOM   161  O  O   . GLY A 1 29  ? -4.94585  -11.39201 -10.25560 1.000 22.22782 ?  26  GLY A O   1 
ATOM   162  N  N   . ASP A 1 30  ? -4.03933  -9.40992  -9.60000  1.000 20.19058 ?  27  ASP A N   1 
ATOM   163  C  CA  . ASP A 1 30  ? -5.08795  -8.50589  -10.01649 1.000 23.51167 ?  27  ASP A CA  1 
ATOM   164  C  C   . ASP A 1 30  ? -4.63130  -7.66067  -11.19922 1.000 21.12106 ?  27  ASP A C   1 
ATOM   165  O  O   . ASP A 1 30  ? -3.43799  -7.36036  -11.32620 1.000 20.51101 ?  27  ASP A O   1 
ATOM   166  C  CB  . ASP A 1 30  ? -5.46341  -7.53101  -8.88652  1.000 20.53202 ?  27  ASP A CB  1 
ATOM   167  C  CG  . ASP A 1 30  ? -6.09630  -8.19556  -7.69493  1.000 21.05447 ?  27  ASP A CG  1 
ATOM   168  O  OD1 . ASP A 1 30  ? -6.57233  -9.34911  -7.78955  1.000 25.00076 ?  27  ASP A OD1 1 
ATOM   169  O  OD2 . ASP A 1 30  ? -6.12908  -7.53206  -6.63578  1.000 20.22726 -1 27  ASP A OD2 1 
ATOM   170  N  N   . PRO A 1 31  ? -5.55473  -7.20539  -12.03636 1.000 22.68515 ?  28  PRO A N   1 
ATOM   171  C  CA  . PRO A 1 31  ? -5.21293  -6.19200  -13.03731 1.000 27.68774 ?  28  PRO A CA  1 
ATOM   172  C  C   . PRO A 1 31  ? -5.01257  -4.84559  -12.36124 1.000 29.00890 ?  28  PRO A C   1 
ATOM   173  O  O   . PRO A 1 31  ? -5.51361  -4.63529  -11.24537 1.000 24.31616 ?  28  PRO A O   1 
ATOM   174  C  CB  . PRO A 1 31  ? -6.44286  -6.18540  -13.95371 1.000 29.60428 ?  28  PRO A CB  1 
ATOM   175  C  CG  . PRO A 1 31  ? -7.55627  -6.51581  -13.03247 1.000 36.41443 ?  28  PRO A CG  1 
ATOM   176  C  CD  . PRO A 1 31  ? -7.00281  -7.46809  -11.99611 1.000 25.76362 ?  28  PRO A CD  1 
ATOM   177  N  N   . PRO A 1 32  ? -4.27463  -3.92749  -12.99107 1.000 26.70956 ?  29  PRO A N   1 
ATOM   178  C  CA  . PRO A 1 32  ? -4.16669  -2.56508  -12.43563 1.000 27.14805 ?  29  PRO A CA  1 
ATOM   179  C  C   . PRO A 1 32  ? -5.54357  -1.99383  -12.18274 1.000 26.71218 ?  29  PRO A C   1 
ATOM   180  O  O   . PRO A 1 32  ? -6.48979  -2.29898  -12.90619 1.000 27.35408 ?  29  PRO A O   1 
ATOM   181  C  CB  . PRO A 1 32  ? -3.43024  -1.78744  -13.53062 1.000 29.84776 ?  29  PRO A CB  1 
ATOM   182  C  CG  . PRO A 1 32  ? -2.73953  -2.82665  -14.35313 1.000 30.06265 ?  29  PRO A CG  1 
ATOM   183  C  CD  . PRO A 1 32  ? -3.59576  -4.05578  -14.29012 1.000 31.21087 ?  29  PRO A CD  1 
ATOM   184  N  N   . ASP A 1 33  ? -5.65505  -1.18603  -11.12270 1.000 27.78289 ?  30  ASP A N   1 
ATOM   185  C  CA  . ASP A 1 33  ? -6.93172  -0.65466  -10.64380 1.000 27.07459 ?  30  ASP A CA  1 
ATOM   186  C  C   . ASP A 1 33  ? -6.76239  0.82045   -10.30307 1.000 28.08077 ?  30  ASP A C   1 
ATOM   187  O  O   . ASP A 1 33  ? -5.98520  1.16878   -9.40553  1.000 25.50923 ?  30  ASP A O   1 
ATOM   188  C  CB  . ASP A 1 33  ? -7.41086  -1.44853  -9.41767  1.000 29.69721 ?  30  ASP A CB  1 
ATOM   189  C  CG  . ASP A 1 33  ? -8.79651  -1.03290  -8.93022  1.000 30.30578 ?  30  ASP A CG  1 
ATOM   190  O  OD1 . ASP A 1 33  ? -9.32785  0.01848   -9.37706  1.000 26.55765 ?  30  ASP A OD1 1 
ATOM   191  O  OD2 . ASP A 1 33  ? -9.35904  -1.76402  -8.08399  1.000 28.29448 -1 30  ASP A OD2 1 
ATOM   192  N  N   . GLU A 1 34  ? -7.48960  1.68955   -10.98714 1.000 27.66698 ?  31  GLU A N   1 
ATOM   193  C  CA  . GLU A 1 34  ? -7.40483  3.11857   -10.70872 1.000 28.16402 ?  31  GLU A CA  1 
ATOM   194  C  C   . GLU A 1 34  ? -7.79497  3.44618   -9.25657  1.000 29.31982 ?  31  GLU A C   1 
ATOM   195  O  O   . GLU A 1 34  ? -7.28207  4.35685   -8.67061  1.000 29.76673 ?  31  GLU A O   1 
ATOM   196  C  CB  . GLU A 1 34  ? -8.30518  3.91559   -11.61758 1.000 34.33190 ?  31  GLU A CB  1 
ATOM   197  C  CG  . GLU A 1 34  ? -8.01622  5.40928   -11.55450 1.000 39.34889 ?  31  GLU A CG  1 
ATOM   198  C  CD  . GLU A 1 34  ? -6.55822  5.72808   -11.75506 1.000 41.46215 ?  31  GLU A CD  1 
ATOM   199  O  OE1 . GLU A 1 34  ? -5.91501  5.10100   -12.59581 1.000 41.80546 ?  31  GLU A OE1 1 
ATOM   200  O  OE2 . GLU A 1 34  ? -6.04558  6.60299   -11.05925 1.000 44.17663 -1 31  GLU A OE2 1 
ATOM   201  N  N   . LEU A 1 35  ? -8.72358  2.70442   -8.69568  1.000 24.75898 ?  32  LEU A N   1 
ATOM   202  C  CA  . LEU A 1 35  ? -9.10796  2.95177   -7.32614  1.000 28.64088 ?  32  LEU A CA  1 
ATOM   203  C  C   . LEU A 1 35  ? -7.97733  2.68483   -6.35336  1.000 27.21924 ?  32  LEU A C   1 
ATOM   204  O  O   . LEU A 1 35  ? -7.83966  3.37118   -5.39283  1.000 26.14821 ?  32  LEU A O   1 
ATOM   205  C  CB  . LEU A 1 35  ? -10.33373 2.16167   -6.94252  1.000 30.95289 ?  32  LEU A CB  1 
ATOM   206  C  CG  . LEU A 1 35  ? -11.60397 2.58571   -7.61741  1.000 36.75734 ?  32  LEU A CG  1 
ATOM   207  C  CD1 . LEU A 1 35  ? -12.83345 1.97234   -6.99953  1.000 28.53818 ?  32  LEU A CD1 1 
ATOM   208  C  CD2 . LEU A 1 35  ? -11.70000 4.08811   -7.65272  1.000 39.33899 ?  32  LEU A CD2 1 
ATOM   209  N  N   . PHE A 1 36  ? -7.16177  1.68326   -6.60716  1.000 23.78308 ?  33  PHE A N   1 
ATOM   210  C  CA  . PHE A 1 36  ? -6.08567  1.42349   -5.69386  1.000 29.73589 ?  33  PHE A CA  1 
ATOM   211  C  C   . PHE A 1 36  ? -5.07676  2.52959   -5.79901  1.000 26.35005 ?  33  PHE A C   1 
ATOM   212  O  O   . PHE A 1 36  ? -4.60551  3.03313   -4.84387  1.000 22.29074 ?  33  PHE A O   1 
ATOM   213  C  CB  . PHE A 1 36  ? -5.39296  0.09456   -5.93377  1.000 22.69237 ?  33  PHE A CB  1 
ATOM   214  C  CG  . PHE A 1 36  ? -4.22711  -0.08782  -5.05757  1.000 22.39608 ?  33  PHE A CG  1 
ATOM   215  C  CD1 . PHE A 1 36  ? -4.38967  -0.48506  -3.77481  1.000 21.97507 ?  33  PHE A CD1 1 
ATOM   216  C  CD2 . PHE A 1 36  ? -2.99458  0.24708   -5.48419  1.000 21.45765 ?  33  PHE A CD2 1 
ATOM   217  C  CE1 . PHE A 1 36  ? -3.32267  -0.58975  -2.96234  1.000 20.13907 ?  33  PHE A CE1 1 
ATOM   218  C  CE2 . PHE A 1 36  ? -1.91918  0.13204   -4.67807  1.000 22.57905 ?  33  PHE A CE2 1 
ATOM   219  C  CZ  . PHE A 1 36  ? -2.08513  -0.27502  -3.40537  1.000 20.83034 ?  33  PHE A CZ  1 
ATOM   220  N  N   . GLN A 1 37  ? -4.76086  2.92401   -7.02757  1.000 26.32798 ?  34  GLN A N   1 
ATOM   221  C  CA  . GLN A 1 37  ? -3.79431  3.99664   -7.25061  1.000 22.56317 ?  34  GLN A CA  1 
ATOM   222  C  C   . GLN A 1 37  ? -4.20743  5.28906   -6.54358  1.000 23.13980 ?  34  GLN A C   1 
ATOM   223  O  O   . GLN A 1 37  ? -3.38168  5.97111   -5.93687  1.000 24.55895 ?  34  GLN A O   1 
ATOM   224  C  CB  . GLN A 1 37  ? -3.61099  4.24955   -8.74834  1.000 26.87510 ?  34  GLN A CB  1 
ATOM   225  C  CG  . GLN A 1 37  ? -2.65897  3.27994   -9.43027  1.000 32.86313 ?  34  GLN A CG  1 
ATOM   226  C  CD  . GLN A 1 37  ? -2.83736  3.24714   -10.93506 1.000 36.42693 ?  34  GLN A CD  1 
ATOM   227  O  OE1 . GLN A 1 37  ? -2.56025  4.22822   -11.62542 1.000 42.66574 ?  34  GLN A OE1 1 
ATOM   228  N  NE2 . GLN A 1 37  ? -3.30308  2.11621   -11.45125 1.000 34.62655 ?  34  GLN A NE2 1 
ATOM   229  N  N   . ARG A 1 38  ? -5.49281  5.61391   -6.63793  1.000 20.48079 ?  35  ARG A N   1 
ATOM   230  C  CA  . ARG A 1 38  ? -6.03201  6.81068   -6.00917  1.000 24.74202 ?  35  ARG A CA  1 
ATOM   231  C  C   . ARG A 1 38  ? -5.89031  6.71320   -4.49641  1.000 25.77107 ?  35  ARG A C   1 
ATOM   232  O  O   . ARG A 1 38  ? -5.50992  7.67909   -3.83460  1.000 24.11773 ?  35  ARG A O   1 
ATOM   233  C  CB  . ARG A 1 38  ? -7.50161  7.00034   -6.38965  1.000 30.56269 ?  35  ARG A CB  1 
ATOM   234  C  CG  . ARG A 1 38  ? -8.09433  8.32510   -5.93971  1.000 37.37668 ?  35  ARG A CG  1 
ATOM   235  C  CD  . ARG A 1 38  ? -9.53460  8.47153   -6.40443  1.000 42.73096 ?  35  ARG A CD  1 
ATOM   236  N  NE  . ARG A 1 38  ? -9.65815  8.33157   -7.85230  1.000 49.07864 ?  35  ARG A NE  1 
ATOM   237  C  CZ  . ARG A 1 38  ? -10.79511 8.05117   -8.48173  1.000 43.60901 ?  35  ARG A CZ  1 
ATOM   238  N  NH1 . ARG A 1 38  ? -11.91376 7.87978   -7.79046  1.000 43.93438 ?  35  ARG A NH1 1 
ATOM   239  N  NH2 . ARG A 1 38  ? -10.81446 7.94289   -9.80308  1.000 36.98855 ?  35  ARG A NH2 1 
ATOM   240  N  N   . LEU A 1 39  ? -6.19631  5.54127   -3.94911  1.000 24.77048 ?  36  LEU A N   1 
ATOM   241  C  CA  . LEU A 1 39  ? -6.09041  5.32148   -2.51102  1.000 24.30507 ?  36  LEU A CA  1 
ATOM   242  C  C   . LEU A 1 39  ? -4.62929  5.37041   -2.07624  1.000 24.94658 ?  36  LEU A C   1 
ATOM   243  O  O   . LEU A 1 39  ? -4.30339  5.87951   -1.00348  1.000 25.47825 ?  36  LEU A O   1 
ATOM   244  C  CB  . LEU A 1 39  ? -6.71143  3.97854   -2.12542  1.000 18.18136 ?  36  LEU A CB  1 
ATOM   245  C  CG  . LEU A 1 39  ? -6.66264  3.61240   -0.64097  1.000 25.06772 ?  36  LEU A CG  1 
ATOM   246  C  CD1 . LEU A 1 39  ? -7.43899  4.62377   0.18928   1.000 29.72342 ?  36  LEU A CD1 1 
ATOM   247  C  CD2 . LEU A 1 39  ? -7.19580  2.20569   -0.41470  1.000 25.82492 ?  36  LEU A CD2 1 
ATOM   248  N  N   . ASP A 1 40  ? -3.74256  4.83984   -2.89649  1.000 24.16987 ?  37  ASP A N   1 
ATOM   249  C  CA  . ASP A 1 40  ? -2.33104  4.83430   -2.59117  1.000 23.77205 ?  37  ASP A CA  1 
ATOM   250  C  C   . ASP A 1 40  ? -1.83029  6.27320   -2.55574  1.000 27.12860 ?  37  ASP A C   1 
ATOM   251  O  O   . ASP A 1 40  ? -1.14065  6.64390   -1.68647  1.000 30.36364 ?  37  ASP A O   1 
ATOM   252  C  CB  . ASP A 1 40  ? -1.58096  4.02156   -3.62488  1.000 27.13082 ?  37  ASP A CB  1 
ATOM   253  C  CG  . ASP A 1 40  ? -0.31410  3.42923   -3.12159  1.000 28.45131 ?  37  ASP A CG  1 
ATOM   254  O  OD1 . ASP A 1 40  ? -0.08502  3.33438   -1.93757  1.000 32.75283 ?  37  ASP A OD1 1 
ATOM   255  O  OD2 . ASP A 1 40  ? 0.45709   2.99066   -3.95196  1.000 32.26416 -1 37  ASP A OD2 1 
ATOM   256  N  N   . ARG A 1 41  ? -2.19036  7.07648   -3.52053  1.000 29.91135 ?  38  ARG A N   1 
ATOM   257  C  CA  . ARG A 1 41  ? -1.76028  8.47255   -3.47614  1.000 32.78890 ?  38  ARG A CA  1 
ATOM   258  C  C   . ARG A 1 41  ? -2.32787  9.18419   -2.24906  1.000 29.36553 ?  38  ARG A C   1 
ATOM   259  O  O   . ARG A 1 41  ? -1.63516  9.99352   -1.62401  1.000 30.33515 ?  38  ARG A O   1 
ATOM   260  C  CB  . ARG A 1 41  ? -2.17479  9.19721   -4.75856  1.000 36.99703 ?  38  ARG A CB  1 
ATOM   261  C  CG  . ARG A 1 41  ? -1.59533  10.60661  -4.92444  1.000 43.22120 ?  38  ARG A CG  1 
ATOM   262  C  CD  . ARG A 1 41  ? -1.94764  11.20219  -6.29320  1.000 40.12496 ?  38  ARG A CD  1 
ATOM   263  N  NE  . ARG A 1 41  ? -1.86982  10.20228  -7.35495  1.000 39.57910 ?  38  ARG A NE  1 
ATOM   264  C  CZ  . ARG A 1 41  ? -2.92259  9.62783   -7.92243  1.000 38.19155 ?  38  ARG A CZ  1 
ATOM   265  N  NH1 . ARG A 1 41  ? -4.15946  10.00866  -7.62931  1.000 28.33345 ?  38  ARG A NH1 1 
ATOM   266  N  NH2 . ARG A 1 41  ? -2.73314  8.63076   -8.78670  1.000 42.28128 ?  38  ARG A NH2 1 
ATOM   267  N  N   . PHE A 1 42  ? -3.58334  8.88628   -1.88579  1.000 31.44659 ?  39  PHE A N   1 
ATOM   268  C  CA  . PHE A 1 42  ? -4.18942  9.48146   -0.68997  1.000 29.69828 ?  39  PHE A CA  1 
ATOM   269  C  C   . PHE A 1 42  ? -3.44923  9.07438   0.57948   1.000 33.33576 ?  39  PHE A C   1 
ATOM   270  O  O   . PHE A 1 42  ? -3.27793  9.88695   1.49985   1.000 30.83232 ?  39  PHE A O   1 
ATOM   271  C  CB  . PHE A 1 42  ? -5.66032  9.07501   -0.60604  1.000 25.93269 ?  39  PHE A CB  1 
ATOM   272  C  CG  . PHE A 1 42  ? -6.36204  9.52934   0.66236   1.000 27.02969 ?  39  PHE A CG  1 
ATOM   273  C  CD1 . PHE A 1 42  ? -6.36539  8.73692   1.80225   1.000 27.98742 ?  39  PHE A CD1 1 
ATOM   274  C  CD2 . PHE A 1 42  ? -7.03121  10.74005  0.70086   1.000 32.30804 ?  39  PHE A CD2 1 
ATOM   275  C  CE1 . PHE A 1 42  ? -7.00707  9.15114   2.96524   1.000 30.80103 ?  39  PHE A CE1 1 
ATOM   276  C  CE2 . PHE A 1 42  ? -7.67324  11.15402  1.84553   1.000 29.95362 ?  39  PHE A CE2 1 
ATOM   277  C  CZ  . PHE A 1 42  ? -7.66086  10.35678  2.98888   1.000 26.83166 ?  39  PHE A CZ  1 
ATOM   278  N  N   . VAL A 1 43  ? -3.04025  7.80788   0.66694   1.000 25.54213 ?  40  VAL A N   1 
ATOM   279  C  CA  . VAL A 1 43  ? -2.29684  7.34259   1.83104   1.000 28.55231 ?  40  VAL A CA  1 
ATOM   280  C  C   . VAL A 1 43  ? -0.96189  8.07262   1.94246   1.000 31.21445 ?  40  VAL A C   1 
ATOM   281  O  O   . VAL A 1 43  ? -0.65151  8.66676   2.98379   1.000 34.11757 ?  40  VAL A O   1 
ATOM   282  C  CB  . VAL A 1 43  ? -2.12025  5.81517   1.75858   1.000 26.98932 ?  40  VAL A CB  1 
ATOM   283  C  CG1 . VAL A 1 43  ? -1.02512  5.34615   2.67656   1.000 27.26154 ?  40  VAL A CG1 1 
ATOM   284  C  CG2 . VAL A 1 43  ? -3.43685  5.13871   2.07280   1.000 23.26872 ?  40  VAL A CG2 1 
ATOM   285  N  N   . THR A 1 44  ? -0.17069  8.07747   0.85677   1.000 33.28027 ?  41  THR A N   1 
ATOM   286  C  CA  . THR A 1 44  ? 1.14213   8.72014   0.91177   1.000 31.26262 ?  41  THR A CA  1 
ATOM   287  C  C   . THR A 1 44  ? 1.02408   10.21447  1.19482   1.000 32.00471 ?  41  THR A C   1 
ATOM   288  O  O   . THR A 1 44  ? 1.88985   10.79080  1.86374   1.000 35.58119 ?  41  THR A O   1 
ATOM   289  C  CB  . THR A 1 44  ? 1.91626   8.48373   -0.39030  1.000 36.18800 ?  41  THR A CB  1 
ATOM   290  O  OG1 . THR A 1 44  ? 1.11097   8.88686   -1.50497  1.000 35.58289 ?  41  THR A OG1 1 
ATOM   291  C  CG2 . THR A 1 44  ? 2.28949   7.02020   -0.52864  1.000 34.60406 ?  41  THR A CG2 1 
ATOM   292  N  N   . ASP A 1 45  ? -0.03486  10.86314  0.70935   1.000 34.36938 ?  42  ASP A N   1 
ATOM   293  C  CA  . ASP A 1 45  ? -0.21546  12.26897  1.05881   1.000 38.82783 ?  42  ASP A CA  1 
ATOM   294  C  C   . ASP A 1 45  ? -0.64004  12.43204  2.50844   1.000 41.09305 ?  42  ASP A C   1 
ATOM   295  O  O   . ASP A 1 45  ? -0.23485  13.39696  3.16649   1.000 42.94627 ?  42  ASP A O   1 
ATOM   296  C  CB  . ASP A 1 45  ? -1.23566  12.92621  0.13698   1.000 44.14903 ?  42  ASP A CB  1 
ATOM   297  C  CG  . ASP A 1 45  ? -0.77968  12.94538  -1.30114  1.000 42.67596 ?  42  ASP A CG  1 
ATOM   298  O  OD1 . ASP A 1 45  ? 0.44611   12.83139  -1.53244  1.000 45.80306 ?  42  ASP A OD1 1 
ATOM   299  O  OD2 . ASP A 1 45  ? -1.64186  13.07395  -2.19351  1.000 49.62211 -1 42  ASP A OD2 1 
ATOM   300  N  N   . ALA A 1 46  ? -1.44619  11.50307  3.02495   1.000 35.65451 ?  43  ALA A N   1 
ATOM   301  C  CA  . ALA A 1 46  ? -1.85491  11.58258  4.42171   1.000 34.70053 ?  43  ALA A CA  1 
ATOM   302  C  C   . ALA A 1 46  ? -0.67188  11.40214  5.35932   1.000 39.88500 ?  43  ALA A C   1 
ATOM   303  O  O   . ALA A 1 46  ? -0.63072  12.01788  6.42968   1.000 40.17540 ?  43  ALA A O   1 
ATOM   304  C  CB  . ALA A 1 46  ? -2.93124  10.54471  4.71411   1.000 32.23987 ?  43  ALA A CB  1 
ATOM   305  N  N   . ILE A 1 47  ? 0.29315   10.56573  4.98090   1.000 40.74530 ?  44  ILE A N   1 
ATOM   306  C  CA  . ILE A 1 47  ? 1.47829   10.37819  5.80789   1.000 43.78014 ?  44  ILE A CA  1 
ATOM   307  C  C   . ILE A 1 47  ? 2.38602   11.60349  5.73999   1.000 47.29453 ?  44  ILE A C   1 
ATOM   308  O  O   . ILE A 1 47  ? 3.15080   11.87398  6.67224   1.000 49.30824 ?  44  ILE A O   1 
ATOM   309  C  CB  . ILE A 1 47  ? 2.19791   9.08680   5.37682   1.000 40.60642 ?  44  ILE A CB  1 
ATOM   310  C  CG1 . ILE A 1 47  ? 1.20719   7.91926   5.37222   1.000 34.91559 ?  44  ILE A CG1 1 
ATOM   311  C  CG2 . ILE A 1 47  ? 3.35561   8.77113   6.30172   1.000 38.78424 ?  44  ILE A CG2 1 
ATOM   312  C  CD1 . ILE A 1 47  ? 1.82177   6.57322   4.94113   1.000 31.51981 ?  44  ILE A CD1 1 
ATOM   313  N  N   . ILE A 1 48  ? 2.31066   12.36840  4.64984   1.000 47.58153 ?  45  ILE A N   1 
ATOM   314  C  CA  . ILE A 1 48  ? 3.13047   13.56734  4.50807   1.000 49.47869 ?  45  ILE A CA  1 
ATOM   315  C  C   . ILE A 1 48  ? 2.52996   14.74118  5.28002   1.000 58.64350 ?  45  ILE A C   1 
ATOM   316  O  O   . ILE A 1 48  ? 3.25543   15.52868  5.89643   1.000 65.33269 ?  45  ILE A O   1 
ATOM   317  C  CB  . ILE A 1 48  ? 3.31732   13.88321  3.01225   1.000 51.97737 ?  45  ILE A CB  1 
ATOM   318  C  CG1 . ILE A 1 48  ? 4.26745   12.85919  2.37869   1.000 48.84961 ?  45  ILE A CG1 1 
ATOM   319  C  CG2 . ILE A 1 48  ? 3.81736   15.29999  2.80701   1.000 60.77320 ?  45  ILE A CG2 1 
ATOM   320  C  CD1 . ILE A 1 48  ? 4.32205   12.90522  0.86538   1.000 44.05635 ?  45  ILE A CD1 1 
ATOM   321  N  N   . GLU A 1 49  ? 1.20146   14.86913  5.28549   1.000 56.78042 ?  46  GLU A N   1 
ATOM   322  C  CA  . GLU A 1 49  ? 0.54987   15.93075  6.04339   1.000 59.42259 ?  46  GLU A CA  1 
ATOM   323  C  C   . GLU A 1 49  ? 0.34206   15.58396  7.51233   1.000 63.97836 ?  46  GLU A C   1 
ATOM   324  O  O   . GLU A 1 49  ? 0.02546   16.47843  8.30478   1.000 69.49760 ?  46  GLU A O   1 
ATOM   325  C  CB  . GLU A 1 49  ? -0.80693  16.27908  5.42407   1.000 55.77026 ?  46  GLU A CB  1 
ATOM   326  C  CG  . GLU A 1 49  ? -0.72550  16.86809  4.02481   1.000 67.76255 ?  46  GLU A CG  1 
ATOM   327  C  CD  . GLU A 1 49  ? -1.41391  18.21880  3.91399   1.000 72.24435 ?  46  GLU A CD  1 
ATOM   328  O  OE1 . GLU A 1 49  ? -1.19536  19.06877  4.80279   1.000 67.71012 ?  46  GLU A OE1 1 
ATOM   329  O  OE2 . GLU A 1 49  ? -2.17380  18.42977  2.93881   1.000 67.91496 -1 46  GLU A OE2 1 
ATOM   330  N  N   . GLY A 1 50  ? 0.49903   14.31440  7.89206   1.000 59.51375 ?  47  GLY A N   1 
ATOM   331  C  CA  . GLY A 1 50  ? 0.32306   13.92807  9.28146   1.000 62.13481 ?  47  GLY A CA  1 
ATOM   332  C  C   . GLY A 1 50  ? 1.34577   14.53574  10.21512  1.000 67.24133 ?  47  GLY A C   1 
ATOM   333  O  O   . GLY A 1 50  ? 1.10128   14.61790  11.42482  1.000 68.03216 ?  47  GLY A O   1 
ATOM   334  N  N   . ASN A 1 51  ? 2.48419   14.97148  9.68071   1.000 65.79797 ?  48  ASN A N   1 
ATOM   335  C  CA  . ASN A 1 51  ? 3.54311   15.57357  10.48779  1.000 72.85643 ?  48  ASN A CA  1 
ATOM   336  C  C   . ASN A 1 51  ? 4.25550   16.60564  9.63098   1.000 69.26379 ?  48  ASN A C   1 
ATOM   337  O  O   . ASN A 1 51  ? 5.22536   16.29238  8.92834   1.000 75.66078 ?  48  ASN A O   1 
ATOM   338  C  CB  . ASN A 1 51  ? 4.52535   14.52157  11.00257  1.000 70.13542 ?  48  ASN A CB  1 
ATOM   339  C  CG  . ASN A 1 51  ? 5.13781   14.89432  12.34461  1.000 71.65974 ?  48  ASN A CG  1 
ATOM   340  O  OD1 . ASN A 1 51  ? 5.20421   16.06900  12.70939  1.000 72.45899 ?  48  ASN A OD1 1 
ATOM   341  N  ND2 . ASN A 1 51  ? 5.58927   13.88860  13.08554  1.000 71.33846 ?  48  ASN A ND2 1 
ATOM   342  N  N   . PRO A 1 52  ? 3.79499   17.85976  9.65473   1.000 72.94641 ?  49  PRO A N   1 
ATOM   343  C  CA  . PRO A 1 52  ? 4.49027   18.89588  8.87809   1.000 71.85388 ?  49  PRO A CA  1 
ATOM   344  C  C   . PRO A 1 52  ? 5.83419   19.26146  9.47346   1.000 71.92242 ?  49  PRO A C   1 
ATOM   345  O  O   . PRO A 1 52  ? 6.72495   19.71225  8.74138   1.000 65.65717 ?  49  PRO A O   1 
ATOM   346  C  CB  . PRO A 1 52  ? 3.51273   20.07396  8.92225   1.000 74.53922 ?  49  PRO A CB  1 
ATOM   347  C  CG  . PRO A 1 52  ? 2.85175   19.92122  10.25078  1.000 70.98595 ?  49  PRO A CG  1 
ATOM   348  C  CD  . PRO A 1 52  ? 2.71724   18.42781  10.48260  1.000 75.33153 ?  49  PRO A CD  1 
ATOM   349  N  N   . GLU A 1 53  ? 6.00112   19.08019  10.78605  0.820 69.18437 ?  50  GLU A N   1 
ATOM   350  C  CA  . GLU A 1 53  ? 7.28097   19.28968  11.44529  0.820 72.36927 ?  50  GLU A CA  1 
ATOM   351  C  C   . GLU A 1 53  ? 8.31643   18.25129  11.04184  0.820 72.69715 ?  50  GLU A C   1 
ATOM   352  O  O   . GLU A 1 53  ? 9.50700   18.45138  11.30352  0.820 75.86736 ?  50  GLU A O   1 
ATOM   353  C  CB  . GLU A 1 53  ? 7.09001   19.26790  12.96445  0.820 78.27984 ?  50  GLU A CB  1 
ATOM   354  C  CG  . GLU A 1 53  ? 8.13697   20.04623  13.74686  0.820 81.70030 ?  50  GLU A CG  1 
ATOM   355  C  CD  . GLU A 1 53  ? 7.91520   19.97315  15.24484  0.820 84.54349 ?  50  GLU A CD  1 
ATOM   356  O  OE1 . GLU A 1 53  ? 7.45410   18.91775  15.73009  0.820 85.68185 ?  50  GLU A OE1 1 
ATOM   357  O  OE2 . GLU A 1 53  ? 8.19497   20.97370  15.93632  0.820 89.21994 -1 50  GLU A OE2 1 
ATOM   358  N  N   . ARG A 1 54  ? 7.89206   17.15141  10.42203  1.000 72.64859 ?  51  ARG A N   1 
ATOM   359  C  CA  . ARG A 1 54  ? 8.77872   16.07069  10.00332  1.000 69.88379 ?  51  ARG A CA  1 
ATOM   360  C  C   . ARG A 1 54  ? 8.38756   15.58202  8.62205   1.000 65.67767 ?  51  ARG A C   1 
ATOM   361  O  O   . ARG A 1 54  ? 8.41250   14.37943  8.34317   1.000 68.01817 ?  51  ARG A O   1 
ATOM   362  C  CB  . ARG A 1 54  ? 8.75126   14.90682  10.99271  1.000 64.34839 ?  51  ARG A CB  1 
ATOM   363  C  CG  . ARG A 1 54  ? 8.95236   15.30640  12.43548  1.000 68.74476 ?  51  ARG A CG  1 
ATOM   364  C  CD  . ARG A 1 54  ? 9.54927   14.16624  13.21556  1.000 67.13010 ?  51  ARG A CD  1 
ATOM   365  N  NE  . ARG A 1 54  ? 8.55662   13.19378  13.65361  1.000 69.01791 ?  51  ARG A NE  1 
ATOM   366  C  CZ  . ARG A 1 54  ? 8.07291   13.12928  14.88751  1.000 70.32126 ?  51  ARG A CZ  1 
ATOM   367  N  NH1 . ARG A 1 54  ? 8.45208   13.98451  15.82305  1.000 63.96160 ?  51  ARG A NH1 1 
ATOM   368  N  NH2 . ARG A 1 54  ? 7.19252   12.18050  15.19118  1.000 71.80580 ?  51  ARG A NH2 1 
ATOM   369  N  N   . ARG A 1 55  ? 8.00480   16.50521  7.74120   1.000 65.20987 ?  52  ARG A N   1 
ATOM   370  C  CA  . ARG A 1 55  ? 7.52248   16.11144  6.42089   1.000 68.40138 ?  52  ARG A CA  1 
ATOM   371  C  C   . ARG A 1 55  ? 8.63081   15.46669  5.59390   1.000 68.72694 ?  52  ARG A C   1 
ATOM   372  O  O   . ARG A 1 55  ? 8.48104   14.34455  5.09711   1.000 63.47154 ?  52  ARG A O   1 
ATOM   373  C  CB  . ARG A 1 55  ? 6.94202   17.32242  5.69431   1.000 69.84366 ?  52  ARG A CB  1 
ATOM   374  C  CG  . ARG A 1 55  ? 6.64751   17.07100  4.22450   1.000 72.46973 ?  52  ARG A CG  1 
ATOM   375  C  CD  . ARG A 1 55  ? 6.33746   18.36694  3.50888   1.000 76.65611 ?  52  ARG A CD  1 
ATOM   376  N  NE  . ARG A 1 55  ? 7.39882   19.34569  3.70916   1.000 88.48871 ?  52  ARG A NE  1 
ATOM   377  C  CZ  . ARG A 1 55  ? 7.37007   20.58689  3.24522   1.000 95.58882 ?  52  ARG A CZ  1 
ATOM   378  N  NH1 . ARG A 1 55  ? 6.34498   21.03631  2.54048   1.000 86.27307 ?  52  ARG A NH1 1 
ATOM   379  N  NH2 . ARG A 1 55  ? 8.39487   21.39854  3.49632   1.000 91.05318 ?  52  ARG A NH2 1 
ATOM   380  N  N   . ASP A 1 56  ? 9.75731   16.16319  5.43573   1.000 69.53698 ?  53  ASP A N   1 
ATOM   381  C  CA  . ASP A 1 56  ? 10.80939  15.65771  4.56014   1.000 67.34096 ?  53  ASP A CA  1 
ATOM   382  C  C   . ASP A 1 56  ? 11.45790  14.40021  5.12253   1.000 61.12099 ?  53  ASP A C   1 
ATOM   383  O  O   . ASP A 1 56  ? 11.98797  13.58640  4.35969   1.000 62.17863 ?  53  ASP A O   1 
ATOM   384  C  CB  . ASP A 1 56  ? 11.84506  16.75222  4.30903   1.000 63.03188 ?  53  ASP A CB  1 
ATOM   385  C  CG  . ASP A 1 56  ? 11.53161  17.56074  3.06537   1.000 69.30739 ?  53  ASP A CG  1 
ATOM   386  O  OD1 . ASP A 1 56  ? 11.46888  16.95226  1.97723   1.000 76.59518 ?  53  ASP A OD1 1 
ATOM   387  O  OD2 . ASP A 1 56  ? 11.33251  18.78890  3.17338   1.000 76.81246 -1 53  ASP A OD2 1 
ATOM   388  N  N   . GLU A 1 57  ? 11.41975  14.21885  6.44397   1.000 56.56288 ?  54  GLU A N   1 
ATOM   389  C  CA  . GLU A 1 57  ? 11.81644  12.94054  7.02405   1.000 61.28149 ?  54  GLU A CA  1 
ATOM   390  C  C   . GLU A 1 57  ? 10.89100  11.81894  6.56154   1.000 66.95486 ?  54  GLU A C   1 
ATOM   391  O  O   . GLU A 1 57  ? 11.34828  10.70787  6.26675   1.000 68.15783 ?  54  GLU A O   1 
ATOM   392  C  CB  . GLU A 1 57  ? 11.82587  13.04589  8.54907   1.000 60.94508 ?  54  GLU A CB  1 
ATOM   393  C  CG  . GLU A 1 57  ? 12.24550  11.78237  9.27780   1.000 59.92383 ?  54  GLU A CG  1 
ATOM   394  C  CD  . GLU A 1 57  ? 12.31116  11.97328  10.78526  1.000 64.54391 ?  54  GLU A CD  1 
ATOM   395  O  OE1 . GLU A 1 57  ? 12.45506  13.12802  11.24069  1.000 64.55593 ?  54  GLU A OE1 1 
ATOM   396  O  OE2 . GLU A 1 57  ? 12.21051  10.96577  11.51922  1.000 63.14247 -1 54  GLU A OE2 1 
ATOM   397  N  N   . ILE A 1 58  ? 9.58628   12.09727  6.48720   1.000 66.98809 ?  55  ILE A N   1 
ATOM   398  C  CA  . ILE A 1 58  ? 8.62646   11.11047  5.99493   1.000 63.29825 ?  55  ILE A CA  1 
ATOM   399  C  C   . ILE A 1 58  ? 8.83744   10.85300  4.50846   1.000 64.80222 ?  55  ILE A C   1 
ATOM   400  O  O   . ILE A 1 58  ? 8.84940   9.70218   4.05319   1.000 65.90400 ?  55  ILE A O   1 
ATOM   401  C  CB  . ILE A 1 58  ? 7.18756   11.57888  6.27883   1.000 55.94936 ?  55  ILE A CB  1 
ATOM   402  C  CG1 . ILE A 1 58  ? 6.85589   11.43057  7.76342   1.000 62.02390 ?  55  ILE A CG1 1 
ATOM   403  C  CG2 . ILE A 1 58  ? 6.19753   10.81645  5.41147   1.000 59.89490 ?  55  ILE A CG2 1 
ATOM   404  C  CD1 . ILE A 1 58  ? 6.95817   9.99998   8.26715   1.000 60.72313 ?  55  ILE A CD1 1 
ATOM   405  N  N   . LYS A 1 59  ? 9.00777   11.92418  3.73122   1.000 58.66274 ?  56  LYS A N   1 
ATOM   406  C  CA  . LYS A 1 59  ? 9.09096   11.78377  2.28212   1.000 63.67557 ?  56  LYS A CA  1 
ATOM   407  C  C   . LYS A 1 59  ? 10.35435  11.04908  1.85407   1.000 63.03340 ?  56  LYS A C   1 
ATOM   408  O  O   . LYS A 1 59  ? 10.37143  10.41995  0.78995   1.000 68.57722 ?  56  LYS A O   1 
ATOM   409  C  CB  . LYS A 1 59  ? 9.02025   13.15991  1.62224   1.000 52.06857 ?  56  LYS A CB  1 
ATOM   410  C  CG  . LYS A 1 59  ? 8.83828   13.10600  0.11846   1.000 65.33143 ?  56  LYS A CG  1 
ATOM   411  C  CD  . LYS A 1 59  ? 8.72471   14.49403  -0.47940  1.000 65.17018 ?  56  LYS A CD  1 
ATOM   412  C  CE  . LYS A 1 59  ? 7.52334   15.24038  0.07125   1.000 66.03805 ?  56  LYS A CE  1 
ATOM   413  N  NZ  . LYS A 1 59  ? 7.35512   16.56316  -0.59624  1.000 67.80270 ?  56  LYS A NZ  1 
ATOM   414  N  N   . ALA A 1 60  ? 11.41905  11.11160  2.65360   1.000 58.81028 ?  57  ALA A N   1 
ATOM   415  C  CA  . ALA A 1 60  ? 12.62737  10.37943  2.29994   1.000 66.44416 ?  57  ALA A CA  1 
ATOM   416  C  C   . ALA A 1 60  ? 12.60260  8.93817   2.78536   1.000 64.53032 ?  57  ALA A C   1 
ATOM   417  O  O   . ALA A 1 60  ? 13.34785  8.11006   2.25160   1.000 63.61571 ?  57  ALA A O   1 
ATOM   418  C  CB  . ALA A 1 60  ? 13.86191  11.08599  2.84826   1.000 67.07772 ?  57  ALA A CB  1 
ATOM   419  N  N   . ASP A 1 61  ? 11.77743  8.62030   3.78718   1.000 62.08034 ?  58  ASP A N   1 
ATOM   420  C  CA  . ASP A 1 61  ? 11.46798  7.21881   4.04083   1.000 67.23344 ?  58  ASP A CA  1 
ATOM   421  C  C   . ASP A 1 61  ? 10.85229  6.57014   2.80677   1.000 62.79000 ?  58  ASP A C   1 
ATOM   422  O  O   . ASP A 1 61  ? 11.10120  5.38987   2.53341   1.000 54.95494 ?  58  ASP A O   1 
ATOM   423  C  CB  . ASP A 1 61  ? 10.53188  7.09457   5.24322   1.000 63.27344 ?  58  ASP A CB  1 
ATOM   424  C  CG  . ASP A 1 61  ? 11.21176  7.44973   6.55033   1.000 68.45164 ?  58  ASP A CG  1 
ATOM   425  O  OD1 . ASP A 1 61  ? 12.35625  6.99901   6.76793   1.000 70.19992 -1 58  ASP A OD1 1 
ATOM   426  O  OD2 . ASP A 1 61  ? 10.60323  8.18104   7.36060   1.000 70.39552 ?  58  ASP A OD2 1 
ATOM   427  N  N   . LEU A 1 62  ? 10.05672  7.33007   2.04827   1.000 57.63623 ?  59  LEU A N   1 
ATOM   428  C  CA  . LEU A 1 62  ? 9.50413   6.82415   0.79769   1.000 55.46712 ?  59  LEU A CA  1 
ATOM   429  C  C   . LEU A 1 62  ? 10.59606  6.62977   -0.24471  1.000 58.68819 ?  59  LEU A C   1 
ATOM   430  O  O   . LEU A 1 62  ? 10.57353  5.65189   -1.00247  1.000 52.46458 ?  59  LEU A O   1 
ATOM   431  C  CB  . LEU A 1 62  ? 8.43550   7.78113   0.26867   1.000 54.89081 ?  59  LEU A CB  1 
ATOM   432  C  CG  . LEU A 1 62  ? 6.97038   7.62828   0.68930   1.000 55.97425 ?  59  LEU A CG  1 
ATOM   433  C  CD1 . LEU A 1 62  ? 6.80851   7.67169   2.19498   1.000 61.48218 ?  59  LEU A CD1 1 
ATOM   434  C  CD2 . LEU A 1 62  ? 6.13273   8.71572   0.03366   1.000 56.75385 ?  59  LEU A CD2 1 
ATOM   435  N  N   . ALA A 1 63  ? 11.55192  7.55932   -0.30623  1.000 60.75133 ?  60  ALA A N   1 
ATOM   436  C  CA  . ALA A 1 63  ? 12.62919  7.44567   -1.28374  1.000 58.48905 ?  60  ALA A CA  1 
ATOM   437  C  C   . ALA A 1 63  ? 13.41705  6.15859   -1.08255  1.000 53.44459 ?  60  ALA A C   1 
ATOM   438  O  O   . ALA A 1 63  ? 13.76685  5.47571   -2.05121  1.000 53.49502 ?  60  ALA A O   1 
ATOM   439  C  CB  . ALA A 1 63  ? 13.54605  8.66425   -1.19216  1.000 58.18862 ?  60  ALA A CB  1 
ATOM   440  N  N   . ARG A 1 64  ? 13.64896  5.77530   0.16561   1.000 57.44488 ?  61  ARG A N   1 
ATOM   441  C  CA  . ARG A 1 64  ? 14.37131  4.55229   0.46718   1.000 56.70565 ?  61  ARG A CA  1 
ATOM   442  C  C   . ARG A 1 64  ? 13.48607  3.33441   0.14381   1.000 61.36749 ?  61  ARG A C   1 
ATOM   443  O  O   . ARG A 1 64  ? 13.99392  2.28323   -0.17855  1.000 55.86619 ?  61  ARG A O   1 
ATOM   444  C  CB  . ARG A 1 64  ? 14.85872  4.49053   1.92068   1.000 64.70999 ?  61  ARG A CB  1 
ATOM   445  C  CG  . ARG A 1 64  ? 16.12359  3.68385   2.12463   1.000 63.69658 ?  61  ARG A CG  1 
ATOM   446  C  CD  . ARG A 1 64  ? 16.23518  3.11646   3.52416   1.000 68.22463 ?  61  ARG A CD  1 
ATOM   447  N  NE  . ARG A 1 64  ? 15.44792  3.90872   4.41810   1.000 62.36081 ?  61  ARG A NE  1 
ATOM   448  C  CZ  . ARG A 1 64  ? 15.88345  5.04311   4.92152   1.000 73.58793 ?  61  ARG A CZ  1 
ATOM   449  N  NH1 . ARG A 1 64  ? 17.10924  5.43856   4.62561   1.000 70.25036 ?  61  ARG A NH1 1 
ATOM   450  N  NH2 . ARG A 1 64  ? 15.09885  5.77477   5.70994   1.000 69.57082 ?  61  ARG A NH2 1 
ATOM   451  N  N   . ALA A 1 65  ? 12.17367  3.48726   0.29683   1.000 60.79414 ?  62  ALA A N   1 
ATOM   452  C  CA  . ALA A 1 65  ? 11.23187  2.43854   -0.08035  1.000 56.99253 ?  62  ALA A CA  1 
ATOM   453  C  C   . ALA A 1 65  ? 10.99382  2.40713   -1.58376  1.000 54.03066 ?  62  ALA A C   1 
ATOM   454  O  O   . ALA A 1 65  ? 10.73484  1.33712   -2.14656  1.000 59.31543 ?  62  ALA A O   1 
ATOM   455  C  CB  . ALA A 1 65  ? 9.90696   2.62958   0.65826   1.000 49.65395 ?  62  ALA A CB  1 
ATOM   456  N  N   . ALA A 1 66  ? 11.02437  3.53677   -2.23724  1.000 55.35308 ?  63  ALA A N   1 
ATOM   457  C  CA  . ALA A 1 66  ? 10.82792  3.47645   -3.66424  1.000 53.87874 ?  63  ALA A CA  1 
ATOM   458  C  C   . ALA A 1 66  ? 12.00997  2.75341   -4.30389  1.000 58.55459 ?  63  ALA A C   1 
ATOM   459  O  O   . ALA A 1 66  ? 11.89959  2.22496   -5.38347  1.000 52.18656 ?  63  ALA A O   1 
ATOM   460  C  CB  . ALA A 1 66  ? 10.62888  4.85264   -4.24935  1.000 54.27202 ?  63  ALA A CB  1 
ATOM   461  N  N   . ARG A 1 67  ? 13.15350  2.77680   -3.62653  1.000 60.66795 ?  64  ARG A N   1 
ATOM   462  C  CA  . ARG A 1 67  ? 14.35152  2.11984   -4.13490  1.000 57.25007 ?  64  ARG A CA  1 
ATOM   463  C  C   . ARG A 1 67  ? 14.26905  0.62828   -3.84978  1.000 56.09950 ?  64  ARG A C   1 
ATOM   464  O  O   . ARG A 1 67  ? 14.78026  -0.19574  -4.60752  1.000 58.73122 ?  64  ARG A O   1 
ATOM   465  C  CB  . ARG A 1 67  ? 15.60595  2.71281   -3.48981  1.000 56.60412 ?  64  ARG A CB  1 
ATOM   466  C  CG  . ARG A 1 67  ? 16.06912  4.01628   -4.11819  1.000 62.33542 ?  64  ARG A CG  1 
ATOM   467  C  CD  . ARG A 1 67  ? 17.40264  4.46388   -3.54099  1.000 58.52430 ?  64  ARG A CD  1 
ATOM   468  N  NE  . ARG A 1 67  ? 17.42352  4.38015   -2.08388  1.000 63.01923 ?  64  ARG A NE  1 
ATOM   469  C  CZ  . ARG A 1 67  ? 18.10515  3.46910   -1.39768  1.000 66.09140 ?  64  ARG A CZ  1 
ATOM   470  N  NH1 . ARG A 1 67  ? 18.82603  2.55728   -2.03612  1.000 68.79242 ?  64  ARG A NH1 1 
ATOM   471  N  NH2 . ARG A 1 67  ? 18.06700  3.46828   -0.07195  1.000 73.28590 ?  64  ARG A NH2 1 
ATOM   472  N  N   . VAL A 1 68  ? 13.61585  0.29651   -2.74290  1.000 56.52603 ?  65  VAL A N   1 
ATOM   473  C  CA  . VAL A 1 68  ? 13.43599  -1.06562  -2.33147  1.000 54.18172 ?  65  VAL A CA  1 
ATOM   474  C  C   . VAL A 1 68  ? 12.49573  -1.80038  -3.29492  1.000 50.32800 ?  65  VAL A C   1 
ATOM   475  O  O   . VAL A 1 68  ? 12.82585  -2.86402  -3.75156  1.000 50.57179 ?  65  VAL A O   1 
ATOM   476  C  CB  . VAL A 1 68  ? 12.94330  -1.11160  -0.90273  1.000 53.97061 ?  65  VAL A CB  1 
ATOM   477  C  CG1 . VAL A 1 68  ? 12.46764  -2.49427  -0.55306  1.000 50.34757 ?  65  VAL A CG1 1 
ATOM   478  C  CG2 . VAL A 1 68  ? 14.03192  -0.66129  0.04860   1.000 57.31243 ?  65  VAL A CG2 1 
ATOM   479  N  N   . PHE A 1 69  ? 11.33651  -1.23047  -3.59900  1.000 49.47032 ?  66  PHE A N   1 
ATOM   480  C  CA  . PHE A 1 69  ? 10.41260  -1.83980  -4.54769  1.000 48.73456 ?  66  PHE A CA  1 
ATOM   481  C  C   . PHE A 1 69  ? 10.98726  -1.87546  -5.95357  1.000 45.62852 ?  66  PHE A C   1 
ATOM   482  O  O   . PHE A 1 69  ? 10.70756  -2.81518  -6.70045  1.000 45.93137 ?  66  PHE A O   1 
ATOM   483  C  CB  . PHE A 1 69  ? 9.07284   -1.10421  -4.53899  1.000 45.99873 ?  66  PHE A CB  1 
ATOM   484  C  CG  . PHE A 1 69  ? 8.22630   -1.39885  -3.32643  1.000 38.19738 ?  66  PHE A CG  1 
ATOM   485  C  CD1 . PHE A 1 69  ? 8.42014   -0.71367  -2.14719  1.000 43.23002 ?  66  PHE A CD1 1 
ATOM   486  C  CD2 . PHE A 1 69  ? 7.23270   -2.36277  -3.37415  1.000 38.91534 ?  66  PHE A CD2 1 
ATOM   487  C  CE1 . PHE A 1 69  ? 7.64402   -0.97910  -1.02657  1.000 40.99874 ?  66  PHE A CE1 1 
ATOM   488  C  CE2 . PHE A 1 69  ? 6.45429   -2.63962  -2.26250  1.000 40.63975 ?  66  PHE A CE2 1 
ATOM   489  C  CZ  . PHE A 1 69  ? 6.65904   -1.93922  -1.07931  1.000 38.57516 ?  66  PHE A CZ  1 
ATOM   490  N  N   . GLY A 1 70  ? 11.77723  -0.86851  -6.33441  1.000 52.17541 ?  67  GLY A N   1 
ATOM   491  C  CA  . GLY A 1 70  ? 12.44004  -0.91423  -7.62947  1.000 43.48906 ?  67  GLY A CA  1 
ATOM   492  C  C   . GLY A 1 70  ? 13.37493  -2.10139  -7.75627  1.000 45.97029 ?  67  GLY A C   1 
ATOM   493  O  O   . GLY A 1 70  ? 13.32196  -2.85110  -8.73397  1.000 49.36511 ?  67  GLY A O   1 
ATOM   494  N  N   . GLU A 1 71  ? 14.24227  -2.29253  -6.76143  1.000 44.99571 ?  68  GLU A N   1 
ATOM   495  C  CA  . GLU A 1 71  ? 15.11497  -3.46020  -6.75869  1.000 50.24586 ?  68  GLU A CA  1 
ATOM   496  C  C   . GLU A 1 71  ? 14.31644  -4.75767  -6.71837  1.000 53.86945 ?  68  GLU A C   1 
ATOM   497  O  O   . GLU A 1 71  ? 14.68315  -5.72952  -7.39156  1.000 44.84601 ?  68  GLU A O   1 
ATOM   498  C  CB  . GLU A 1 71  ? 16.07731  -3.38838  -5.57288  1.000 52.08016 ?  68  GLU A CB  1 
ATOM   499  C  CG  . GLU A 1 71  ? 16.96063  -2.14452  -5.56852  1.000 49.12927 ?  68  GLU A CG  1 
ATOM   500  C  CD  . GLU A 1 71  ? 17.90036  -2.09908  -4.38016  1.000 56.00650 ?  68  GLU A CD  1 
ATOM   501  O  OE1 . GLU A 1 71  ? 18.23341  -3.17583  -3.84852  1.000 61.34680 ?  68  GLU A OE1 1 
ATOM   502  O  OE2 . GLU A 1 71  ? 18.30200  -0.98824  -3.97396  1.000 55.38892 -1 68  GLU A OE2 1 
ATOM   503  N  N   . ALA A 1 72  ? 13.22208  -4.78379  -5.94728  1.000 50.21963 ?  69  ALA A N   1 
ATOM   504  C  CA  . ALA A 1 72  ? 12.35322  -5.95533  -5.89486  1.000 44.42011 ?  69  ALA A CA  1 
ATOM   505  C  C   . ALA A 1 72  ? 11.89148  -6.37151  -7.28555  1.000 38.11918 ?  69  ALA A C   1 
ATOM   506  O  O   . ALA A 1 72  ? 11.88415  -7.56278  -7.61481  1.000 37.74316 ?  69  ALA A O   1 
ATOM   507  C  CB  . ALA A 1 72  ? 11.14697  -5.66465  -4.99952  1.000 38.72409 ?  69  ALA A CB  1 
ATOM   508  N  N   . LEU A 1 73  ? 11.49136  -5.40410  -8.11123  1.000 35.69575 ?  70  LEU A N   1 
ATOM   509  C  CA  . LEU A 1 73  ? 11.03884  -5.73175  -9.45442  1.000 40.29283 ?  70  LEU A CA  1 
ATOM   510  C  C   . LEU A 1 73  ? 12.16600  -6.29610  -10.31431 1.000 37.22915 ?  70  LEU A C   1 
ATOM   511  O  O   . LEU A 1 73  ? 11.88536  -7.02216  -11.27017 1.000 44.22099 ?  70  LEU A O   1 
ATOM   512  C  CB  . LEU A 1 73  ? 10.40876  -4.50000  -10.10915 1.000 40.98552 ?  70  LEU A CB  1 
ATOM   513  C  CG  . LEU A 1 73  ? 9.09445   -4.03162  -9.47016  1.000 41.07990 ?  70  LEU A CG  1 
ATOM   514  C  CD1 . LEU A 1 73  ? 8.90652   -2.54440  -9.66148  1.000 42.76794 ?  70  LEU A CD1 1 
ATOM   515  C  CD2 . LEU A 1 73  ? 7.89318   -4.78814  -10.02959 1.000 30.77230 ?  70  LEU A CD2 1 
ATOM   516  N  N   . GLU A 1 74  ? 13.42790  -6.01484  -9.96741  1.000 40.87565 ?  71  GLU A N   1 
ATOM   517  C  CA  . GLU A 1 74  ? 14.58872  -6.53886  -10.68315 1.000 46.08309 ?  71  GLU A CA  1 
ATOM   518  C  C   . GLU A 1 74  ? 14.93143  -7.97411  -10.30634 1.000 48.56339 ?  71  GLU A C   1 
ATOM   519  O  O   . GLU A 1 74  ? 15.77862  -8.58260  -10.96911 1.000 47.47208 ?  71  GLU A O   1 
ATOM   520  C  CB  . GLU A 1 74  ? 15.82863  -5.67463  -10.42064 1.000 46.96568 ?  71  GLU A CB  1 
ATOM   521  C  CG  . GLU A 1 74  ? 15.67650  -4.19750  -10.72735 1.000 53.04156 ?  71  GLU A CG  1 
ATOM   522  C  CD  . GLU A 1 74  ? 16.85296  -3.37829  -10.22003 1.000 58.51275 ?  71  GLU A CD  1 
ATOM   523  O  OE1 . GLU A 1 74  ? 17.89053  -3.97766  -9.86753  1.000 54.15071 ?  71  GLU A OE1 1 
ATOM   524  O  OE2 . GLU A 1 74  ? 16.73320  -2.13256  -10.16600 1.000 64.24062 -1 71  GLU A OE2 1 
ATOM   525  N  N   . ARG A 1 75  ? 14.33274  -8.51834  -9.25394  1.000 43.62262 ?  72  ARG A N   1 
ATOM   526  C  CA  . ARG A 1 75  ? 14.61779  -9.87297  -8.80987  1.000 40.60494 ?  72  ARG A CA  1 
ATOM   527  C  C   . ARG A 1 75  ? 13.44506  -10.79142 -9.12884  1.000 44.80331 ?  72  ARG A C   1 
ATOM   528  O  O   . ARG A 1 75  ? 12.34554  -10.35063 -9.47641  1.000 46.99285 ?  72  ARG A O   1 
ATOM   529  C  CB  . ARG A 1 75  ? 14.92977  -9.89628  -7.30913  1.000 49.35756 ?  72  ARG A CB  1 
ATOM   530  C  CG  . ARG A 1 75  ? 16.30325  -9.36416  -6.96351  1.000 47.23844 ?  72  ARG A CG  1 
ATOM   531  C  CD  . ARG A 1 75  ? 16.21716  -8.45855  -5.77085  1.000 52.40168 ?  72  ARG A CD  1 
ATOM   532  N  NE  . ARG A 1 75  ? 17.52512  -8.13269  -5.21744  1.000 51.48170 ?  72  ARG A NE  1 
ATOM   533  C  CZ  . ARG A 1 75  ? 18.23755  -7.06438  -5.54826  1.000 50.48195 ?  72  ARG A CZ  1 
ATOM   534  N  NH1 . ARG A 1 75  ? 17.82225  -6.21260  -6.47442  1.000 53.56784 ?  72  ARG A NH1 1 
ATOM   535  N  NH2 . ARG A 1 75  ? 19.39568  -6.84256  -4.93393  1.000 51.04513 ?  72  ARG A NH2 1 
ATOM   536  N  N   . ASP A 1 76  ? 13.70357  -12.09196 -9.01525  1.000 46.37664 ?  73  ASP A N   1 
ATOM   537  C  CA  . ASP A 1 76  ? 12.69534  -13.11838 -9.27006  1.000 43.55267 ?  73  ASP A CA  1 
ATOM   538  C  C   . ASP A 1 76  ? 11.85694  -13.29333 -8.01259  1.000 39.72203 ?  73  ASP A C   1 
ATOM   539  O  O   . ASP A 1 76  ? 12.15832  -14.10873 -7.14056  1.000 40.58101 ?  73  ASP A O   1 
ATOM   540  C  CB  . ASP A 1 76  ? 13.34463  -14.43107 -9.68287  1.000 46.57386 ?  73  ASP A CB  1 
ATOM   541  C  CG  . ASP A 1 76  ? 12.37120  -15.58379 -9.65854  1.000 54.45805 ?  73  ASP A CG  1 
ATOM   542  O  OD1 . ASP A 1 76  ? 11.27312  -15.43968 -10.23760 1.000 53.31216 ?  73  ASP A OD1 1 
ATOM   543  O  OD2 . ASP A 1 76  ? 12.69846  -16.62630 -9.05326  1.000 64.61921 -1 73  ASP A OD2 1 
ATOM   544  N  N   . ILE A 1 77  ? 10.77910  -12.52456 -7.92482  1.000 42.79320 ?  74  ILE A N   1 
ATOM   545  C  CA  . ILE A 1 77  ? 9.93622   -12.49145 -6.73713  1.000 35.89872 ?  74  ILE A CA  1 
ATOM   546  C  C   . ILE A 1 77  ? 8.51016   -12.76272 -7.17807  1.000 37.23748 ?  74  ILE A C   1 
ATOM   547  O  O   . ILE A 1 77  ? 7.88455   -11.91243 -7.82460  1.000 42.70662 ?  74  ILE A O   1 
ATOM   548  C  CB  . ILE A 1 77  ? 10.04032  -11.15565 -6.00161  1.000 31.70552 ?  74  ILE A CB  1 
ATOM   549  C  CG1 . ILE A 1 77  ? 11.44250  -11.00998 -5.41135  1.000 34.09277 ?  74  ILE A CG1 1 
ATOM   550  C  CG2 . ILE A 1 77  ? 8.97989   -11.06908 -4.90422  1.000 32.23916 ?  74  ILE A CG2 1 
ATOM   551  C  CD1 . ILE A 1 77  ? 11.78039  -9.59764  -4.97071  1.000 39.00832 ?  74  ILE A CD1 1 
ATOM   552  N  N   . THR A 1 78  ? 7.99163   -13.94137 -6.82840  1.000 29.28272 ?  75  THR A N   1 
ATOM   553  C  CA  . THR A 1 78  ? 6.65776   -14.32752 -7.25626  1.000 32.00379 ?  75  THR A CA  1 
ATOM   554  C  C   . THR A 1 78  ? 5.62535   -14.27607 -6.13734  1.000 34.56492 ?  75  THR A C   1 
ATOM   555  O  O   . THR A 1 78  ? 4.42942   -14.19881 -6.43567  1.000 30.08826 ?  75  THR A O   1 
ATOM   556  C  CB  . THR A 1 78  ? 6.68213   -15.73681 -7.86867  1.000 36.22661 ?  75  THR A CB  1 
ATOM   557  O  OG1 . THR A 1 78  ? 7.10842   -16.68960 -6.87957  1.000 38.43873 ?  75  THR A OG1 1 
ATOM   558  C  CG2 . THR A 1 78  ? 7.64694   -15.78988 -9.05129  1.000 39.88943 ?  75  THR A CG2 1 
ATOM   559  N  N   . THR A 1 79  ? 6.04372   -14.27874 -4.87669  1.000 25.23460 ?  76  THR A N   1 
ATOM   560  C  CA  . THR A 1 79  ? 5.13420   -14.30200 -3.74345  1.000 20.58359 ?  76  THR A CA  1 
ATOM   561  C  C   . THR A 1 79  ? 5.54802   -13.28335 -2.69361  1.000 24.74244 ?  76  THR A C   1 
ATOM   562  O  O   . THR A 1 79  ? 6.70234   -12.84160 -2.65085  1.000 25.10380 ?  76  THR A O   1 
ATOM   563  C  CB  . THR A 1 79  ? 5.11065   -15.68248 -3.07007  1.000 22.33598 ?  76  THR A CB  1 
ATOM   564  O  OG1 . THR A 1 79  ? 6.42242   -15.95295 -2.56989  1.000 20.98201 ?  76  THR A OG1 1 
ATOM   565  C  CG2 . THR A 1 79  ? 4.72279   -16.76117 -4.09624  1.000 28.21560 ?  76  THR A CG2 1 
ATOM   566  N  N   . PRO A 1 80  ? 4.62733   -12.91612 -1.81325  1.000 21.58910 ?  77  PRO A N   1 
ATOM   567  C  CA  . PRO A 1 80  ? 5.02108   -12.16775 -0.60346  1.000 20.19852 ?  77  PRO A CA  1 
ATOM   568  C  C   . PRO A 1 80  ? 6.18299   -12.78468 0.17204   1.000 21.65655 ?  77  PRO A C   1 
ATOM   569  O  O   . PRO A 1 80  ? 7.00655   -12.01853 0.68291   1.000 27.44544 ?  77  PRO A O   1 
ATOM   570  C  CB  . PRO A 1 80  ? 3.71860   -12.14425 0.20227   1.000 19.86707 ?  77  PRO A CB  1 
ATOM   571  C  CG  . PRO A 1 80  ? 2.66929   -12.05717 -0.87399  1.000 20.24672 ?  77  PRO A CG  1 
ATOM   572  C  CD  . PRO A 1 80  ? 3.16551   -12.92826 -2.01366  1.000 20.53152 ?  77  PRO A CD  1 
ATOM   573  N  N   . GLU A 1 81  ? 6.31917   -14.11658 0.24766   1.000 21.46812 ?  78  GLU A N   1 
ATOM   574  C  CA  . GLU A 1 81  ? 7.44511   -14.68127 0.99455   1.000 21.80182 ?  78  GLU A CA  1 
ATOM   575  C  C   . GLU A 1 81  ? 8.78210   -14.34360 0.34843   1.000 27.23193 ?  78  GLU A C   1 
ATOM   576  O  O   . GLU A 1 81  ? 9.75394   -14.04757 1.05621   1.000 27.72549 ?  78  GLU A O   1 
ATOM   577  C  CB  . GLU A 1 81  ? 7.31697   -16.19983 1.14168   1.000 26.06262 ?  78  GLU A CB  1 
ATOM   578  C  CG  . GLU A 1 81  ? 6.17121   -16.65070 2.02046   1.000 26.57965 ?  78  GLU A CG  1 
ATOM   579  C  CD  . GLU A 1 81  ? 6.06072   -15.83638 3.30347   1.000 39.70300 ?  78  GLU A CD  1 
ATOM   580  O  OE1 . GLU A 1 81  ? 7.07018   -15.74000 4.04316   1.000 37.31478 ?  78  GLU A OE1 1 
ATOM   581  O  OE2 . GLU A 1 81  ? 4.97566   -15.28396 3.57160   1.000 33.96166 -1 78  GLU A OE2 1 
ATOM   582  N  N   . ASP A 1 82  ? 8.86920   -14.44487 -0.98756  1.000 25.47901 ?  79  ASP A N   1 
ATOM   583  C  CA  . ASP A 1 82  ? 10.04913  -13.96025 -1.70857  1.000 28.71573 ?  79  ASP A CA  1 
ATOM   584  C  C   . ASP A 1 82  ? 10.34068  -12.50257 -1.38682  1.000 30.67147 ?  79  ASP A C   1 
ATOM   585  O  O   . ASP A 1 82  ? 11.49844  -12.11771 -1.18749  1.000 28.49668 ?  79  ASP A O   1 
ATOM   586  C  CB  . ASP A 1 82  ? 9.84633   -14.08756 -3.21660  1.000 26.88515 ?  79  ASP A CB  1 
ATOM   587  C  CG  . ASP A 1 82  ? 9.91205   -15.49885 -3.69447  1.000 27.19494 ?  79  ASP A CG  1 
ATOM   588  O  OD1 . ASP A 1 82  ? 10.46495  -16.35708 -2.96913  1.000 26.00521 ?  79  ASP A OD1 1 
ATOM   589  O  OD2 . ASP A 1 82  ? 9.40878   -15.74938 -4.81311  1.000 31.86841 -1 79  ASP A OD2 1 
ATOM   590  N  N   . PHE A 1 83  ? 9.31288   -11.66244 -1.39531  1.000 21.95535 ?  80  PHE A N   1 
ATOM   591  C  CA  . PHE A 1 83  ? 9.54611   -10.24966 -1.13335  1.000 28.68258 ?  80  PHE A CA  1 
ATOM   592  C  C   . PHE A 1 83  ? 10.02062  -10.03573 0.30155   1.000 29.19635 ?  80  PHE A C   1 
ATOM   593  O  O   . PHE A 1 83  ? 10.94506  -9.24842  0.54296   1.000 32.66554 ?  80  PHE A O   1 
ATOM   594  C  CB  . PHE A 1 83  ? 8.27765   -9.45649  -1.43964  1.000 28.79693 ?  80  PHE A CB  1 
ATOM   595  C  CG  . PHE A 1 83  ? 8.37857   -7.99718  -1.11023  1.000 26.96257 ?  80  PHE A CG  1 
ATOM   596  C  CD1 . PHE A 1 83  ? 9.12610   -7.14127  -1.90354  1.000 33.80811 ?  80  PHE A CD1 1 
ATOM   597  C  CD2 . PHE A 1 83  ? 7.69857   -7.47481  -0.02501  1.000 30.21097 ?  80  PHE A CD2 1 
ATOM   598  C  CE1 . PHE A 1 83  ? 9.21403   -5.78832  -1.60733  1.000 32.98277 ?  80  PHE A CE1 1 
ATOM   599  C  CE2 . PHE A 1 83  ? 7.77975   -6.11805  0.27542   1.000 35.18936 ?  80  PHE A CE2 1 
ATOM   600  C  CZ  . PHE A 1 83  ? 8.53197   -5.27534  -0.51365  1.000 32.38108 ?  80  PHE A CZ  1 
ATOM   601  N  N   . ASN A 1 84  ? 9.42901   -10.76283 1.26116   1.000 31.48015 ?  81  ASN A N   1 
ATOM   602  C  CA  . ASN A 1 84  ? 9.87852   -10.69075 2.65222   1.000 31.73498 ?  81  ASN A CA  1 
ATOM   603  C  C   . ASN A 1 84  ? 11.32670  -11.14178 2.79486   1.000 35.68776 ?  81  ASN A C   1 
ATOM   604  O  O   . ASN A 1 84  ? 12.08563  -10.57821 3.59224   1.000 37.35578 ?  81  ASN A O   1 
ATOM   605  C  CB  . ASN A 1 84  ? 8.98504   -11.55045 3.54910   1.000 29.93775 ?  81  ASN A CB  1 
ATOM   606  C  CG  . ASN A 1 84  ? 7.58353   -10.99170 3.68499   1.000 30.22829 ?  81  ASN A CG  1 
ATOM   607  O  OD1 . ASN A 1 84  ? 7.33797   -9.83732  3.36076   1.000 30.03208 ?  81  ASN A OD1 1 
ATOM   608  N  ND2 . ASN A 1 84  ? 6.65246   -11.81936 4.15782   1.000 26.79899 ?  81  ASN A ND2 1 
ATOM   609  N  N   . ALA A 1 85  ? 11.71888  -12.17475 2.04714   1.000 29.87454 ?  82  ALA A N   1 
ATOM   610  C  CA  . ALA A 1 85  ? 13.10771  -12.62917 2.07203   1.000 33.42566 ?  82  ALA A CA  1 
ATOM   611  C  C   . ALA A 1 85  ? 14.03420  -11.58731 1.46341   1.000 35.90190 ?  82  ALA A C   1 
ATOM   612  O  O   . ALA A 1 85  ? 15.15565  -11.38810 1.94256   1.000 40.81613 ?  82  ALA A O   1 
ATOM   613  C  CB  . ALA A 1 85  ? 13.23671  -13.96156 1.32967   1.000 30.11281 ?  82  ALA A CB  1 
ATOM   614  N  N   . PHE A 1 86  ? 13.58659  -10.92198 0.39681   1.000 35.22625 ?  83  PHE A N   1 
ATOM   615  C  CA  . PHE A 1 86  ? 14.39261  -9.87258  -0.21281  1.000 37.97333 ?  83  PHE A CA  1 
ATOM   616  C  C   . PHE A 1 86  ? 14.58489  -8.70577  0.74158   1.000 43.88762 ?  83  PHE A C   1 
ATOM   617  O  O   . PHE A 1 86  ? 15.66597  -8.10653  0.77707   1.000 41.51014 ?  83  PHE A O   1 
ATOM   618  C  CB  . PHE A 1 86  ? 13.74611  -9.39274  -1.50912  1.000 31.91642 ?  83  PHE A CB  1 
ATOM   619  C  CG  . PHE A 1 86  ? 14.21568  -8.03302  -1.95046  1.000 38.72198 ?  83  PHE A CG  1 
ATOM   620  C  CD1 . PHE A 1 86  ? 15.49511  -7.85667  -2.44808  1.000 44.68522 ?  83  PHE A CD1 1 
ATOM   621  C  CD2 . PHE A 1 86  ? 13.38057  -6.93259  -1.86308  1.000 45.58193 ?  83  PHE A CD2 1 
ATOM   622  C  CE1 . PHE A 1 86  ? 15.92925  -6.60943  -2.85292  1.000 48.31616 ?  83  PHE A CE1 1 
ATOM   623  C  CE2 . PHE A 1 86  ? 13.80713  -5.68446  -2.26712  1.000 41.18466 ?  83  PHE A CE2 1 
ATOM   624  C  CZ  . PHE A 1 86  ? 15.08417  -5.52124  -2.76146  1.000 49.97318 ?  83  PHE A CZ  1 
ATOM   625  N  N   . LEU A 1 87  ? 13.55099  -8.37792  1.52626   1.000 38.60688 ?  84  LEU A N   1 
ATOM   626  C  CA  . LEU A 1 87  ? 13.69616  -7.35038  2.55290   1.000 42.96766 ?  84  LEU A CA  1 
ATOM   627  C  C   . LEU A 1 87  ? 14.78116  -7.71714  3.56005   1.000 40.33110 ?  84  LEU A C   1 
ATOM   628  O  O   . LEU A 1 87  ? 15.63250  -6.88100  3.88168   1.000 53.05086 ?  84  LEU A O   1 
ATOM   629  C  CB  . LEU A 1 87  ? 12.35723  -7.11174  3.26123   1.000 36.58851 ?  84  LEU A CB  1 
ATOM   630  C  CG  . LEU A 1 87  ? 11.26515  -6.42212  2.43358   1.000 35.73446 ?  84  LEU A CG  1 
ATOM   631  C  CD1 . LEU A 1 87  ? 10.07056  -5.96981  3.27801   1.000 38.37379 ?  84  LEU A CD1 1 
ATOM   632  C  CD2 . LEU A 1 87  ? 11.84087  -5.25683  1.66343   1.000 37.05222 ?  84  LEU A CD2 1 
ATOM   633  N  N   . ARG A 1 88  ? 14.76863  -8.95080  4.07708   1.000 43.26509 ?  85  ARG A N   1 
ATOM   634  C  CA  . ARG A 1 88  ? 15.79020  -9.34907  5.04749   1.000 45.85824 ?  85  ARG A CA  1 
ATOM   635  C  C   . ARG A 1 88  ? 17.19511  -9.21385  4.46523   1.000 50.26738 ?  85  ARG A C   1 
ATOM   636  O  O   . ARG A 1 88  ? 18.09039  -8.65509  5.11221   1.000 46.59169 ?  85  ARG A O   1 
ATOM   637  C  CB  . ARG A 1 88  ? 15.55017  -10.78150 5.52765   1.000 43.07952 ?  85  ARG A CB  1 
ATOM   638  C  CG  . ARG A 1 88  ? 14.29873  -10.96534 6.35225   1.000 46.11855 ?  85  ARG A CG  1 
ATOM   639  C  CD  . ARG A 1 88  ? 14.26791  -12.33603 7.00162   1.000 48.38971 ?  85  ARG A CD  1 
ATOM   640  N  NE  . ARG A 1 88  ? 12.91925  -12.88212 6.98399   1.000 43.63826 ?  85  ARG A NE  1 
ATOM   641  C  CZ  . ARG A 1 88  ? 12.48881  -13.78650 6.11540   1.000 43.40267 ?  85  ARG A CZ  1 
ATOM   642  N  NH1 . ARG A 1 88  ? 13.30036  -14.33333 5.22590   1.000 50.20912 ?  85  ARG A NH1 1 
ATOM   643  N  NH2 . ARG A 1 88  ? 11.20896  -14.14552 6.13509   1.000 50.76434 ?  85  ARG A NH2 1 
ATOM   644  N  N   . GLU A 1 89  ? 17.40937  -9.72126  3.24472   1.000 49.27508 ?  86  GLU A N   1 
ATOM   645  C  CA  . GLU A 1 89  ? 18.68050  -9.51200  2.55473   1.000 45.54273 ?  86  GLU A CA  1 
ATOM   646  C  C   . GLU A 1 89  ? 19.01727  -8.03388  2.41800   1.000 51.57967 ?  86  GLU A C   1 
ATOM   647  O  O   . GLU A 1 89  ? 20.18889  -7.68444  2.23599   1.000 54.46672 ?  86  GLU A O   1 
ATOM   648  C  CB  . GLU A 1 89  ? 18.64454  -10.15414 1.16266   1.000 47.67293 ?  86  GLU A CB  1 
ATOM   649  C  CG  . GLU A 1 89  ? 18.39458  -11.65321 1.16743   1.000 46.66934 ?  86  GLU A CG  1 
ATOM   650  C  CD  . GLU A 1 89  ? 18.27269  -12.23706 -0.23749  1.000 54.79641 ?  86  GLU A CD  1 
ATOM   651  O  OE1 . GLU A 1 89  ? 18.09392  -11.46203 -1.20110  1.000 49.07268 ?  86  GLU A OE1 1 
ATOM   652  O  OE2 . GLU A 1 89  ? 18.35620  -13.47441 -0.38063  1.000 51.20259 -1 86  GLU A OE2 1 
ATOM   653  N  N   . LEU A 1 90  ? 18.01319  -7.16130  2.49264   1.000 49.31104 ?  87  LEU A N   1 
ATOM   654  C  CA  . LEU A 1 90  ? 18.24286  -5.73038  2.36435   1.000 56.89839 ?  87  LEU A CA  1 
ATOM   655  C  C   . LEU A 1 90  ? 18.66517  -5.10612  3.68879   1.000 46.78029 ?  87  LEU A C   1 
ATOM   656  O  O   . LEU A 1 90  ? 19.44327  -4.14743  3.69434   1.000 62.87223 ?  87  LEU A O   1 
ATOM   657  C  CB  . LEU A 1 90  ? 16.97781  -5.06217  1.82418   1.000 54.39454 ?  87  LEU A CB  1 
ATOM   658  C  CG  . LEU A 1 90  ? 17.08944  -3.78116  1.00746   1.000 54.09016 ?  87  LEU A CG  1 
ATOM   659  C  CD1 . LEU A 1 90  ? 18.26207  -3.87795  0.06582   1.000 62.93497 ?  87  LEU A CD1 1 
ATOM   660  C  CD2 . LEU A 1 90  ? 15.80351  -3.57566  0.22608   1.000 53.75853 ?  87  LEU A CD2 1 
ATOM   661  N  N   . GLY A 1 91  ? 18.20234  -5.69104  4.78316   1.000 50.93652 ?  88  GLY A N   1 
ATOM   662  C  CA  . GLY A 1 91  ? 18.52997  -5.25616  6.12800   1.000 55.12163 ?  88  GLY A CA  1 
ATOM   663  C  C   . GLY A 1 91  ? 17.33411  -4.68808  6.84339   1.000 55.46623 ?  88  GLY A C   1 
ATOM   664  O  O   . GLY A 1 91  ? 16.37274  -4.34280  6.20016   1.000 55.21521 ?  88  GLY A O   1 
ATOM   665  N  N   . PRO A 1 92  ? 17.38491  -4.59710  8.17877   1.000 54.70134 ?  89  PRO A N   1 
ATOM   666  C  CA  . PRO A 1 92  ? 16.28256  -4.04173  8.96081   1.000 51.35991 ?  89  PRO A CA  1 
ATOM   667  C  C   . PRO A 1 92  ? 15.79018  -2.66044  8.60385   1.000 54.64735 ?  89  PRO A C   1 
ATOM   668  O  O   . PRO A 1 92  ? 14.62354  -2.43386  8.87544   1.000 57.52760 ?  89  PRO A O   1 
ATOM   669  C  CB  . PRO A 1 92  ? 16.80282  -4.10836  10.37465  1.000 50.16274 ?  89  PRO A CB  1 
ATOM   670  C  CG  . PRO A 1 92  ? 17.54737  -5.38725  10.36899  1.000 60.15839 ?  89  PRO A CG  1 
ATOM   671  C  CD  . PRO A 1 92  ? 18.24800  -5.42695  9.03053   1.000 53.85252 ?  89  PRO A CD  1 
ATOM   672  N  N   . GLU A 1 93  ? 16.58493  -1.77009  8.02567   1.000 47.16956 ?  90  GLU A N   1 
ATOM   673  C  CA  . GLU A 1 93  ? 16.03360  -0.46831  7.65852   1.000 58.61749 ?  90  GLU A CA  1 
ATOM   674  C  C   . GLU A 1 93  ? 14.90208  -0.68276  6.66332   1.000 54.84873 ?  90  GLU A C   1 
ATOM   675  O  O   . GLU A 1 93  ? 13.82633  -0.15707  6.81856   1.000 52.45170 ?  90  GLU A O   1 
ATOM   676  C  CB  . GLU A 1 93  ? 17.06271  0.47192   7.06084   1.000 58.52381 ?  90  GLU A CB  1 
ATOM   677  C  CG  . GLU A 1 93  ? 17.74750  1.35397   8.09585   1.000 59.85470 ?  90  GLU A CG  1 
ATOM   678  C  CD  . GLU A 1 93  ? 18.78933  2.29158   7.50429   1.000 60.71300 ?  90  GLU A CD  1 
ATOM   679  O  OE1 . GLU A 1 93  ? 18.62250  2.73138   6.35361   1.000 64.82394 ?  90  GLU A OE1 1 
ATOM   680  O  OE2 . GLU A 1 93  ? 19.75973  2.58617   8.18484   1.000 51.29896 -1 90  GLU A OE2 1 
ATOM   681  N  N   . ALA A 1 94  ? 15.11230  -1.54207  5.69460   1.000 53.33251 ?  91  ALA A N   1 
ATOM   682  C  CA  . ALA A 1 94  ? 14.08130  -1.70974  4.67778   1.000 48.82116 ?  91  ALA A CA  1 
ATOM   683  C  C   . ALA A 1 94  ? 12.89915  -2.52972  5.18472   1.000 48.04955 ?  91  ALA A C   1 
ATOM   684  O  O   . ALA A 1 94  ? 11.75707  -2.25163  4.80158   1.000 47.09098 ?  91  ALA A O   1 
ATOM   685  C  CB  . ALA A 1 94  ? 14.67090  -2.35578  3.42579   1.000 53.79903 ?  91  ALA A CB  1 
ATOM   686  N  N   . VAL A 1 95  ? 13.17071  -3.53101  6.01536   1.000 42.11633 ?  92  VAL A N   1 
ATOM   687  C  CA  . VAL A 1 95  ? 12.11846  -4.38146  6.55879   1.000 46.03287 ?  92  VAL A CA  1 
ATOM   688  C  C   . VAL A 1 95  ? 11.14463  -3.56651  7.40109   1.000 53.75642 ?  92  VAL A C   1 
ATOM   689  O  O   . VAL A 1 95  ? 9.92901   -3.68589  7.25514   1.000 48.58754 ?  92  VAL A O   1 
ATOM   690  C  CB  . VAL A 1 95  ? 12.69980  -5.51911  7.41793   1.000 44.24006 ?  92  VAL A CB  1 
ATOM   691  C  CG1 . VAL A 1 95  ? 11.59744  -6.19332  8.22012   1.000 37.55896 ?  92  VAL A CG1 1 
ATOM   692  C  CG2 . VAL A 1 95  ? 13.42593  -6.52830  6.54215   1.000 43.85670 ?  92  VAL A CG2 1 
ATOM   693  N  N   . GLU A 1 96  ? 11.69210  -2.73701  8.28237   1.000 53.58237 ?  93  GLU A N   1 
ATOM   694  C  CA  . GLU A 1 96  ? 10.87919  -1.89239  9.15296   1.000 48.67066 ?  93  GLU A CA  1 
ATOM   695  C  C   . GLU A 1 96  ? 10.15999  -0.83051  8.32638   1.000 45.72670 ?  93  GLU A C   1 
ATOM   696  O  O   . GLU A 1 96  ? 8.99803   -0.50693  8.57363   1.000 46.64584 ?  93  GLU A O   1 
ATOM   697  C  CB  . GLU A 1 96  ? 11.74790  -1.23099  10.22339  1.000 54.02790 ?  93  GLU A CB  1 
ATOM   698  C  CG  . GLU A 1 96  ? 11.07649  -0.06888  10.93665  1.000 54.41980 ?  93  GLU A CG  1 
ATOM   699  C  CD  . GLU A 1 96  ? 10.35837  -0.49776  12.20047  1.000 61.32804 ?  93  GLU A CD  1 
ATOM   700  O  OE1 . GLU A 1 96  ? 9.70580   -1.56184  12.18341  1.000 59.79242 ?  93  GLU A OE1 1 
ATOM   701  O  OE2 . GLU A 1 96  ? 10.44673  0.22967   13.21292  1.000 71.56030 -1 93  GLU A OE2 1 
ATOM   702  N  N   . LEU A 1 97  ? 10.87455  -0.29851  7.34237   1.000 45.82728 ?  94  LEU A N   1 
ATOM   703  C  CA  . LEU A 1 97  ? 10.37760  0.69113   6.46285   1.000 50.20416 ?  94  LEU A CA  1 
ATOM   704  C  C   . LEU A 1 97  ? 9.06745   0.25436   5.77153   1.000 45.11742 ?  94  LEU A C   1 
ATOM   705  O  O   . LEU A 1 97  ? 8.14285   1.00876   5.71612   1.000 39.29060 ?  94  LEU A O   1 
ATOM   706  C  CB  . LEU A 1 97  ? 11.41002  0.88411   5.41741   1.000 44.42398 ?  94  LEU A CB  1 
ATOM   707  C  CG  . LEU A 1 97  ? 11.21404  2.03371   4.53456   1.000 49.53051 ?  94  LEU A CG  1 
ATOM   708  C  CD1 . LEU A 1 97  ? 11.43853  3.26164   5.37746   1.000 55.40139 ?  94  LEU A CD1 1 
ATOM   709  C  CD2 . LEU A 1 97  ? 12.19277  1.92051   3.40422   1.000 48.35933 ?  94  LEU A CD2 1 
ATOM   710  N  N   . VAL A 1 98  ? 9.04467   -0.93999  5.19049   1.000 43.49194 ?  95  VAL A N   1 
ATOM   711  C  CA  . VAL A 1 98  ? 7.83417   -1.44167  4.55245   1.000 38.20731 ?  95  VAL A CA  1 
ATOM   712  C  C   . VAL A 1 98  ? 6.74036   -1.66418  5.58488   1.000 32.74400 ?  95  VAL A C   1 
ATOM   713  O  O   . VAL A 1 98  ? 5.57672   -1.32349  5.35236   1.000 30.54275 ?  95  VAL A O   1 
ATOM   714  C  CB  . VAL A 1 98  ? 8.12884   -2.73511  3.77115   1.000 36.15919 ?  95  VAL A CB  1 
ATOM   715  C  CG1 . VAL A 1 98  ? 6.84890   -3.27959  3.16649   1.000 33.56297 ?  95  VAL A CG1 1 
ATOM   716  C  CG2 . VAL A 1 98  ? 9.16452   -2.47997  2.69925   1.000 37.35689 ?  95  VAL A CG2 1 
ATOM   717  N  N   . SER A 1 99  ? 7.09109   -2.25410  6.73269   1.000 36.02211 ?  96  SER A N   1 
ATOM   718  C  CA  . SER A 1 99  ? 6.07649   -2.59307  7.72128   1.000 36.76190 ?  96  SER A CA  1 
ATOM   719  C  C   . SER A 1 99  ? 5.55036   -1.35089  8.42272   1.000 34.89947 ?  96  SER A C   1 
ATOM   720  O  O   . SER A 1 99  ? 4.40675   -1.35041  8.89276   1.000 30.08208 ?  96  SER A O   1 
ATOM   721  C  CB  . SER A 1 99  ? 6.63023   -3.58726  8.74337   1.000 40.67211 ?  96  SER A CB  1 
ATOM   722  O  OG  . SER A 1 99  ? 7.68688   -3.01612  9.49810   1.000 43.45689 ?  96  SER A OG  1 
ATOM   723  N  N   . THR A 1 100 ? 6.35671   -0.28862  8.49592   1.000 37.83102 ?  97  THR A N   1 
ATOM   724  C  CA  . THR A 1 100 ? 5.83850   0.98431   8.99357   1.000 38.12397 ?  97  THR A CA  1 
ATOM   725  C  C   . THR A 1 100 ? 4.82860   1.57107   8.01903   1.000 33.85255 ?  97  THR A C   1 
ATOM   726  O  O   . THR A 1 100 ? 3.72272   1.94912   8.41481   1.000 30.45773 ?  97  THR A O   1 
ATOM   727  C  CB  . THR A 1 100 ? 6.97621   1.97621   9.25001   1.000 36.64167 ?  97  THR A CB  1 
ATOM   728  O  OG1 . THR A 1 100 ? 7.72702   1.54293   10.38951  1.000 44.04854 ?  97  THR A OG1 1 
ATOM   729  C  CG2 . THR A 1 100 ? 6.41853   3.37703   9.53057   1.000 37.98093 ?  97  THR A CG2 1 
ATOM   730  N  N   . PHE A 1 101 ? 5.18181   1.61798   6.72902   1.000 37.23310 ?  98  PHE A N   1 
ATOM   731  C  CA  . PHE A 1 101 ? 4.26991   2.15456   5.72115   1.000 31.50365 ?  98  PHE A CA  1 
ATOM   732  C  C   . PHE A 1 101 ? 2.99018   1.33619   5.63255   1.000 29.08902 ?  98  PHE A C   1 
ATOM   733  O  O   . PHE A 1 101 ? 1.89340   1.89359   5.48108   1.000 26.76319 ?  98  PHE A O   1 
ATOM   734  C  CB  . PHE A 1 101 ? 4.95260   2.18992   4.35189   1.000 34.31787 ?  98  PHE A CB  1 
ATOM   735  C  CG  . PHE A 1 101 ? 4.00511   2.45506   3.22031   1.000 30.41747 ?  98  PHE A CG  1 
ATOM   736  C  CD1 . PHE A 1 101 ? 3.67824   3.75479   2.86819   1.000 30.67969 ?  98  PHE A CD1 1 
ATOM   737  C  CD2 . PHE A 1 101 ? 3.43686   1.40385   2.50423   1.000 25.62580 ?  98  PHE A CD2 1 
ATOM   738  C  CE1 . PHE A 1 101 ? 2.79633   4.01468   1.83166   1.000 31.25215 ?  98  PHE A CE1 1 
ATOM   739  C  CE2 . PHE A 1 101 ? 2.55039   1.65163   1.47559   1.000 28.09393 ?  98  PHE A CE2 1 
ATOM   740  C  CZ  . PHE A 1 101 ? 2.23116   2.95873   1.13020   1.000 29.52479 ?  98  PHE A CZ  1 
ATOM   741  N  N   . THR A 1 102 ? 3.11516   0.00921   5.67732   1.000 28.48094 ?  99  THR A N   1 
ATOM   742  C  CA  . THR A 1 102 ? 1.94193   -0.83449  5.47608   1.000 25.56724 ?  99  THR A CA  1 
ATOM   743  C  C   . THR A 1 102 ? 0.96772   -0.71283  6.64267   1.000 25.04726 ?  99  THR A C   1 
ATOM   744  O  O   . THR A 1 102 ? -0.25201  -0.77079  6.44095   1.000 23.50528 ?  99  THR A O   1 
ATOM   745  C  CB  . THR A 1 102 ? 2.36895   -2.29166  5.22091   1.000 27.64375 ?  99  THR A CB  1 
ATOM   746  O  OG1 . THR A 1 102 ? 1.34985   -2.94057  4.45931   1.000 28.14661 ?  99  THR A OG1 1 
ATOM   747  C  CG2 . THR A 1 102 ? 2.56125   -3.07084  6.51829   1.000 27.32323 ?  99  THR A CG2 1 
ATOM   748  N  N   . GLN A 1 103 ? 1.47886   -0.49718  7.85592   1.000 26.30745 ?  100 GLN A N   1 
ATOM   749  C  CA  . GLN A 1 103 ? 0.59348   -0.24593  8.99344   1.000 25.29837 ?  100 GLN A CA  1 
ATOM   750  C  C   . GLN A 1 103 ? -0.00365  1.15525   8.94365   1.000 24.28226 ?  100 GLN A C   1 
ATOM   751  O  O   . GLN A 1 103 ? -1.17205  1.34647   9.30154   1.000 24.20246 ?  100 GLN A O   1 
ATOM   752  C  CB  . GLN A 1 103 ? 1.34562   -0.46443  10.30809  1.000 28.92402 ?  100 GLN A CB  1 
ATOM   753  C  CG  . GLN A 1 103 ? 0.49250   -0.28117  11.55744  1.000 32.83459 ?  100 GLN A CG  1 
ATOM   754  C  CD  . GLN A 1 103 ? -0.76648  -1.13142  11.53828  1.000 28.71335 ?  100 GLN A CD  1 
ATOM   755  O  OE1 . GLN A 1 103 ? -0.71882  -2.32308  11.25508  1.000 36.05206 ?  100 GLN A OE1 1 
ATOM   756  N  NE2 . GLN A 1 103 ? -1.91021  -0.50578  11.83450  1.000 27.62168 ?  100 GLN A NE2 1 
ATOM   757  N  N   . GLN A 1 104 ? 0.77144   2.14605   8.49282   1.000 25.31959 ?  101 GLN A N   1 
ATOM   758  C  CA  . GLN A 1 104 ? 0.21676   3.47975   8.28596   1.000 27.48429 ?  101 GLN A CA  1 
ATOM   759  C  C   . GLN A 1 104 ? -0.85733  3.48723   7.20495   1.000 28.63144 ?  101 GLN A C   1 
ATOM   760  O  O   . GLN A 1 104 ? -1.78304  4.30032   7.26444   1.000 23.94402 ?  101 GLN A O   1 
ATOM   761  C  CB  . GLN A 1 104 ? 1.32159   4.46607   7.91076   1.000 36.30805 ?  101 GLN A CB  1 
ATOM   762  C  CG  . GLN A 1 104 ? 2.34913   4.75940   9.00865   1.000 40.76142 ?  101 GLN A CG  1 
ATOM   763  C  CD  . GLN A 1 104 ? 3.47283   5.65639   8.49483   1.000 41.13455 ?  101 GLN A CD  1 
ATOM   764  O  OE1 . GLN A 1 104 ? 3.89247   5.53681   7.34505   1.000 45.60254 ?  101 GLN A OE1 1 
ATOM   765  N  NE2 . GLN A 1 104 ? 3.95438   6.56078   9.34167   1.000 48.63370 ?  101 GLN A NE2 1 
ATOM   766  N  N   . PHE A 1 105 ? -0.74807  2.60506   6.20273   1.000 22.09057 ?  102 PHE A N   1 
ATOM   767  C  CA  . PHE A 1 105 ? -1.79348  2.49756   5.19192   1.000 24.57753 ?  102 PHE A CA  1 
ATOM   768  C  C   . PHE A 1 105 ? -3.14143  2.22298   5.84482   1.000 20.23619 ?  102 PHE A C   1 
ATOM   769  O  O   . PHE A 1 105 ? -4.15210  2.85891   5.52054   1.000 23.14482 ?  102 PHE A O   1 
ATOM   770  C  CB  . PHE A 1 105 ? -1.40692  1.39331   4.19579   1.000 20.82437 ?  102 PHE A CB  1 
ATOM   771  C  CG  . PHE A 1 105 ? -2.12620  1.44855   2.86789   1.000 23.84748 ?  102 PHE A CG  1 
ATOM   772  C  CD1 . PHE A 1 105 ? -3.45902  1.11947   2.75922   1.000 26.64964 ?  102 PHE A CD1 1 
ATOM   773  C  CD2 . PHE A 1 105 ? -1.43541  1.78300   1.70653   1.000 24.47211 ?  102 PHE A CD2 1 
ATOM   774  C  CE1 . PHE A 1 105 ? -4.11337  1.15656   1.52087   1.000 21.48103 ?  102 PHE A CE1 1 
ATOM   775  C  CE2 . PHE A 1 105 ? -2.07302  1.81736   0.48012   1.000 27.05126 ?  102 PHE A CE2 1 
ATOM   776  C  CZ  . PHE A 1 105 ? -3.41844  1.50839   0.38451   1.000 19.93208 ?  102 PHE A CZ  1 
ATOM   777  N  N   . VAL A 1 106 ? -3.17001  1.27978   6.78231   1.000 18.77513 ?  103 VAL A N   1 
ATOM   778  C  CA  . VAL A 1 106 ? -4.40325  0.96407   7.49987   1.000 23.06077 ?  103 VAL A CA  1 
ATOM   779  C  C   . VAL A 1 106 ? -4.82080  2.12717   8.40150   1.000 19.11230 ?  103 VAL A C   1 
ATOM   780  O  O   . VAL A 1 106 ? -5.99547  2.50889   8.42468   1.000 22.92530 ?  103 VAL A O   1 
ATOM   781  C  CB  . VAL A 1 106 ? -4.23695  -0.34549  8.29687   1.000 27.80975 ?  103 VAL A CB  1 
ATOM   782  C  CG1 . VAL A 1 106 ? -5.41935  -0.53846  9.26408   1.000 25.45370 ?  103 VAL A CG1 1 
ATOM   783  C  CG2 . VAL A 1 106 ? -4.10359  -1.51463  7.34483   1.000 23.84503 ?  103 VAL A CG2 1 
ATOM   784  N  N   . ASP A 1 107 ? -3.86377  2.72573   9.12661   1.000 23.48995 ?  104 ASP A N   1 
ATOM   785  C  CA  . ASP A 1 107 ? -4.17989  3.82711   10.04957  1.000 24.63915 ?  104 ASP A CA  1 
ATOM   786  C  C   . ASP A 1 107 ? -4.78336  5.02027   9.32478   1.000 26.04224 ?  104 ASP A C   1 
ATOM   787  O  O   . ASP A 1 107 ? -5.65046  5.71986   9.87057   1.000 26.71091 ?  104 ASP A O   1 
ATOM   788  C  CB  . ASP A 1 107 ? -2.92446  4.28896   10.79314  1.000 26.73494 ?  104 ASP A CB  1 
ATOM   789  C  CG  . ASP A 1 107 ? -2.33955  3.23029   11.71073  1.000 28.68934 ?  104 ASP A CG  1 
ATOM   790  O  OD1 . ASP A 1 107 ? -3.06582  2.32042   12.13372  1.000 29.74820 ?  104 ASP A OD1 1 
ATOM   791  O  OD2 . ASP A 1 107 ? -1.12651  3.31531   12.01218  1.000 33.99410 -1 104 ASP A OD2 1 
ATOM   792  N  N   . VAL A 1 108 ? -4.29712  5.30734   8.11594   1.000 22.65723 ?  105 VAL A N   1 
ATOM   793  C  CA  . VAL A 1 108 ? -4.82302  6.43940   7.36623   1.000 24.47795 ?  105 VAL A CA  1 
ATOM   794  C  C   . VAL A 1 108 ? -6.28170  6.20256   7.00819   1.000 27.24323 ?  105 VAL A C   1 
ATOM   795  O  O   . VAL A 1 108 ? -7.11181  7.13062   7.04414   1.000 26.01469 ?  105 VAL A O   1 
ATOM   796  C  CB  . VAL A 1 108 ? -3.97185  6.68573   6.10360   1.000 28.23162 ?  105 VAL A CB  1 
ATOM   797  C  CG1 . VAL A 1 108 ? -4.74844  7.47032   5.10276   1.000 23.09689 ?  105 VAL A CG1 1 
ATOM   798  C  CG2 . VAL A 1 108 ? -2.66812  7.39158   6.45586   1.000 26.71820 ?  105 VAL A CG2 1 
ATOM   799  N  N   . ILE A 1 109 ? -6.60634  4.96756   6.60131   1.000 24.62336 ?  106 ILE A N   1 
ATOM   800  C  CA  . ILE A 1 109 ? -7.97974  4.65388   6.23042   1.000 22.41495 ?  106 ILE A CA  1 
ATOM   801  C  C   . ILE A 1 109 ? -8.88057  4.84431   7.43259   1.000 25.38485 ?  106 ILE A C   1 
ATOM   802  O  O   . ILE A 1 109 ? -9.94232  5.46469   7.34723   1.000 26.43841 ?  106 ILE A O   1 
ATOM   803  C  CB  . ILE A 1 109 ? -8.08307  3.22459   5.67733   1.000 22.42746 ?  106 ILE A CB  1 
ATOM   804  C  CG1 . ILE A 1 109 ? -7.27922  3.09226   4.37434   1.000 22.07244 ?  106 ILE A CG1 1 
ATOM   805  C  CG2 . ILE A 1 109 ? -9.53569  2.86662   5.41448   1.000 27.52423 ?  106 ILE A CG2 1 
ATOM   806  C  CD1 . ILE A 1 109 ? -7.37911  1.71689   3.74034   1.000 23.65594 ?  106 ILE A CD1 1 
ATOM   807  N  N   . ARG A 1 110 ? -8.45559  4.30245   8.57456   1.000 27.82753 ?  107 ARG A N   1 
ATOM   808  C  CA  . ARG A 1 110 ? -9.22287  4.43346   9.80634   1.000 27.79769 ?  107 ARG A CA  1 
ATOM   809  C  C   . ARG A 1 110 ? -9.24897  5.86859   10.30733  1.000 31.04546 ?  107 ARG A C   1 
ATOM   810  O  O   . ARG A 1 110 ? -10.25022 6.29311   10.89032  1.000 30.14935 ?  107 ARG A O   1 
ATOM   811  C  CB  . ARG A 1 110 ? -8.64945  3.48404   10.85406  1.000 23.08630 ?  107 ARG A CB  1 
ATOM   812  C  CG  . ARG A 1 110 ? -8.91670  2.01071   10.52397  1.000 24.49070 ?  107 ARG A CG  1 
ATOM   813  C  CD  . ARG A 1 110 ? -8.69570  1.08882   11.71337  1.000 32.62571 ?  107 ARG A CD  1 
ATOM   814  N  NE  . ARG A 1 110 ? -9.16472  -0.26579  11.43606  1.000 26.68609 ?  107 ARG A NE  1 
ATOM   815  C  CZ  . ARG A 1 110 ? -10.44316 -0.61674  11.37551  1.000 26.79136 ?  107 ARG A CZ  1 
ATOM   816  N  NH1 . ARG A 1 110 ? -11.41356 0.27290   11.53895  1.000 30.61930 ?  107 ARG A NH1 1 
ATOM   817  N  NH2 . ARG A 1 110 ? -10.75759 -1.89030  11.15165  1.000 22.84690 ?  107 ARG A NH2 1 
ATOM   818  N  N   . GLY A 1 111 ? -8.18964  6.64007   10.05472  1.000 28.49778 ?  108 GLY A N   1 
ATOM   819  C  CA  . GLY A 1 111 ? -8.12533  8.01955   10.52391  1.000 33.62196 ?  108 GLY A CA  1 
ATOM   820  C  C   . GLY A 1 111 ? -8.97825  8.99741   9.73737   1.000 32.39188 ?  108 GLY A C   1 
ATOM   821  O  O   . GLY A 1 111 ? -9.16616  10.13469  10.18779  1.000 34.77340 ?  108 GLY A O   1 
ATOM   822  N  N   . ASP A 1 112 ? -9.47099  8.59822   8.56446   1.000 32.85635 ?  109 ASP A N   1 
ATOM   823  C  CA  . ASP A 1 112 ? -10.37449 9.46128   7.81454   1.000 33.04447 ?  109 ASP A CA  1 
ATOM   824  C  C   . ASP A 1 112 ? -11.19270 8.61560   6.85151   1.000 31.36025 ?  109 ASP A C   1 
ATOM   825  O  O   . ASP A 1 112 ? -10.99395 8.68498   5.62710   1.000 32.25148 ?  109 ASP A O   1 
ATOM   826  C  CB  . ASP A 1 112 ? -9.61101  10.54821  7.05419   1.000 35.77138 ?  109 ASP A CB  1 
ATOM   827  C  CG  . ASP A 1 112 ? -10.46549 11.77552  6.77612   1.000 37.65358 ?  109 ASP A CG  1 
ATOM   828  O  OD1 . ASP A 1 112 ? -11.71099 11.65750  6.76521   1.000 36.09712 ?  109 ASP A OD1 1 
ATOM   829  O  OD2 . ASP A 1 112 ? -9.89256  12.86037  6.55479   1.000 40.94131 -1 109 ASP A OD2 1 
ATOM   830  N  N   . PRO A 1 113 ? -12.12243 7.81051   7.37356   1.000 34.21010 ?  110 PRO A N   1 
ATOM   831  C  CA  . PRO A 1 113 ? -12.93079 6.95609   6.49209   1.000 29.80092 ?  110 PRO A CA  1 
ATOM   832  C  C   . PRO A 1 113 ? -13.84085 7.74115   5.56547   1.000 38.33678 ?  110 PRO A C   1 
ATOM   833  O  O   . PRO A 1 113 ? -14.08513 7.29915   4.43867   1.000 32.02712 ?  110 PRO A O   1 
ATOM   834  C  CB  . PRO A 1 113 ? -13.73381 6.09976   7.48143   1.000 29.68557 ?  110 PRO A CB  1 
ATOM   835  C  CG  . PRO A 1 113 ? -13.80285 6.93900   8.72683   1.000 32.75450 ?  110 PRO A CG  1 
ATOM   836  C  CD  . PRO A 1 113 ? -12.48215 7.64826   8.79472   1.000 32.94075 ?  110 PRO A CD  1 
ATOM   837  N  N   . GLN A 1 114 ? -14.35923 8.89609   5.99794   1.000 28.23945 ?  111 GLN A N   1 
ATOM   838  C  CA  . GLN A 1 114 ? -15.22058 9.65583   5.10454   1.000 32.42188 ?  111 GLN A CA  1 
ATOM   839  C  C   . GLN A 1 114 ? -14.43320 10.24847  3.94777   1.000 27.29936 ?  111 GLN A C   1 
ATOM   840  O  O   . GLN A 1 114 ? -14.97092 10.38958  2.84169   1.000 35.11041 ?  111 GLN A O   1 
ATOM   841  C  CB  . GLN A 1 114 ? -15.96122 10.74283  5.88961   1.000 35.20251 ?  111 GLN A CB  1 
ATOM   842  C  CG  . GLN A 1 114 ? -17.14728 10.19037  6.66646   1.000 39.86097 ?  111 GLN A CG  1 
ATOM   843  C  CD  . GLN A 1 114 ? -17.72576 11.17813  7.65640   1.000 59.36477 ?  111 GLN A CD  1 
ATOM   844  O  OE1 . GLN A 1 114 ? -17.03319 12.07598  8.13596   1.000 60.27413 ?  111 GLN A OE1 1 
ATOM   845  N  NE2 . GLN A 1 114 ? -19.00690 11.01419  7.97337   1.000 64.01582 ?  111 GLN A NE2 1 
ATOM   846  N  N   . ALA A 1 115 ? -13.15449 10.57920  4.16248   1.000 24.86819 ?  112 ALA A N   1 
ATOM   847  C  CA  . ALA A 1 115 ? -12.35205 11.05815  3.04496   1.000 32.09033 ?  112 ALA A CA  1 
ATOM   848  C  C   . ALA A 1 115 ? -12.07512 9.92864   2.07011   1.000 26.32997 ?  112 ALA A C   1 
ATOM   849  O  O   . ALA A 1 115 ? -12.17813 10.11025  0.85056   1.000 30.90584 ?  112 ALA A O   1 
ATOM   850  C  CB  . ALA A 1 115 ? -11.04395 11.67844  3.53452   1.000 34.21024 ?  112 ALA A CB  1 
ATOM   851  N  N   . VAL A 1 116 ? -11.75987 8.73888   2.58292   1.000 25.78778 ?  113 VAL A N   1 
ATOM   852  C  CA  . VAL A 1 116 ? -11.57037 7.60965   1.68554   1.000 21.84548 ?  113 VAL A CA  1 
ATOM   853  C  C   . VAL A 1 116 ? -12.85124 7.35013   0.90891   1.000 23.06703 ?  113 VAL A C   1 
ATOM   854  O  O   . VAL A 1 116 ? -12.83857 7.24766   -0.32562  1.000 27.08715 ?  113 VAL A O   1 
ATOM   855  C  CB  . VAL A 1 116 ? -11.11279 6.36309   2.46196   1.000 26.39624 ?  113 VAL A CB  1 
ATOM   856  C  CG1 . VAL A 1 116 ? -11.02486 5.16739   1.50244   1.000 28.63485 ?  113 VAL A CG1 1 
ATOM   857  C  CG2 . VAL A 1 116 ? -9.76365  6.61107   3.11276   1.000 20.93111 ?  113 VAL A CG2 1 
ATOM   858  N  N   . ALA A 1 117 ? -13.97779 7.27481   1.62303   1.000 24.40179 ?  114 ALA A N   1 
ATOM   859  C  CA  . ALA A 1 117 ? -15.27923 7.14606   0.97620   1.000 26.90171 ?  114 ALA A CA  1 
ATOM   860  C  C   . ALA A 1 117 ? -15.44687 8.16796   -0.14338  1.000 34.02567 ?  114 ALA A C   1 
ATOM   861  O  O   . ALA A 1 117 ? -15.93093 7.82851   -1.22996  1.000 30.29765 ?  114 ALA A O   1 
ATOM   862  C  CB  . ALA A 1 117 ? -16.39322 7.28949   2.01013   1.000 29.50452 ?  114 ALA A CB  1 
ATOM   863  N  N   . GLU A 1 118 ? -15.02466 9.41592   0.09900   1.000 28.86551 ?  115 GLU A N   1 
ATOM   864  C  CA  . GLU A 1 118 ? -15.12513 10.47670  -0.90719  1.000 32.89678 ?  115 GLU A CA  1 
ATOM   865  C  C   . GLU A 1 118 ? -14.26557 10.19217  -2.12690  1.000 38.72459 ?  115 GLU A C   1 
ATOM   866  O  O   . GLU A 1 118 ? -14.74833 10.23568  -3.26657  1.000 40.16044 ?  115 GLU A O   1 
ATOM   867  C  CB  . GLU A 1 118 ? -14.69193 11.81796  -0.31531  1.000 41.97577 ?  115 GLU A CB  1 
ATOM   868  C  CG  . GLU A 1 118 ? -15.71243 12.56222  0.49439   1.000 42.39448 ?  115 GLU A CG  1 
ATOM   869  C  CD  . GLU A 1 118 ? -15.61507 14.05511  0.25196   1.000 46.91998 ?  115 GLU A CD  1 
ATOM   870  O  OE1 . GLU A 1 118 ? -14.53840 14.64053  0.48419   1.000 43.44931 ?  115 GLU A OE1 1 
ATOM   871  O  OE2 . GLU A 1 118 ? -16.60989 14.64165  -0.20685  1.000 47.42830 -1 115 GLU A OE2 1 
ATOM   872  N  N   . HIS A 1 119 ? -12.96300 9.98301   -1.91660  1.000 36.88055 ?  116 HIS A N   1 
ATOM   873  C  CA  . HIS A 1 119 ? -12.06765 9.78681   -3.05114  1.000 39.62118 ?  116 HIS A CA  1 
ATOM   874  C  C   . HIS A 1 119 ? -12.48603 8.58090   -3.87873  1.000 36.37939 ?  116 HIS A C   1 
ATOM   875  O  O   . HIS A 1 119 ? -12.52392 8.65470   -5.11140  1.000 38.81173 ?  116 HIS A O   1 
ATOM   876  C  CB  . HIS A 1 119 ? -10.61645 9.64609   -2.57907  1.000 33.27434 ?  116 HIS A CB  1 
ATOM   877  C  CG  . HIS A 1 119 ? -10.00889 10.93297  -2.10623  1.000 36.11349 ?  116 HIS A CG  1 
ATOM   878  N  ND1 . HIS A 1 119 ? -8.98306  11.56636  -2.77603  1.000 40.04168 ?  116 HIS A ND1 1 
ATOM   879  C  CD2 . HIS A 1 119 ? -10.29441 11.70910  -1.03381  1.000 39.57318 ?  116 HIS A CD2 1 
ATOM   880  C  CE1 . HIS A 1 119 ? -8.65832  12.67510  -2.13342  1.000 44.42271 ?  116 HIS A CE1 1 
ATOM   881  N  NE2 . HIS A 1 119 ? -9.44093  12.78703  -1.07352  1.000 49.07143 ?  116 HIS A NE2 1 
ATOM   882  N  N   . LEU A 1 120 ? -12.82806 7.48145   -3.24592  1.000 32.87211 ?  117 LEU A N   1 
ATOM   883  C  CA  . LEU A 1 120 ? -13.13867 6.26363   -3.96066  1.000 39.60438 ?  117 LEU A CA  1 
ATOM   884  C  C   . LEU A 1 120 ? -14.57073 6.04784   -4.38172  1.000 40.82780 ?  117 LEU A C   1 
ATOM   885  O  O   . LEU A 1 120 ? -14.86754 5.11897   -5.09523  1.000 37.77309 ?  117 LEU A O   1 
ATOM   886  C  CB  . LEU A 1 120 ? -12.70373 5.07996   -3.12004  1.000 27.01702 ?  117 LEU A CB  1 
ATOM   887  C  CG  . LEU A 1 120 ? -11.20990 4.86065   -3.18710  1.000 32.81180 ?  117 LEU A CG  1 
ATOM   888  C  CD1 . LEU A 1 120 ? -10.47870 6.05345   -2.69620  1.000 35.80120 ?  117 LEU A CD1 1 
ATOM   889  C  CD2 . LEU A 1 120 ? -10.81365 3.65812   -2.38890  1.000 33.21563 ?  117 LEU A CD2 1 
ATOM   890  N  N   . ASN A 1 121 ? -15.42178 6.93954   -3.92074  1.000 38.67169 ?  118 ASN A N   1 
ATOM   891  C  CA  . ASN A 1 121 ? -16.84082 6.85468   -4.12776  1.000 36.00193 ?  118 ASN A CA  1 
ATOM   892  C  C   . ASN A 1 121 ? -17.38836 5.52304   -3.77192  1.000 41.49170 ?  118 ASN A C   1 
ATOM   893  O  O   . ASN A 1 121 ? -17.99077 4.88432   -4.57703  1.000 37.38879 ?  118 ASN A O   1 
ATOM   894  C  CB  . ASN A 1 121 ? -17.23785 7.22764   -5.52815  1.000 37.17700 ?  118 ASN A CB  1 
ATOM   895  C  CG  . ASN A 1 121 ? -18.24433 8.29743   -5.55419  1.000 51.03725 ?  118 ASN A CG  1 
ATOM   896  O  OD1 . ASN A 1 121 ? -19.41786 8.02932   -5.52277  1.000 63.54114 ?  118 ASN A OD1 1 
ATOM   897  N  ND2 . ASN A 1 121 ? -17.79699 9.52326   -5.57241  1.000 53.18161 ?  118 ASN A ND2 1 
ATOM   898  N  N   . ILE A 1 122 ? -17.20365 5.15482   -2.51954  1.000 37.67949 ?  119 ILE A N   1 
ATOM   899  C  CA  . ILE A 1 122 ? -17.74192 3.92252   -1.99412  1.000 36.76905 ?  119 ILE A CA  1 
ATOM   900  C  C   . ILE A 1 122 ? -18.40028 4.25585   -0.66095  1.000 32.64855 ?  119 ILE A C   1 
ATOM   901  O  O   . ILE A 1 122 ? -18.22728 5.34824   -0.10877  1.000 45.50318 ?  119 ILE A O   1 
ATOM   902  C  CB  . ILE A 1 122 ? -16.64238 2.86941   -1.77347  1.000 33.06186 ?  119 ILE A CB  1 
ATOM   903  C  CG1 . ILE A 1 122 ? -15.58951 3.39484   -0.79627  1.000 28.58847 ?  119 ILE A CG1 1 
ATOM   904  C  CG2 . ILE A 1 122 ? -16.00191 2.48289   -3.09791  1.000 34.37173 ?  119 ILE A CG2 1 
ATOM   905  C  CD1 . ILE A 1 122 ? -14.42645 2.45054   -0.58383  1.000 28.79107 ?  119 ILE A CD1 1 
ATOM   906  N  N   . SER A 1 123 ? -19.15300 3.30684   -0.12383  1.000 39.46390 ?  120 SER A N   1 
ATOM   907  C  CA  . SER A 1 123 ? -19.78445 3.50466   1.16962   1.000 37.39512 ?  120 SER A CA  1 
ATOM   908  C  C   . SER A 1 123 ? -18.76371 3.37746   2.30026   1.000 37.52431 ?  120 SER A C   1 
ATOM   909  O  O   . SER A 1 123 ? -17.64702 2.87176   2.12451   1.000 29.60643 ?  120 SER A O   1 
ATOM   910  C  CB  . SER A 1 123 ? -20.91737 2.49831   1.37539   1.000 38.22362 ?  120 SER A CB  1 
ATOM   911  O  OG  . SER A 1 123 ? -20.41565 1.23552   1.77245   1.000 41.60709 ?  120 SER A OG  1 
ATOM   912  N  N   . LEU A 1 124 ? -19.16055 3.86744   3.47572   1.000 33.45926 ?  121 LEU A N   1 
ATOM   913  C  CA  . LEU A 1 124 ? -18.33559 3.72467   4.67002   1.000 33.59016 ?  121 LEU A CA  1 
ATOM   914  C  C   . LEU A 1 124 ? -18.19820 2.26778   5.08654   1.000 29.41556 ?  121 LEU A C   1 
ATOM   915  O  O   . LEU A 1 124 ? -17.18046 1.88676   5.67392   1.000 30.36346 ?  121 LEU A O   1 
ATOM   916  C  CB  . LEU A 1 124 ? -18.92566 4.54100   5.82102   1.000 34.73160 ?  121 LEU A CB  1 
ATOM   917  C  CG  . LEU A 1 124 ? -18.60522 6.03796   5.81839   1.000 39.18298 ?  121 LEU A CG  1 
ATOM   918  C  CD1 . LEU A 1 124 ? -19.37141 6.77602   6.90714   1.000 42.30023 ?  121 LEU A CD1 1 
ATOM   919  C  CD2 . LEU A 1 124 ? -17.11718 6.23060   5.99637   1.000 35.69102 ?  121 LEU A CD2 1 
ATOM   920  N  N   . GLU A 1 125 ? -19.22031 1.44984   4.83809   1.000 30.88997 ?  122 GLU A N   1 
ATOM   921  C  CA  . GLU A 1 125 ? -19.08828 0.02751   5.12763   1.000 31.33719 ?  122 GLU A CA  1 
ATOM   922  C  C   . GLU A 1 125 ? -18.01337 -0.60752  4.24725   1.000 27.35692 ?  122 GLU A C   1 
ATOM   923  O  O   . GLU A 1 125 ? -17.22631 -1.43281  4.72043   1.000 28.57077 ?  122 GLU A O   1 
ATOM   924  C  CB  . GLU A 1 125 ? -20.43713 -0.66803  4.94638   1.000 38.02650 ?  122 GLU A CB  1 
ATOM   925  C  CG  . GLU A 1 125 ? -20.38680 -2.17878  5.07089   1.000 46.27921 ?  122 GLU A CG  1 
ATOM   926  C  CD  . GLU A 1 125 ? -21.76746 -2.80872  5.07250   1.000 52.17832 ?  122 GLU A CD  1 
ATOM   927  O  OE1 . GLU A 1 125 ? -22.65486 -2.28982  5.78466   1.000 51.90897 ?  122 GLU A OE1 1 
ATOM   928  O  OE2 . GLU A 1 125 ? -21.96173 -3.82245  4.36533   1.000 47.21862 -1 122 GLU A OE2 1 
ATOM   929  N  N   . ASP A 1 126 ? -17.93678 -0.20446  2.97898   1.000 28.98947 ?  123 ASP A N   1 
ATOM   930  C  CA  . ASP A 1 126 ? -16.86923 -0.70423  2.11894   1.000 26.19190 ?  123 ASP A CA  1 
ATOM   931  C  C   . ASP A 1 126 ? -15.50563 -0.14663  2.51025   1.000 25.29484 ?  123 ASP A C   1 
ATOM   932  O  O   . ASP A 1 126 ? -14.48682 -0.79910  2.26598   1.000 25.17411 ?  123 ASP A O   1 
ATOM   933  C  CB  . ASP A 1 126 ? -17.15720 -0.36192  0.66421   1.000 31.89319 ?  123 ASP A CB  1 
ATOM   934  C  CG  . ASP A 1 126 ? -18.20803 -1.25568  0.04586   1.000 31.71897 ?  123 ASP A CG  1 
ATOM   935  O  OD1 . ASP A 1 126 ? -18.55510 -2.29738  0.63584   1.000 32.76410 ?  123 ASP A OD1 1 
ATOM   936  O  OD2 . ASP A 1 126 ? -18.68421 -0.90595  -1.05252  1.000 36.09149 -1 123 ASP A OD2 1 
ATOM   937  N  N   . VAL A 1 127 ? -15.44530 1.06933   3.06558   1.000 26.60780 ?  124 VAL A N   1 
ATOM   938  C  CA  . VAL A 1 127 ? -14.15952 1.56640   3.55247   1.000 30.28108 ?  124 VAL A CA  1 
ATOM   939  C  C   . VAL A 1 127 ? -13.68469 0.71526   4.72498   1.000 26.21011 ?  124 VAL A C   1 
ATOM   940  O  O   . VAL A 1 127 ? -12.48265 0.46682   4.88912   1.000 21.13039 ?  124 VAL A O   1 
ATOM   941  C  CB  . VAL A 1 127 ? -14.24663 3.05829   3.93514   1.000 25.89960 ?  124 VAL A CB  1 
ATOM   942  C  CG1 . VAL A 1 127 ? -12.99707 3.49103   4.69319   1.000 27.15177 ?  124 VAL A CG1 1 
ATOM   943  C  CG2 . VAL A 1 127 ? -14.39654 3.92517   2.67589   1.000 29.28983 ?  124 VAL A CG2 1 
ATOM   944  N  N   . ALA A 1 128 ? -14.61861 0.24113   5.54729   1.000 26.83415 ?  125 ALA A N   1 
ATOM   945  C  CA  . ALA A 1 128 ? -14.24803 -0.64159  6.64939   1.000 24.04841 ?  125 ALA A CA  1 
ATOM   946  C  C   . ALA A 1 128 ? -13.73185 -1.98057  6.12999   1.000 19.14617 ?  125 ALA A C   1 
ATOM   947  O  O   . ALA A 1 128 ? -12.78858 -2.54776  6.69172   1.000 23.17720 ?  125 ALA A O   1 
ATOM   948  C  CB  . ALA A 1 128 ? -15.43907 -0.84873  7.58531   1.000 24.25105 ?  125 ALA A CB  1 
ATOM   949  N  N   . ARG A 1 129 ? -14.31547 -2.48012  5.03579   1.000 22.11660 ?  126 ARG A N   1 
ATOM   950  C  CA  . ARG A 1 129 ? -13.80285 -3.69454  4.40081   1.000 21.56392 ?  126 ARG A CA  1 
ATOM   951  C  C   . ARG A 1 129 ? -12.34879 -3.52819  3.98654   1.000 20.46667 ?  126 ARG A C   1 
ATOM   952  O  O   . ARG A 1 129 ? -11.54294 -4.44366  4.14953   1.000 19.09804 ?  126 ARG A O   1 
ATOM   953  C  CB  . ARG A 1 129 ? -14.65888 -4.05134  3.19083   1.000 26.86600 ?  126 ARG A CB  1 
ATOM   954  C  CG  . ARG A 1 129 ? -15.97679 -4.73372  3.52699   1.000 24.17588 ?  126 ARG A CG  1 
ATOM   955  C  CD  . ARG A 1 129 ? -16.72859 -5.06233  2.23315   1.000 29.01377 ?  126 ARG A CD  1 
ATOM   956  N  NE  . ARG A 1 129 ? -17.91268 -5.86584  2.51616   1.000 25.16051 ?  126 ARG A NE  1 
ATOM   957  C  CZ  . ARG A 1 129 ? -19.11958 -5.36915  2.75580   1.000 29.81512 ?  126 ARG A CZ  1 
ATOM   958  N  NH1 . ARG A 1 129 ? -19.36723 -4.07283  2.65886   1.000 32.15810 ?  126 ARG A NH1 1 
ATOM   959  N  NH2 . ARG A 1 129 ? -20.10111 -6.19082  3.11474   1.000 28.76780 ?  126 ARG A NH2 1 
ATOM   960  N  N   . LEU A 1 130 ? -12.00652 -2.37162  3.42280   1.000 17.37064 ?  127 LEU A N   1 
ATOM   961  C  CA  . LEU A 1 130 ? -10.62964 -2.08229  3.03150   1.000 21.70472 ?  127 LEU A CA  1 
ATOM   962  C  C   . LEU A 1 130 ? -9.68805  -2.13333  4.22180   1.000 20.84194 ?  127 LEU A C   1 
ATOM   963  O  O   . LEU A 1 130 ? -8.63623  -2.78104  4.16716   1.000 19.91225 ?  127 LEU A O   1 
ATOM   964  C  CB  . LEU A 1 130 ? -10.55775 -0.71116  2.35839   1.000 22.65044 ?  127 LEU A CB  1 
ATOM   965  C  CG  . LEU A 1 130 ? -11.25068 -0.74500  1.00739   1.000 24.78850 ?  127 LEU A CG  1 
ATOM   966  C  CD1 . LEU A 1 130 ? -11.00059 0.56802   0.31672   1.000 21.57701 ?  127 LEU A CD1 1 
ATOM   967  C  CD2 . LEU A 1 130 ? -10.80069 -1.94659  0.16458   1.000 22.58056 ?  127 LEU A CD2 1 
ATOM   968  N  N   . ALA A 1 131 ? -10.02960 -1.42415  5.30411   1.000 18.42067 ?  128 ALA A N   1 
ATOM   969  C  CA  . ALA A 1 131 ? -9.17458  -1.47837  6.48438   1.000 18.55880 ?  128 ALA A CA  1 
ATOM   970  C  C   . ALA A 1 131 ? -9.06606  -2.90689  6.99122   1.000 20.45256 ?  128 ALA A C   1 
ATOM   971  O  O   . ALA A 1 131 ? -7.97524  -3.38354  7.32243   1.000 19.02536 ?  128 ALA A O   1 
ATOM   972  C  CB  . ALA A 1 131 ? -9.71904  -0.55202  7.57665   1.000 23.09794 ?  128 ALA A CB  1 
ATOM   973  N  N   . GLU A 1 132 ? -10.19886 -3.60179  7.06196   1.000 19.14217 ?  129 GLU A N   1 
ATOM   974  C  CA  . GLU A 1 132 ? -10.19862 -4.96553  7.56809   1.000 18.01021 ?  129 GLU A CA  1 
ATOM   975  C  C   . GLU A 1 132 ? -9.35539  -5.85845  6.67901   1.000 21.11262 ?  129 GLU A C   1 
ATOM   976  O  O   . GLU A 1 132 ? -8.54562  -6.64753  7.17591   1.000 18.59542 ?  129 GLU A O   1 
ATOM   977  C  CB  . GLU A 1 132 ? -11.62833 -5.48411  7.64314   1.000 15.85888 ?  129 GLU A CB  1 
ATOM   978  C  CG  . GLU A 1 132 ? -12.40649 -4.87448  8.83561   1.000 19.92093 ?  129 GLU A CG  1 
ATOM   979  C  CD  . GLU A 1 132 ? -13.90981 -4.99060  8.67849   1.000 24.27406 ?  129 GLU A CD  1 
ATOM   980  O  OE1 . GLU A 1 132 ? -14.38077 -5.79026  7.83741   1.000 22.17914 ?  129 GLU A OE1 1 
ATOM   981  O  OE2 . GLU A 1 132 ? -14.61730 -4.26037  9.41563   1.000 24.03087 -1 129 GLU A OE2 1 
ATOM   982  N  N   . ALA A 1 133 ? -9.52059  -5.72235  5.36330   1.000 20.59140 ?  130 ALA A N   1 
ATOM   983  C  CA  . ALA A 1 133 ? -8.73818  -6.52142  4.42305   1.000 23.78503 ?  130 ALA A CA  1 
ATOM   984  C  C   . ALA A 1 133 ? -7.24842  -6.24189  4.57493   1.000 20.09902 ?  130 ALA A C   1 
ATOM   985  O  O   . ALA A 1 133 ? -6.43051  -7.16206  4.50528   1.000 19.36701 ?  130 ALA A O   1 
ATOM   986  C  CB  . ALA A 1 133 ? -9.18934  -6.23686  2.99176   1.000 20.45112 ?  130 ALA A CB  1 
ATOM   987  N  N   . GLY A 1 134 ? -6.87980  -4.97236  4.77070   1.000 18.78958 ?  131 GLY A N   1 
ATOM   988  C  CA  . GLY A 1 134 ? -5.47899  -4.64525  4.98501   1.000 15.26655 ?  131 GLY A CA  1 
ATOM   989  C  C   . GLY A 1 134 ? -4.93252  -5.25447  6.26346   1.000 21.84539 ?  131 GLY A C   1 
ATOM   990  O  O   . GLY A 1 134 ? -3.81499  -5.77304  6.28324   1.000 19.02114 ?  131 GLY A O   1 
ATOM   991  N  N   . GLU A 1 135 ? -5.72535  -5.21373  7.34638   1.000 20.29228 ?  132 GLU A N   1 
ATOM   992  C  CA  . GLU A 1 135 ? -5.29007  -5.76001  8.62987   1.000 22.15176 ?  132 GLU A CA  1 
ATOM   993  C  C   . GLU A 1 135 ? -4.99611  -7.24732  8.51525   1.000 18.64142 ?  132 GLU A C   1 
ATOM   994  O  O   . GLU A 1 135 ? -3.97609  -7.72929  9.01514   1.000 19.32741 ?  132 GLU A O   1 
ATOM   995  C  CB  . GLU A 1 135 ? -6.37117  -5.53340  9.69671   1.000 20.15853 ?  132 GLU A CB  1 
ATOM   996  C  CG  . GLU A 1 135 ? -6.48493  -4.09811  10.13416  1.000 22.55010 ?  132 GLU A CG  1 
ATOM   997  C  CD  . GLU A 1 135 ? -7.74209  -3.83653  10.95974  1.000 28.48866 ?  132 GLU A CD  1 
ATOM   998  O  OE1 . GLU A 1 135 ? -8.53643  -4.78992  11.18647  1.000 27.55485 ?  132 GLU A OE1 1 
ATOM   999  O  OE2 . GLU A 1 135 ? -7.92956  -2.67592  11.37163  1.000 32.11273 -1 132 GLU A OE2 1 
ATOM   1000 N  N   . ALA A 1 136 ? -5.90735  -7.99029  7.87941   1.000 15.71878 ?  133 ALA A N   1 
ATOM   1001 C  CA  . ALA A 1 136 ? -5.74822  -9.43363  7.76053   1.000 19.78328 ?  133 ALA A CA  1 
ATOM   1002 C  C   . ALA A 1 136 ? -4.57065  -9.77957  6.86259   1.000 20.69400 ?  133 ALA A C   1 
ATOM   1003 O  O   . ALA A 1 136 ? -3.83441  -10.72839 7.14266   1.000 19.99923 ?  133 ALA A O   1 
ATOM   1004 C  CB  . ALA A 1 136 ? -7.03976  -10.06585 7.23108   1.000 19.55572 ?  133 ALA A CB  1 
ATOM   1005 N  N   . ALA A 1 137 ? -4.36693  -9.01091  5.77888   1.000 16.72325 ?  134 ALA A N   1 
ATOM   1006 C  CA  . ALA A 1 137 ? -3.20633  -9.26663  4.93832   1.000 19.88211 ?  134 ALA A CA  1 
ATOM   1007 C  C   . ALA A 1 137 ? -1.90594  -8.97118  5.67827   1.000 19.75933 ?  134 ALA A C   1 
ATOM   1008 O  O   . ALA A 1 137 ? -0.92468  -9.69487  5.49945   1.000 21.38908 ?  134 ALA A O   1 
ATOM   1009 C  CB  . ALA A 1 137 ? -3.30733  -8.45485  3.64175   1.000 19.32440 ?  134 ALA A CB  1 
ATOM   1010 N  N   . ILE A 1 138 ? -1.87562  -7.95215  6.54358   1.000 18.37477 ?  135 ILE A N   1 
ATOM   1011 C  CA  . ILE A 1 138 ? -0.67617  -7.74714  7.35683   1.000 18.82503 ?  135 ILE A CA  1 
ATOM   1012 C  C   . ILE A 1 138 ? -0.40814  -8.97048  8.23293   1.000 20.87439 ?  135 ILE A C   1 
ATOM   1013 O  O   . ILE A 1 138 ? 0.72377   -9.47136  8.30348   1.000 21.91409 ?  135 ILE A O   1 
ATOM   1014 C  CB  . ILE A 1 138 ? -0.80767  -6.47589  8.21248   1.000 23.01533 ?  135 ILE A CB  1 
ATOM   1015 C  CG1 . ILE A 1 138 ? -0.74345  -5.23468  7.32870   1.000 21.58981 ?  135 ILE A CG1 1 
ATOM   1016 C  CG2 . ILE A 1 138 ? 0.30168   -6.45792  9.24006   1.000 25.06769 ?  135 ILE A CG2 1 
ATOM   1017 C  CD1 . ILE A 1 138 ? -1.12546  -3.94273  8.05652   1.000 21.62543 ?  135 ILE A CD1 1 
ATOM   1018 N  N   . GLU A 1 139 ? -1.45240  -9.48867  8.89388   1.000 21.88681 ?  136 GLU A N   1 
ATOM   1019 C  CA  . GLU A 1 139 ? -1.27624  -10.66949 9.74459   1.000 23.90893 ?  136 GLU A CA  1 
ATOM   1020 C  C   . GLU A 1 139 ? -0.80121  -11.89103 8.94957   1.000 23.55710 ?  136 GLU A C   1 
ATOM   1021 O  O   . GLU A 1 139 ? -0.01067  -12.69668 9.45908   1.000 27.11225 ?  136 GLU A O   1 
ATOM   1022 C  CB  . GLU A 1 139 ? -2.57594  -10.96779 10.50774  1.000 25.90787 ?  136 GLU A CB  1 
ATOM   1023 C  CG  . GLU A 1 139 ? -2.88529  -9.95645  11.62128  1.000 27.67545 ?  136 GLU A CG  1 
ATOM   1024 C  CD  . GLU A 1 139 ? -1.94613  -10.07710 12.80517  1.000 26.26274 ?  136 GLU A CD  1 
ATOM   1025 O  OE1 . GLU A 1 139 ? -1.12415  -11.00778 12.83687  1.000 33.33362 ?  136 GLU A OE1 1 
ATOM   1026 O  OE2 . GLU A 1 139 ? -2.03065  -9.24077  13.72764  1.000 33.73876 -1 136 GLU A OE2 1 
ATOM   1027 N  N   . ARG A 1 140 ? -1.21338  -12.03097 7.68094   1.000 24.91611 ?  137 ARG A N   1 
ATOM   1028 C  CA  A ARG A 1 140 ? -0.73134  -13.14184 6.86833   0.253 22.11569 ?  137 ARG A CA  1 
ATOM   1029 C  CA  B ARG A 1 140 ? -0.73738  -13.13673 6.85267   0.747 21.82320 ?  137 ARG A CA  1 
ATOM   1030 C  C   . ARG A 1 140 ? 0.67382   -12.92117 6.32440   1.000 19.84648 ?  137 ARG A C   1 
ATOM   1031 O  O   . ARG A 1 140 ? 1.18353   -13.78498 5.61504   1.000 27.25244 ?  137 ARG A O   1 
ATOM   1032 C  CB  A ARG A 1 140 ? -1.69598  -13.40701 5.71119   0.253 21.20939 ?  137 ARG A CB  1 
ATOM   1033 C  CB  B ARG A 1 140 ? -1.68288  -13.37363 5.67272   0.747 20.95068 ?  137 ARG A CB  1 
ATOM   1034 C  CG  A ARG A 1 140 ? -3.03095  -13.96227 6.15814   0.253 22.85585 ?  137 ARG A CG  1 
ATOM   1035 C  CG  B ARG A 1 140 ? -3.09661  -13.69539 6.08592   0.747 22.14080 ?  137 ARG A CG  1 
ATOM   1036 C  CD  A ARG A 1 140 ? -3.89842  -14.34721 4.97890   0.253 26.36968 ?  137 ARG A CD  1 
ATOM   1037 C  CD  B ARG A 1 140 ? -3.98551  -14.11532 4.93662   0.747 26.42083 ?  137 ARG A CD  1 
ATOM   1038 N  NE  A ARG A 1 140 ? -4.46197  -13.18399 4.30415   0.253 25.36279 ?  137 ARG A NE  1 
ATOM   1039 N  NE  B ARG A 1 140 ? -5.38785  -14.12281 5.33481   0.747 21.42782 ?  137 ARG A NE  1 
ATOM   1040 C  CZ  A ARG A 1 140 ? -5.66502  -12.68694 4.55507   0.253 27.27734 ?  137 ARG A CZ  1 
ATOM   1041 C  CZ  B ARG A 1 140 ? -6.26158  -13.17027 5.02880   0.747 29.63574 ?  137 ARG A CZ  1 
ATOM   1042 N  NH1 A ARG A 1 140 ? -6.44797  -13.21015 5.48509   0.253 27.76630 ?  137 ARG A NH1 1 
ATOM   1043 N  NH1 B ARG A 1 140 ? -5.93687  -12.15510 4.24208   0.747 25.04659 ?  137 ARG A NH1 1 
ATOM   1044 N  NH2 A ARG A 1 140 ? -6.09569  -11.64476 3.85207   0.253 25.65966 ?  137 ARG A NH2 1 
ATOM   1045 N  NH2 B ARG A 1 140 ? -7.49345  -13.23607 5.52877   0.747 30.86310 ?  137 ARG A NH2 1 
ATOM   1046 N  N   . GLY A 1 141 ? 1.30876   -11.79730 6.63785   1.000 23.80220 ?  138 GLY A N   1 
ATOM   1047 C  CA  . GLY A 1 141 ? 2.62385   -11.50983 6.09871   1.000 21.14120 ?  138 GLY A CA  1 
ATOM   1048 C  C   . GLY A 1 141 ? 2.63027   -11.00433 4.67500   1.000 22.98295 ?  138 GLY A C   1 
ATOM   1049 O  O   . GLY A 1 141 ? 3.70236   -10.94383 4.06322   1.000 29.92872 ?  138 GLY A O   1 
ATOM   1050 N  N   . GLU A 1 142 ? 1.47510   -10.63939 4.12504   1.000 22.44826 ?  139 GLU A N   1 
ATOM   1051 C  CA  . GLU A 1 142 ? 1.39802   -10.16509 2.74226   1.000 23.19257 ?  139 GLU A CA  1 
ATOM   1052 C  C   . GLU A 1 142 ? 1.36824   -8.65416  2.62367   1.000 24.71764 ?  139 GLU A C   1 
ATOM   1053 O  O   . GLU A 1 142 ? 1.44537   -8.13907  1.50032   1.000 23.37584 ?  139 GLU A O   1 
ATOM   1054 C  CB  . GLU A 1 142 ? 0.14660   -10.71066 2.05476   1.000 22.62515 ?  139 GLU A CB  1 
ATOM   1055 C  CG  . GLU A 1 142 ? 0.03616   -12.21599 2.02194   1.000 21.81390 ?  139 GLU A CG  1 
ATOM   1056 C  CD  . GLU A 1 142 ? -1.39483  -12.65855 1.77029   1.000 30.24067 ?  139 GLU A CD  1 
ATOM   1057 O  OE1 . GLU A 1 142 ? -2.31762  -11.83744 1.98613   1.000 36.89221 ?  139 GLU A OE1 1 
ATOM   1058 O  OE2 . GLU A 1 142 ? -1.60950  -13.81477 1.36824   1.000 34.84442 -1 139 GLU A OE2 1 
ATOM   1059 N  N   . GLY A 1 143 ? 1.23155   -7.93186  3.73209   1.000 22.59407 ?  140 GLY A N   1 
ATOM   1060 C  CA  . GLY A 1 143 ? 1.11879   -6.49141  3.67221   1.000 22.55757 ?  140 GLY A CA  1 
ATOM   1061 C  C   . GLY A 1 143 ? -0.27746  -6.00013  3.33525   1.000 23.63652 ?  140 GLY A C   1 
ATOM   1062 O  O   . GLY A 1 143 ? -1.04530  -6.66445  2.62696   1.000 23.48919 ?  140 GLY A O   1 
ATOM   1063 N  N   . ALA A 1 144 ? -0.60641  -4.79846  3.79849   1.000 20.30067 ?  141 ALA A N   1 
ATOM   1064 C  CA  . ALA A 1 144 ? -1.97964  -4.31596  3.66158   1.000 20.25935 ?  141 ALA A CA  1 
ATOM   1065 C  C   . ALA A 1 144 ? -2.33344  -3.97557  2.21603   1.000 19.92437 ?  141 ALA A C   1 
ATOM   1066 O  O   . ALA A 1 144 ? -3.49617  -4.13018  1.81239   1.000 19.59956 ?  141 ALA A O   1 
ATOM   1067 C  CB  . ALA A 1 144 ? -2.19721  -3.09457  4.55716   1.000 19.59542 ?  141 ALA A CB  1 
ATOM   1068 N  N   . SER A 1 145 ? -1.36227  -3.50566  1.42840   1.000 19.32027 ?  142 SER A N   1 
ATOM   1069 C  CA  . SER A 1 145 ? -1.67100  -3.07072  0.06776   1.000 17.32489 ?  142 SER A CA  1 
ATOM   1070 C  C   . SER A 1 145 ? -2.21989  -4.21915  -0.76698  1.000 19.08673 ?  142 SER A C   1 
ATOM   1071 O  O   . SER A 1 145 ? -3.17769  -4.04629  -1.53081  1.000 21.65076 ?  142 SER A O   1 
ATOM   1072 C  CB  . SER A 1 145 ? -0.42351  -2.48265  -0.59007  1.000 25.01199 ?  142 SER A CB  1 
ATOM   1073 O  OG  . SER A 1 145 ? -0.06473  -1.27256  0.06335   1.000 26.81947 ?  142 SER A OG  1 
ATOM   1074 N  N   . LEU A 1 146 ? -1.64045  -5.40709  -0.62024  1.000 20.14015 ?  143 LEU A N   1 
ATOM   1075 C  CA  . LEU A 1 146 ? -2.14710  -6.55637  -1.35627  1.000 20.32059 ?  143 LEU A CA  1 
ATOM   1076 C  C   . LEU A 1 146 ? -3.56197  -6.89569  -0.90635  1.000 21.24890 ?  143 LEU A C   1 
ATOM   1077 O  O   . LEU A 1 146 ? -4.44398  -7.15018  -1.73609  1.000 17.28884 ?  143 LEU A O   1 
ATOM   1078 C  CB  . LEU A 1 146 ? -1.19981  -7.73657  -1.15380  1.000 28.38856 ?  143 LEU A CB  1 
ATOM   1079 C  CG  . LEU A 1 146 ? -1.48109  -9.05533  -1.85987  1.000 29.49156 ?  143 LEU A CG  1 
ATOM   1080 C  CD1 . LEU A 1 146 ? -0.17748  -9.82859  -2.01817  1.000 22.30777 ?  143 LEU A CD1 1 
ATOM   1081 C  CD2 . LEU A 1 146 ? -2.48616  -9.85816  -1.05718  1.000 28.11215 ?  143 LEU A CD2 1 
ATOM   1082 N  N   . GLY A 1 147 ? -3.79651  -6.90511  0.41879   1.000 20.03359 ?  144 GLY A N   1 
ATOM   1083 C  CA  . GLY A 1 147 ? -5.12937  -7.17667  0.91877   1.000 17.55946 ?  144 GLY A CA  1 
ATOM   1084 C  C   . GLY A 1 147 ? -6.15449  -6.18878  0.41292   1.000 17.84902 ?  144 GLY A C   1 
ATOM   1085 O  O   . GLY A 1 147 ? -7.26589  -6.58193  0.03970   1.000 20.58287 ?  144 GLY A O   1 
ATOM   1086 N  N   . VAL A 1 148 ? -5.80423  -4.89263  0.42555   1.000 20.08494 ?  145 VAL A N   1 
ATOM   1087 C  CA  . VAL A 1 148 ? -6.71377  -3.85239  -0.04859  1.000 19.55517 ?  145 VAL A CA  1 
ATOM   1088 C  C   . VAL A 1 148 ? -6.93654  -3.96608  -1.55751  1.000 20.90934 ?  145 VAL A C   1 
ATOM   1089 O  O   . VAL A 1 148 ? -8.06372  -3.79222  -2.04123  1.000 18.87915 ?  145 VAL A O   1 
ATOM   1090 C  CB  . VAL A 1 148 ? -6.17614  -2.46757  0.35814   1.000 15.90938 ?  145 VAL A CB  1 
ATOM   1091 C  CG1 . VAL A 1 148 ? -6.90544  -1.37762  -0.38851  1.000 23.65569 ?  145 VAL A CG1 1 
ATOM   1092 C  CG2 . VAL A 1 148 ? -6.29633  -2.27744  1.90792   1.000 15.88077 ?  145 VAL A CG2 1 
ATOM   1093 N  N   . HIS A 1 149 ? -5.87882  -4.26979  -2.31811  1.000 17.31972 ?  146 HIS A N   1 
ATOM   1094 C  CA  . HIS A 1 149 ? -6.02082  -4.45991  -3.76230  1.000 15.65323 ?  146 HIS A CA  1 
ATOM   1095 C  C   . HIS A 1 149 ? -7.07805  -5.52213  -4.06477  1.000 17.74484 ?  146 HIS A C   1 
ATOM   1096 O  O   . HIS A 1 149 ? -7.97694  -5.31367  -4.89028  1.000 21.18029 ?  146 HIS A O   1 
ATOM   1097 C  CB  . HIS A 1 149 ? -4.65757  -4.85324  -4.33802  1.000 16.45154 ?  146 HIS A CB  1 
ATOM   1098 C  CG  . HIS A 1 149 ? -4.41070  -4.36112  -5.71826  1.000 20.26902 ?  146 HIS A CG  1 
ATOM   1099 N  ND1 . HIS A 1 149 ? -4.82716  -5.05182  -6.83847  1.000 22.52274 ?  146 HIS A ND1 1 
ATOM   1100 C  CD2 . HIS A 1 149 ? -3.75597  -3.26910  -6.16897  1.000 22.43717 ?  146 HIS A CD2 1 
ATOM   1101 C  CE1 . HIS A 1 149 ? -4.46087  -4.38939  -7.92130  1.000 24.84835 ?  146 HIS A CE1 1 
ATOM   1102 N  NE2 . HIS A 1 149 ? -3.80325  -3.30846  -7.54289  1.000 19.19838 ?  146 HIS A NE2 1 
ATOM   1103 N  N   . ARG A 1 150 ? -7.00672  -6.65827  -3.37610  1.000 18.79340 ?  147 ARG A N   1 
ATOM   1104 C  CA  . ARG A 1 150 ? -7.94204  -7.74211  -3.65666  1.000 17.90816 ?  147 ARG A CA  1 
ATOM   1105 C  C   . ARG A 1 150 ? -9.34842  -7.39782  -3.19621  1.000 17.77294 ?  147 ARG A C   1 
ATOM   1106 O  O   . ARG A 1 150 ? -10.33387 -7.74862  -3.85888  1.000 19.55258 ?  147 ARG A O   1 
ATOM   1107 C  CB  . ARG A 1 150 ? -7.46505  -9.01800  -2.98434  1.000 19.40970 ?  147 ARG A CB  1 
ATOM   1108 C  CG  . ARG A 1 150 ? -6.19370  -9.53949  -3.60363  1.000 21.87188 ?  147 ARG A CG  1 
ATOM   1109 C  CD  . ARG A 1 150 ? -5.81646  -10.82803 -2.96475  1.000 27.38063 ?  147 ARG A CD  1 
ATOM   1110 N  NE  . ARG A 1 150 ? -4.66137  -11.38364 -3.64414  1.000 23.11334 ?  147 ARG A NE  1 
ATOM   1111 C  CZ  . ARG A 1 150 ? -3.87084  -12.29407 -3.11093  1.000 26.68961 ?  147 ARG A CZ  1 
ATOM   1112 N  NH1 . ARG A 1 150 ? -4.07960  -12.75392 -1.88053  1.000 24.12464 ?  147 ARG A NH1 1 
ATOM   1113 N  NH2 . ARG A 1 150 ? -2.84496  -12.74853 -3.81798  1.000 17.57910 ?  147 ARG A NH2 1 
ATOM   1114 N  N   . GLU A 1 151 ? -9.47315  -6.72169  -2.05879  1.000 16.34635 ?  148 GLU A N   1 
ATOM   1115 C  CA  . GLU A 1 151 ? -10.81380 -6.42610  -1.57648  1.000 18.31923 ?  148 GLU A CA  1 
ATOM   1116 C  C   . GLU A 1 151 ? -11.47909 -5.37314  -2.46097  1.000 19.03102 ?  148 GLU A C   1 
ATOM   1117 O  O   . GLU A 1 151 ? -12.69800 -5.41832  -2.67313  1.000 24.78689 ?  148 GLU A O   1 
ATOM   1118 C  CB  . GLU A 1 151 ? -10.74325 -5.98918  -0.10720  1.000 26.31322 ?  148 GLU A CB  1 
ATOM   1119 C  CG  . GLU A 1 151 ? -12.09068 -5.79439  0.55540   1.000 20.35360 ?  148 GLU A CG  1 
ATOM   1120 C  CD  . GLU A 1 151 ? -12.90604 -7.07516  0.66306   1.000 25.29454 ?  148 GLU A CD  1 
ATOM   1121 O  OE1 . GLU A 1 151 ? -12.32318 -8.17553  0.82055   1.000 26.35827 ?  148 GLU A OE1 1 
ATOM   1122 O  OE2 . GLU A 1 151 ? -14.14335 -6.97987  0.60191   1.000 25.65395 -1 148 GLU A OE2 1 
ATOM   1123 N  N   . LEU A 1 152 ? -10.69511 -4.45698  -3.03514  1.000 17.47418 ?  149 LEU A N   1 
ATOM   1124 C  CA  . LEU A 1 152 ? -11.28156 -3.47862  -3.95378  1.000 24.32052 ?  149 LEU A CA  1 
ATOM   1125 C  C   . LEU A 1 152 ? -11.95367 -4.15946  -5.14656  1.000 25.55314 ?  149 LEU A C   1 
ATOM   1126 O  O   . LEU A 1 152 ? -12.94477 -3.64347  -5.68176  1.000 26.30395 ?  149 LEU A O   1 
ATOM   1127 C  CB  . LEU A 1 152 ? -10.21684 -2.50041  -4.45031  1.000 23.80701 ?  149 LEU A CB  1 
ATOM   1128 C  CG  . LEU A 1 152 ? -9.95284  -1.27798  -3.56227  1.000 23.58083 ?  149 LEU A CG  1 
ATOM   1129 C  CD1 . LEU A 1 152 ? -8.67127  -0.55528  -3.97532  1.000 26.39075 ?  149 LEU A CD1 1 
ATOM   1130 C  CD2 . LEU A 1 152 ? -11.14625 -0.32392  -3.60945  1.000 23.60905 ?  149 LEU A CD2 1 
ATOM   1131 N  N   . ARG A 1 153 ? -11.44104 -5.31356  -5.57195  1.000 23.76279 ?  150 ARG A N   1 
ATOM   1132 C  CA  . ARG A 1 153 ? -12.07435 -6.02377  -6.68433  1.000 28.07600 ?  150 ARG A CA  1 
ATOM   1133 C  C   . ARG A 1 153 ? -13.45734 -6.53080  -6.31001  1.000 28.65058 ?  150 ARG A C   1 
ATOM   1134 O  O   . ARG A 1 153 ? -14.39589 -6.43709  -7.11177  1.000 31.28600 ?  150 ARG A O   1 
ATOM   1135 C  CB  . ARG A 1 153 ? -11.22150 -7.20146  -7.13422  1.000 23.68484 ?  150 ARG A CB  1 
ATOM   1136 C  CG  . ARG A 1 153 ? -9.89542  -6.83909  -7.65780  1.000 26.84969 ?  150 ARG A CG  1 
ATOM   1137 C  CD  . ARG A 1 153 ? -9.28314  -8.07658  -8.32826  1.000 28.08368 ?  150 ARG A CD  1 
ATOM   1138 N  NE  . ARG A 1 153 ? -9.93149  -8.48437  -9.56433  1.000 28.09030 ?  150 ARG A NE  1 
ATOM   1139 C  CZ  . ARG A 1 153 ? -9.56206  -9.54744  -10.26994 1.000 29.76695 ?  150 ARG A CZ  1 
ATOM   1140 N  NH1 . ARG A 1 153 ? -8.62131  -10.37276 -9.83319  1.000 26.81745 ?  150 ARG A NH1 1 
ATOM   1141 N  NH2 . ARG A 1 153 ? -10.14461 -9.78663  -11.44239 1.000 31.61048 ?  150 ARG A NH2 1 
ATOM   1142 N  N   . ARG A 1 154 ? -13.58503 -7.12173  -5.11935  1.000 25.33623 ?  151 ARG A N   1 
ATOM   1143 C  CA  . ARG A 1 154 ? -14.88713 -7.58937  -4.64850  1.000 34.42021 ?  151 ARG A CA  1 
ATOM   1144 C  C   . ARG A 1 154 ? -15.88199 -6.44631  -4.56401  1.000 35.73823 ?  151 ARG A C   1 
ATOM   1145 O  O   . ARG A 1 154 ? -17.03420 -6.57610  -4.99592  1.000 40.95504 ?  151 ARG A O   1 
ATOM   1146 C  CB  . ARG A 1 154 ? -14.76301 -8.24196  -3.26879  1.000 28.25427 ?  151 ARG A CB  1 
ATOM   1147 C  CG  . ARG A 1 154 ? -13.94757 -9.48891  -3.19334  1.000 37.26928 ?  151 ARG A CG  1 
ATOM   1148 C  CD  . ARG A 1 154 ? -13.79064 -9.87289  -1.73982  1.000 36.15564 ?  151 ARG A CD  1 
ATOM   1149 N  NE  . ARG A 1 154 ? -15.07260 -9.98912  -1.05045  1.000 32.78606 ?  151 ARG A NE  1 
ATOM   1150 C  CZ  . ARG A 1 154 ? -15.78201 -11.10774 -0.98356  1.000 40.42704 ?  151 ARG A CZ  1 
ATOM   1151 N  NH1 . ARG A 1 154 ? -15.39695 -12.20672 -1.61127  1.000 44.75216 ?  151 ARG A NH1 1 
ATOM   1152 N  NH2 . ARG A 1 154 ? -16.90206 -11.12682 -0.26575  1.000 46.89642 ?  151 ARG A NH2 1 
ATOM   1153 N  N   . ILE A 1 155 ? -15.46830 -5.33704  -3.94608  1.000 32.07569 ?  152 ILE A N   1 
ATOM   1154 C  CA  . ILE A 1 155 ? -16.34290 -4.17741  -3.81028  1.000 35.14994 ?  152 ILE A CA  1 
ATOM   1155 C  C   . ILE A 1 155 ? -16.80204 -3.68909  -5.17851  1.000 41.15286 ?  152 ILE A C   1 
ATOM   1156 O  O   . ILE A 1 155 ? -17.98750 -3.39670  -5.38745  1.000 42.16042 ?  152 ILE A O   1 
ATOM   1157 C  CB  . ILE A 1 155 ? -15.62236 -3.06903  -3.02311  1.000 31.14365 ?  152 ILE A CB  1 
ATOM   1158 C  CG1 . ILE A 1 155 ? -15.41230 -3.50785  -1.56683  1.000 27.31770 ?  152 ILE A CG1 1 
ATOM   1159 C  CG2 . ILE A 1 155 ? -16.39292 -1.76322  -3.12274  1.000 33.46326 ?  152 ILE A CG2 1 
ATOM   1160 C  CD1 . ILE A 1 155 ? -14.51594 -2.58429  -0.78780  1.000 29.55063 ?  152 ILE A CD1 1 
ATOM   1161 N  N   . GLU A 1 156 ? -15.87274 -3.58718  -6.12921  1.000 35.87086 ?  153 GLU A N   1 
ATOM   1162 C  CA  . GLU A 1 156 ? -16.24851 -3.21860  -7.49263  1.000 42.37192 ?  153 GLU A CA  1 
ATOM   1163 C  C   . GLU A 1 156 ? -17.24774 -4.21395  -8.07372  1.000 46.40070 ?  153 GLU A C   1 
ATOM   1164 O  O   . GLU A 1 156 ? -18.25010 -3.82118  -8.67598  1.000 50.05179 ?  153 GLU A O   1 
ATOM   1165 C  CB  . GLU A 1 156 ? -14.99528 -3.11308  -8.36181  1.000 36.39048 ?  153 GLU A CB  1 
ATOM   1166 C  CG  . GLU A 1 156 ? -14.14055 -1.89560  -8.02081  1.000 27.69047 ?  153 GLU A CG  1 
ATOM   1167 C  CD  . GLU A 1 156 ? -12.65746 -2.10976  -8.28375  1.000 33.95678 ?  153 GLU A CD  1 
ATOM   1168 O  OE1 . GLU A 1 156 ? -12.30352 -2.99077  -9.09348  1.000 33.30055 ?  153 GLU A OE1 1 
ATOM   1169 O  OE2 . GLU A 1 156 ? -11.84062 -1.38924  -7.66822  1.000 32.25923 -1 153 GLU A OE2 1 
ATOM   1170 N  N   . ALA A 1 157 ? -17.01471 -5.50994  -7.85972  1.000 44.42368 ?  154 ALA A N   1 
ATOM   1171 C  CA  . ALA A 1 157 ? -17.89654 -6.52465  -8.42933  1.000 47.35320 ?  154 ALA A CA  1 
ATOM   1172 C  C   . ALA A 1 157 ? -19.29596 -6.45412  -7.83144  1.000 56.60438 ?  154 ALA A C   1 
ATOM   1173 O  O   . ALA A 1 157 ? -20.29116 -6.58770  -8.55148  1.000 64.72849 ?  154 ALA A O   1 
ATOM   1174 C  CB  . ALA A 1 157 ? -17.29941 -7.91424  -8.22232  1.000 49.24515 ?  154 ALA A CB  1 
ATOM   1175 N  N   . ARG A 1 158 ? -19.39410 -6.25549  -6.51425  1.000 49.53119 ?  155 ARG A N   1 
ATOM   1176 C  CA  . ARG A 1 158 ? -20.70371 -6.19817  -5.87692  1.000 49.71249 ?  155 ARG A CA  1 
ATOM   1177 C  C   . ARG A 1 158 ? -21.50648 -4.99427  -6.34647  1.000 59.14401 ?  155 ARG A C   1 
ATOM   1178 O  O   . ARG A 1 158 ? -22.73647 -5.06849  -6.44255  1.000 65.25946 ?  155 ARG A O   1 
ATOM   1179 C  CB  . ARG A 1 158 ? -20.54814 -6.17165  -4.35632  1.000 50.30785 ?  155 ARG A CB  1 
ATOM   1180 C  CG  . ARG A 1 158 ? -19.92311 -7.42741  -3.78214  1.000 55.55662 ?  155 ARG A CG  1 
ATOM   1181 C  CD  . ARG A 1 158 ? -19.51262 -7.23995  -2.32466  1.000 50.72993 ?  155 ARG A CD  1 
ATOM   1182 N  NE  . ARG A 1 158 ? -20.52887 -6.55740  -1.53580  1.000 53.23140 ?  155 ARG A NE  1 
ATOM   1183 C  CZ  . ARG A 1 158 ? -20.38638 -5.35652  -0.98821  1.000 52.27326 ?  155 ARG A CZ  1 
ATOM   1184 N  NH1 . ARG A 1 158 ? -19.24672 -4.68053  -1.07542  1.000 40.13352 ?  155 ARG A NH1 1 
ATOM   1185 N  NH2 . ARG A 1 158 ? -21.41053 -4.82494  -0.32897  1.000 51.54467 ?  155 ARG A NH2 1 
ATOM   1186 N  N   . ARG A 1 159 ? -20.83621 -3.88008  -6.63932  1.000 61.80022 ?  156 ARG A N   1 
ATOM   1187 C  CA  . ARG A 1 159 ? -21.52249 -2.66627  -7.06350  1.000 64.01730 ?  156 ARG A CA  1 
ATOM   1188 C  C   . ARG A 1 159 ? -21.62594 -2.55871  -8.58479  1.000 73.28739 ?  156 ARG A C   1 
ATOM   1189 O  O   . ARG A 1 159 ? -22.71497 -2.33063  -9.11650  1.000 79.48962 ?  156 ARG A O   1 
ATOM   1190 C  CB  . ARG A 1 159 ? -20.81441 -1.43006  -6.49350  1.000 66.41265 ?  156 ARG A CB  1 
ATOM   1191 C  CG  . ARG A 1 159 ? -20.69497 -1.39597  -4.96531  1.000 62.49852 ?  156 ARG A CG  1 
ATOM   1192 C  CD  . ARG A 1 159 ? -22.05652 -1.48351  -4.27280  1.000 64.91002 ?  156 ARG A CD  1 
ATOM   1193 N  NE  . ARG A 1 159 ? -21.94054 -1.42896  -2.81728  1.000 62.42273 ?  156 ARG A NE  1 
ATOM   1194 C  CZ  . ARG A 1 159 ? -22.15985 -0.34501  -2.08349  1.000 60.28959 ?  156 ARG A CZ  1 
ATOM   1195 N  NH1 . ARG A 1 159 ? -22.53950 0.79624   -2.63321  1.000 61.69621 ?  156 ARG A NH1 1 
ATOM   1196 N  NH2 . ARG A 1 159 ? -21.99362 -0.40632  -0.76423  1.000 56.41922 ?  156 ARG A NH2 1 
ATOM   1197 N  N   . ASN A 1 160 ? -20.50645 -2.71653  -9.29732  1.000 67.78278 ?  157 ASN A N   1 
ATOM   1198 C  CA  . ASN A 1 160 ? -20.51608 -2.54749  -10.74948 1.000 77.58507 ?  157 ASN A CA  1 
ATOM   1199 C  C   . ASN A 1 160 ? -21.34177 -3.63892  -11.42305 1.000 80.60356 ?  157 ASN A C   1 
ATOM   1200 O  O   . ASN A 1 160 ? -22.35173 -3.35901  -12.07905 1.000 85.35447 ?  157 ASN A O   1 
ATOM   1201 C  CB  . ASN A 1 160 ? -19.08306 -2.54001  -11.29802 1.000 72.82331 ?  157 ASN A CB  1 
ATOM   1202 C  CG  . ASN A 1 160 ? -18.18599 -1.53792  -10.58841 1.000 74.14646 ?  157 ASN A CG  1 
ATOM   1203 O  OD1 . ASN A 1 160 ? -18.54118 -1.00294  -9.53575  1.000 74.47701 ?  157 ASN A OD1 1 
ATOM   1204 N  ND2 . ASN A 1 160 ? -17.01015 -1.29072  -11.15590 1.000 74.09880 ?  157 ASN A ND2 1 
ATOM   1205 N  N   . SER A 1 161 ? -20.92178 -4.89093  -11.27053 1.000 77.31052 ?  158 SER A N   1 
ATOM   1206 C  CA  . SER A 1 161 ? -21.64205 -6.02703  -11.83576 1.000 79.95631 ?  158 SER A CA  1 
ATOM   1207 C  C   . SER A 1 161 ? -23.04913 -6.15582  -11.25376 1.000 80.28223 ?  158 SER A C   1 
ATOM   1208 O  O   . SER A 1 161 ? -23.27195 -5.89857  -10.06982 1.000 74.48786 ?  158 SER A O   1 
ATOM   1209 C  CB  . SER A 1 161 ? -20.85683 -7.32151  -11.59971 1.000 81.90079 ?  158 SER A CB  1 
ATOM   1210 O  OG  . SER A 1 161 ? -21.66560 -8.46569  -11.81559 1.000 77.29172 ?  158 SER A OG  1 
HETATM 1211 C  C   . ACY B 2 .   ? 2.56306   -2.76587  1.26441   1.000 31.14610 ?  201 ACY A C   1 
HETATM 1212 O  O   . ACY B 2 .   ? 2.81695   -2.54439  0.05909   1.000 37.26194 ?  201 ACY A O   1 
HETATM 1213 O  OXT . ACY B 2 .   ? 1.63733   -2.27124  1.93226   1.000 30.98842 ?  201 ACY A OXT 1 
HETATM 1214 C  CH3 . ACY B 2 .   ? 3.47295   -3.74858  2.02524   1.000 33.05030 ?  201 ACY A CH3 1 
HETATM 1215 CL CL  . CL  C 3 .   ? -2.97485  -0.99593  -9.39484  1.000 33.64879 ?  202 CL  A CL  1 
HETATM 1216 O  O   . HOH D 4 .   ? 9.34709   -15.48089 3.96500   1.000 35.20852 ?  301 HOH A O   1 
HETATM 1217 O  O   . HOH D 4 .   ? 9.88764   -7.38604  -12.34292 1.000 48.40455 ?  302 HOH A O   1 
HETATM 1218 O  O   . HOH D 4 .   ? -19.39359 1.19782   -1.93506  1.000 42.14277 ?  303 HOH A O   1 
HETATM 1219 O  O   . HOH D 4 .   ? 10.17604  -9.09515  -8.84576  1.000 38.61142 ?  304 HOH A O   1 
HETATM 1220 O  O   . HOH D 4 .   ? -7.45170  -9.61072  3.48202   1.000 26.85082 ?  305 HOH A O   1 
HETATM 1221 O  O   . HOH D 4 .   ? 8.06000   -17.62234 -3.90906  1.000 31.25137 ?  306 HOH A O   1 
HETATM 1222 O  O   . HOH D 4 .   ? -5.44503  2.42172   12.87973  1.000 41.73384 ?  307 HOH A O   1 
HETATM 1223 O  O   . HOH D 4 .   ? -0.71985  -9.56115  15.82743  1.000 25.77209 ?  308 HOH A O   1 
HETATM 1224 O  O   . HOH D 4 .   ? -5.17947  10.06030  -4.51357  1.000 36.92274 ?  309 HOH A O   1 
HETATM 1225 O  O   . HOH D 4 .   ? 1.19508   -13.61897 -4.65191  1.000 26.46779 ?  310 HOH A O   1 
HETATM 1226 O  O   . HOH D 4 .   ? -18.12223 -8.88835  -0.00260  1.000 44.38687 ?  311 HOH A O   1 
HETATM 1227 O  O   . HOH D 4 .   ? 0.33706   3.61186   -6.44106  1.000 33.73264 ?  312 HOH A O   1 
HETATM 1228 O  O   . HOH D 4 .   ? -3.48994  6.73005   -11.33668 1.000 36.99913 ?  313 HOH A O   1 
HETATM 1229 O  O   . HOH D 4 .   ? 5.05586   -8.92584  2.44594   1.000 33.61542 ?  314 HOH A O   1 
HETATM 1230 O  O   . HOH D 4 .   ? -7.80820  -3.70433  -7.22379  1.000 32.73101 ?  315 HOH A O   1 
HETATM 1231 O  O   . HOH D 4 .   ? 0.89337   -15.60467 3.72901   1.000 24.38785 ?  316 HOH A O   1 
HETATM 1232 O  O   . HOH D 4 .   ? -5.90514  6.00032   12.48522  1.000 30.32425 ?  317 HOH A O   1 
HETATM 1233 O  O   . HOH D 4 .   ? -4.17949  12.31996  2.07383   1.000 37.75149 ?  318 HOH A O   1 
HETATM 1234 O  O   . HOH D 4 .   ? 2.46353   -13.67517 9.27002   1.000 37.84621 ?  319 HOH A O   1 
HETATM 1235 O  O   . HOH D 4 .   ? 1.53324   -3.75435  11.44093  1.000 32.91977 ?  320 HOH A O   1 
HETATM 1236 O  O   . HOH D 4 .   ? -7.75765  8.53248   -10.34755 1.000 37.46751 ?  321 HOH A O   1 
HETATM 1237 O  O   . HOH D 4 .   ? -3.07396  -3.59349  10.92935  1.000 31.13721 ?  322 HOH A O   1 
HETATM 1238 O  O   . HOH D 4 .   ? 3.52139   -8.37591  -0.20374  1.000 28.36178 ?  323 HOH A O   1 
HETATM 1239 O  O   . HOH D 4 .   ? -9.56942  -7.82984  9.40954   1.000 24.01932 ?  324 HOH A O   1 
HETATM 1240 O  O   . HOH D 4 .   ? -10.28932 -4.22247  -10.45831 1.000 26.12417 ?  325 HOH A O   1 
HETATM 1241 O  O   . HOH D 4 .   ? 20.25378  -15.03278 0.80822   0.50  50.00331 ?  326 HOH A O   1 
HETATM 1242 O  O   . HOH D 4 .   ? -15.47201 17.09231  1.24386   1.000 26.06867 ?  327 HOH A O   1 
HETATM 1243 O  O   . HOH D 4 .   ? -6.78576  -16.03260 6.72120   1.000 28.96380 ?  328 HOH A O   1 
HETATM 1244 O  O   . HOH D 4 .   ? 1.03081   -5.60956  0.39396   1.000 23.75094 ?  329 HOH A O   1 
HETATM 1245 O  O   . HOH D 4 .   ? -10.28700 -9.99895  0.24921   1.000 30.69068 ?  330 HOH A O   1 
HETATM 1246 O  O   . HOH D 4 .   ? -9.00252  0.76692   -13.17219 1.000 34.63291 ?  331 HOH A O   1 
HETATM 1247 O  O   . HOH D 4 .   ? -7.89036  -9.25719  0.73309   1.000 24.37076 ?  332 HOH A O   1 
HETATM 1248 O  O   . HOH D 4 .   ? -12.56991 4.62355   10.91468  1.000 33.26424 ?  333 HOH A O   1 
HETATM 1249 O  O   . HOH D 4 .   ? -15.76415 3.17354   7.80458   1.000 37.55430 ?  334 HOH A O   1 
HETATM 1250 O  O   . HOH D 4 .   ? 13.75956  -13.38746 -2.41152  1.000 37.83924 ?  335 HOH A O   1 
HETATM 1251 O  O   . HOH D 4 .   ? -1.95121  -9.57725  -12.38138 1.000 30.15384 ?  336 HOH A O   1 
HETATM 1252 O  O   . HOH D 4 .   ? -5.84238  -10.74058 -12.90595 1.000 29.22257 ?  337 HOH A O   1 
HETATM 1253 O  O   . HOH D 4 .   ? -2.86078  -6.36988  11.35549  1.000 23.09983 ?  338 HOH A O   1 
HETATM 1254 O  O   . HOH D 4 .   ? -11.47419 2.80463   13.02574  1.000 33.28939 ?  339 HOH A O   1 
HETATM 1255 O  O   . HOH D 4 .   ? 1.79621   -10.65282 12.59386  1.000 35.05047 ?  340 HOH A O   1 
HETATM 1256 O  O   . HOH D 4 .   ? -7.83781  -5.10515  -9.48480  1.000 28.76279 ?  341 HOH A O   1 
HETATM 1257 O  O   . HOH D 4 .   ? -6.03147  9.59998   8.28226   1.000 27.28041 ?  342 HOH A O   1 
HETATM 1258 O  O   . HOH D 4 .   ? 3.19693   -3.99504  9.51957   1.000 33.96186 ?  343 HOH A O   1 
HETATM 1259 O  O   . HOH D 4 .   ? 3.55285   -5.05652  -1.38977  1.000 37.87975 ?  344 HOH A O   1 
HETATM 1260 O  O   . HOH D 4 .   ? 2.66846   -7.94338  6.35732   1.000 32.02853 ?  345 HOH A O   1 
HETATM 1261 O  O   . HOH D 4 .   ? -7.52237  4.74001   -15.12613 1.000 39.36155 ?  346 HOH A O   1 
HETATM 1262 O  O   . HOH D 4 .   ? 8.08211   -6.03103  6.74335   1.000 38.88395 ?  347 HOH A O   1 
HETATM 1263 O  O   . HOH D 4 .   ? -4.53051  12.41659  -2.88908  1.000 38.29044 ?  348 HOH A O   1 
HETATM 1264 O  O   . HOH D 4 .   ? -16.85674 -6.83874  -0.81596  1.000 42.36538 ?  349 HOH A O   1 
HETATM 1265 O  O   . HOH D 4 .   ? -14.50509 0.27878   10.99326  1.000 36.60103 ?  350 HOH A O   1 
HETATM 1266 O  O   . HOH D 4 .   ? -19.97639 2.38072   -4.58601  1.000 49.84248 ?  351 HOH A O   1 
HETATM 1267 O  O   . HOH D 4 .   ? -22.33677 2.13405   4.38508   1.000 38.32225 ?  352 HOH A O   1 
HETATM 1268 O  O   . HOH D 4 .   ? -5.41686  -11.15179 0.69042   1.000 27.94980 ?  353 HOH A O   1 
HETATM 1269 O  O   . HOH D 4 .   ? -1.83623  -6.83218  16.09861  1.000 35.83437 ?  354 HOH A O   1 
HETATM 1270 O  O   . HOH D 4 .   ? -0.29514  -6.54333  12.56106  1.000 37.74231 ?  355 HOH A O   1 
HETATM 1271 O  O   . HOH D 4 .   ? -8.29761  -11.58103 -13.68417 1.000 43.10465 ?  356 HOH A O   1 
HETATM 1272 O  O   . HOH D 4 .   ? -9.83283  -3.13370  -12.72946 1.000 36.61841 ?  357 HOH A O   1 
HETATM 1273 O  O   . HOH D 4 .   ? -0.04795  3.41570   -14.07191 1.000 44.07955 ?  358 HOH A O   1 
HETATM 1274 O  O   . HOH D 4 .   ? 5.65696   -5.47298  5.78709   1.000 33.87559 ?  359 HOH A O   1 
HETATM 1275 O  O   . HOH D 4 .   ? -7.90271  -16.71449 4.42113   1.000 31.85211 ?  360 HOH A O   1 
HETATM 1276 O  O   . HOH D 4 .   ? -13.73977 2.26855   8.98022   1.000 34.10102 ?  361 HOH A O   1 
HETATM 1277 O  O   . HOH D 4 .   ? -13.02079 -10.91807 -6.24205  1.000 40.13541 ?  362 HOH A O   1 
HETATM 1278 O  O   . HOH D 4 .   ? 1.07302   -9.09592  -13.51177 1.000 33.62397 ?  363 HOH A O   1 
HETATM 1279 O  O   . HOH D 4 .   ? 3.86239   -6.03826  8.05759   1.000 34.44833 ?  364 HOH A O   1 
# 
